data_2J9F
#
_entry.id   2J9F
#
_cell.length_a   145.342
_cell.length_b   145.342
_cell.length_c   138.050
_cell.angle_alpha   90.00
_cell.angle_beta   90.00
_cell.angle_gamma   120.00
#
_symmetry.space_group_name_H-M   'P 32 2 1'
#
loop_
_entity.id
_entity.type
_entity.pdbx_description
1 polymer '2-OXOISOVALERATE DEHYDROGENASE ALPHA SUBUNIT'
2 polymer '2-OXOISOVALERATE DEHYDROGENASE BETA SUBUNIT'
3 non-polymer 'MANGANESE (II) ION'
4 non-polymer 'POTASSIUM ION'
5 non-polymer 'C2-1-HYDROXY-3-METHYL-PROPYL-THIAMIN DIPHOSPHATE'
6 non-polymer GLYCEROL
7 water water
#
loop_
_entity_poly.entity_id
_entity_poly.type
_entity_poly.pdbx_seq_one_letter_code
_entity_poly.pdbx_strand_id
1 'polypeptide(L)'
;SSLDDKPQFPGASAEFIDKLEFIQPNVISGIPIYRVMDRQGQIINPSEDPHLPKEKVLKLYKSMTLLNTMDRILYESQRQ
GRISFYMTNYGEEGTHVGSAAALDNTDLVFGQYREAGVLMYRDYPLELFMAQCYGNISDLGKGRQMPVHYGCKERHFVTI
SSPLATQIPQAVGAAYAAKRANANRVVICYFGEGAASEGDAHAGFNFAATLECPIIFFCRNNGYAISTPTSEQYRGDGIA
ARGPGYGIMSIRVDGNDVFAVYNATKEARRRAVAENQPFLIEAMTYRIGHHSTSDDSSAYRPVDEVNYWDKQDHPISRLR
HYLLSQGWWDEEQEKAWRKQSRRKVMEAFEQAERKPKPNPNLLFSDVYQEMPAQLRKQQESLARHLQTYGEHYPLDHFDK
;
A,C
2 'polypeptide(L)'
;VAHFTFQPDPEPREYGQTQKMNLFQSVTSALDNSLAKDPTAVIFGEDVAFGGVFRCTVGLRDKYGKDRVFNTPLCEQGIV
GFGIGIAVTGATAIAEIQFADYIFPAFDQIVNEAAKYRYRSGDLFNCGSLTIRSPWGCVGHGALYHSQSPEAFFAHCPGI
KVVIPRSPFQAKGLLLSCIEDKNPCIFFEPKILYRAAAEEVPIEPYNIPLSQAEVIQEGSDVTLVAWGTQVHVIREVASM
AKEKLGVSCEVIDLRTIIPWDVDTICKSVIKTGRLLISHEAPLTGGFASEISSTVQEECFLNLEAPISRVCGYDTPFPHI
FEPFYIPDKWKCYDALRKMINYGGHHHHHH
;
B,D
#
loop_
_chem_comp.id
_chem_comp.type
_chem_comp.name
_chem_comp.formula
GOL non-polymer GLYCEROL 'C3 H8 O3'
K non-polymer 'POTASSIUM ION' 'K 1'
MN non-polymer 'MANGANESE (II) ION' 'Mn 2'
THV non-polymer 'C2-1-HYDROXY-3-METHYL-PROPYL-THIAMIN DIPHOSPHATE' 'C16 H26 N4 O8 P2 S'
#
# COMPACT_ATOMS: atom_id res chain seq x y z
N LYS A 6 -26.39 29.81 15.30
CA LYS A 6 -25.21 28.92 15.58
C LYS A 6 -25.18 27.64 14.73
N PRO A 7 -24.00 27.32 14.17
CA PRO A 7 -23.84 26.18 13.29
C PRO A 7 -24.24 24.87 13.96
N GLN A 8 -24.94 24.02 13.21
CA GLN A 8 -25.43 22.75 13.72
C GLN A 8 -24.68 21.53 13.16
N PHE A 9 -23.69 21.76 12.30
CA PHE A 9 -22.95 20.67 11.65
C PHE A 9 -22.19 19.74 12.60
N PRO A 10 -22.40 18.43 12.47
CA PRO A 10 -21.74 17.50 13.39
C PRO A 10 -20.21 17.45 13.25
N GLY A 11 -19.69 17.65 12.05
CA GLY A 11 -18.25 17.59 11.78
C GLY A 11 -17.28 18.57 12.42
N ALA A 12 -17.79 19.70 12.92
CA ALA A 12 -16.93 20.70 13.52
C ALA A 12 -17.69 21.50 14.55
N SER A 13 -16.94 22.14 15.45
CA SER A 13 -17.48 22.98 16.52
C SER A 13 -16.95 24.40 16.23
N ALA A 14 -17.82 25.28 15.74
CA ALA A 14 -17.42 26.63 15.37
C ALA A 14 -18.61 27.56 15.30
N GLU A 15 -18.31 28.84 15.06
CA GLU A 15 -19.32 29.88 14.90
C GLU A 15 -19.41 30.16 13.40
N PHE A 16 -20.40 30.95 12.99
CA PHE A 16 -20.50 31.34 11.59
C PHE A 16 -19.60 32.57 11.43
N ILE A 17 -19.18 32.88 10.20
CA ILE A 17 -18.41 34.08 9.90
C ILE A 17 -19.08 34.66 8.63
N ASP A 18 -19.32 35.97 8.58
CA ASP A 18 -20.00 36.55 7.40
C ASP A 18 -19.08 37.18 6.36
N LYS A 19 -17.78 36.99 6.50
CA LYS A 19 -16.81 37.53 5.56
C LYS A 19 -15.94 36.36 5.06
N LEU A 20 -15.58 36.41 3.78
CA LEU A 20 -14.75 35.37 3.20
C LEU A 20 -13.30 35.63 3.61
N GLU A 21 -12.74 34.71 4.41
CA GLU A 21 -11.36 34.82 4.86
C GLU A 21 -10.67 33.44 4.84
N PHE A 22 -9.64 33.31 4.01
CA PHE A 22 -8.89 32.05 3.95
C PHE A 22 -7.88 32.07 5.09
N ILE A 23 -7.72 30.93 5.73
CA ILE A 23 -6.79 30.77 6.82
C ILE A 23 -5.40 30.53 6.24
N GLN A 24 -4.47 31.40 6.65
CA GLN A 24 -3.10 31.36 6.18
C GLN A 24 -2.21 30.64 7.17
N PRO A 25 -1.32 29.78 6.66
CA PRO A 25 -0.31 29.27 7.58
C PRO A 25 0.79 30.29 7.88
N ASN A 26 1.28 30.31 9.11
CA ASN A 26 2.40 31.20 9.44
C ASN A 26 3.64 30.32 9.57
N VAL A 27 4.37 30.27 8.47
CA VAL A 27 5.56 29.46 8.34
C VAL A 27 6.80 30.30 8.63
N ILE A 28 6.74 31.60 8.30
CA ILE A 28 7.84 32.55 8.53
C ILE A 28 8.10 32.70 10.02
N SER A 29 7.01 32.78 10.79
CA SER A 29 7.11 32.88 12.25
C SER A 29 6.42 31.64 12.82
N GLY A 30 7.10 30.51 12.69
CA GLY A 30 6.58 29.26 13.16
C GLY A 30 6.53 29.06 14.65
N ILE A 31 6.22 27.82 15.03
CA ILE A 31 6.15 27.45 16.43
C ILE A 31 7.57 27.65 16.99
N PRO A 32 7.70 28.39 18.12
CA PRO A 32 9.02 28.71 18.67
C PRO A 32 9.77 27.45 19.13
N ILE A 33 11.09 27.55 19.20
CA ILE A 33 11.96 26.43 19.56
C ILE A 33 12.37 26.53 21.03
N TYR A 34 11.87 25.61 21.84
CA TYR A 34 12.17 25.59 23.26
C TYR A 34 13.63 25.30 23.54
N ARG A 35 14.25 26.17 24.35
CA ARG A 35 15.65 26.02 24.73
C ARG A 35 15.78 26.25 26.24
N VAL A 36 16.67 25.49 26.88
CA VAL A 36 16.93 25.55 28.32
C VAL A 36 18.32 26.16 28.55
N MET A 37 19.30 25.75 27.77
CA MET A 37 20.64 26.30 27.91
C MET A 37 21.18 26.81 26.59
N ASP A 38 21.98 27.87 26.64
CA ASP A 38 22.56 28.45 25.43
C ASP A 38 23.75 27.63 24.90
N ARG A 39 24.34 28.12 23.81
CA ARG A 39 25.47 27.43 23.17
C ARG A 39 26.73 27.32 24.03
N GLN A 40 26.75 28.08 25.11
CA GLN A 40 27.88 28.07 26.06
C GLN A 40 27.56 27.22 27.28
N GLY A 41 26.46 26.48 27.24
CA GLY A 41 26.04 25.62 28.35
C GLY A 41 25.47 26.34 29.56
N GLN A 42 25.03 27.59 29.35
CA GLN A 42 24.45 28.40 30.43
C GLN A 42 22.92 28.28 30.47
N ILE A 43 22.35 28.05 31.66
CA ILE A 43 20.91 27.94 31.85
C ILE A 43 20.28 29.32 31.61
N ILE A 44 19.45 29.41 30.58
CA ILE A 44 18.82 30.67 30.22
C ILE A 44 17.74 31.20 31.17
N ASN A 45 16.93 30.29 31.71
CA ASN A 45 15.83 30.64 32.60
C ASN A 45 15.75 29.69 33.80
N PRO A 46 16.20 30.15 34.97
CA PRO A 46 16.33 29.31 36.16
C PRO A 46 15.12 28.44 36.53
N SER A 47 13.91 28.91 36.25
CA SER A 47 12.71 28.13 36.59
C SER A 47 12.50 26.89 35.69
N GLU A 48 13.19 26.87 34.56
CA GLU A 48 13.12 25.76 33.61
C GLU A 48 14.20 24.72 33.85
N ASP A 49 15.19 25.05 34.69
CA ASP A 49 16.28 24.14 35.00
C ASP A 49 15.74 22.92 35.72
N PRO A 50 15.95 21.72 35.15
CA PRO A 50 15.48 20.53 35.84
C PRO A 50 16.38 20.11 37.00
N HIS A 51 17.53 20.77 37.16
CA HIS A 51 18.46 20.42 38.23
C HIS A 51 18.65 18.90 38.38
N LEU A 52 18.96 18.22 37.27
CA LEU A 52 19.19 16.76 37.29
C LEU A 52 20.44 16.47 38.11
N PRO A 53 20.45 15.40 38.89
CA PRO A 53 21.67 15.12 39.69
C PRO A 53 22.93 14.87 38.85
N LYS A 54 24.09 15.17 39.43
CA LYS A 54 25.39 14.99 38.75
C LYS A 54 25.55 13.63 38.07
N GLU A 55 25.25 12.55 38.78
CA GLU A 55 25.40 11.20 38.24
C GLU A 55 24.60 10.99 36.95
N LYS A 56 23.40 11.57 36.94
CA LYS A 56 22.51 11.45 35.79
C LYS A 56 23.02 12.27 34.59
N VAL A 57 23.46 13.51 34.85
CA VAL A 57 23.95 14.35 33.77
C VAL A 57 25.24 13.76 33.19
N LEU A 58 26.07 13.17 34.05
CA LEU A 58 27.29 12.55 33.59
C LEU A 58 26.95 11.34 32.73
N LYS A 59 25.90 10.62 33.09
CA LYS A 59 25.45 9.46 32.30
C LYS A 59 24.99 9.96 30.90
N LEU A 60 24.28 11.08 30.85
CA LEU A 60 23.86 11.63 29.57
C LEU A 60 25.09 11.95 28.72
N TYR A 61 26.07 12.62 29.33
CA TYR A 61 27.29 12.98 28.63
C TYR A 61 28.11 11.77 28.18
N LYS A 62 28.28 10.80 29.07
CA LYS A 62 29.05 9.63 28.75
C LYS A 62 28.39 8.73 27.70
N SER A 63 27.06 8.70 27.69
CA SER A 63 26.32 7.91 26.69
C SER A 63 26.51 8.53 25.31
N MET A 64 26.44 9.86 25.24
CA MET A 64 26.59 10.59 23.98
C MET A 64 27.97 10.41 23.40
N THR A 65 28.99 10.57 24.24
CA THR A 65 30.38 10.45 23.80
C THR A 65 30.75 9.03 23.43
N LEU A 66 30.21 8.07 24.17
CA LEU A 66 30.47 6.65 23.86
C LEU A 66 29.86 6.29 22.51
N LEU A 67 28.66 6.79 22.26
CA LEU A 67 27.98 6.57 20.99
C LEU A 67 28.82 7.22 19.87
N ASN A 68 29.31 8.45 20.12
CA ASN A 68 30.14 9.16 19.15
C ASN A 68 31.43 8.39 18.82
N THR A 69 32.07 7.81 19.85
CA THR A 69 33.29 7.01 19.70
C THR A 69 32.98 5.78 18.88
N MET A 70 31.84 5.12 19.18
CA MET A 70 31.44 3.93 18.43
C MET A 70 31.15 4.26 16.96
N ASP A 71 30.48 5.38 16.73
CA ASP A 71 30.15 5.83 15.37
C ASP A 71 31.43 6.03 14.56
N ARG A 72 32.40 6.75 15.15
CA ARG A 72 33.69 7.02 14.48
C ARG A 72 34.40 5.76 14.08
N ILE A 73 34.46 4.81 15.00
CA ILE A 73 35.10 3.54 14.74
C ILE A 73 34.37 2.70 13.69
N LEU A 74 33.06 2.58 13.82
CA LEU A 74 32.28 1.78 12.88
C LEU A 74 32.24 2.41 11.51
N TYR A 75 32.12 3.73 11.45
CA TYR A 75 32.10 4.43 10.17
C TYR A 75 33.43 4.13 9.43
N GLU A 76 34.55 4.25 10.16
CA GLU A 76 35.88 4.00 9.61
C GLU A 76 36.03 2.52 9.20
N SER A 77 35.44 1.61 9.96
CA SER A 77 35.53 0.19 9.66
C SER A 77 34.77 -0.13 8.37
N GLN A 78 33.70 0.63 8.10
CA GLN A 78 32.93 0.39 6.90
C GLN A 78 33.77 0.88 5.69
N ARG A 79 34.47 1.99 5.86
CA ARG A 79 35.33 2.52 4.81
C ARG A 79 36.53 1.58 4.55
N GLN A 80 36.90 0.83 5.57
CA GLN A 80 38.00 -0.10 5.51
C GLN A 80 37.49 -1.46 4.99
N GLY A 81 36.20 -1.53 4.68
CA GLY A 81 35.54 -2.75 4.17
C GLY A 81 35.34 -3.87 5.19
N ARG A 82 35.26 -3.51 6.47
CA ARG A 82 35.11 -4.52 7.52
C ARG A 82 33.67 -4.84 7.93
N ILE A 83 32.76 -3.89 7.68
CA ILE A 83 31.33 -4.10 7.89
C ILE A 83 30.74 -3.59 6.59
N SER A 84 29.59 -4.09 6.20
CA SER A 84 29.02 -3.68 4.91
C SER A 84 28.28 -2.35 4.83
N PHE A 85 27.88 -1.80 5.97
CA PHE A 85 27.08 -0.58 5.92
C PHE A 85 27.04 0.00 7.30
N TYR A 86 26.86 1.30 7.39
CA TYR A 86 26.74 1.94 8.70
C TYR A 86 26.02 3.27 8.56
N MET A 87 25.39 3.73 9.64
N MET A 87 25.41 3.71 9.66
CA MET A 87 24.70 5.02 9.69
CA MET A 87 24.70 4.98 9.75
C MET A 87 25.06 5.66 11.02
C MET A 87 25.11 5.64 11.05
N THR A 88 25.70 6.83 10.94
CA THR A 88 26.14 7.57 12.13
C THR A 88 25.01 8.37 12.74
N ASN A 89 25.27 8.85 13.96
CA ASN A 89 24.32 9.62 14.72
C ASN A 89 24.82 11.01 15.06
N TYR A 90 25.86 11.47 14.34
CA TYR A 90 26.47 12.79 14.57
C TYR A 90 25.48 13.93 14.59
N GLY A 91 25.55 14.70 15.68
CA GLY A 91 24.72 15.87 15.86
C GLY A 91 23.37 15.61 16.47
N GLU A 92 22.97 14.34 16.52
CA GLU A 92 21.68 13.96 17.08
C GLU A 92 21.79 13.18 18.39
N GLU A 93 22.99 13.07 18.96
CA GLU A 93 23.16 12.34 20.23
C GLU A 93 22.33 12.91 21.39
N GLY A 94 22.13 14.24 21.40
CA GLY A 94 21.33 14.86 22.47
C GLY A 94 19.85 14.53 22.42
N THR A 95 19.30 14.37 21.22
CA THR A 95 17.88 14.02 21.12
C THR A 95 17.65 12.60 21.66
N HIS A 96 18.63 11.72 21.45
CA HIS A 96 18.51 10.34 21.91
C HIS A 96 18.59 10.18 23.40
N VAL A 97 19.65 10.72 23.99
CA VAL A 97 19.88 10.54 25.43
C VAL A 97 18.95 11.38 26.28
N GLY A 98 18.68 12.62 25.84
CA GLY A 98 17.79 13.51 26.55
C GLY A 98 16.40 12.93 26.65
N SER A 99 15.91 12.33 25.56
CA SER A 99 14.57 11.75 25.58
C SER A 99 14.59 10.43 26.32
N ALA A 100 15.61 9.62 26.10
CA ALA A 100 15.70 8.33 26.77
C ALA A 100 15.71 8.49 28.29
N ALA A 101 16.45 9.49 28.77
CA ALA A 101 16.55 9.76 30.23
C ALA A 101 15.23 10.16 30.91
N ALA A 102 14.31 10.67 30.10
CA ALA A 102 12.99 11.10 30.60
C ALA A 102 11.96 10.00 30.61
N LEU A 103 12.30 8.84 30.04
CA LEU A 103 11.36 7.76 30.00
C LEU A 103 11.63 6.82 31.13
N ASP A 104 10.66 5.95 31.42
N ASP A 104 10.66 5.94 31.38
CA ASP A 104 10.85 4.93 32.44
CA ASP A 104 10.79 4.88 32.37
C ASP A 104 11.54 3.83 31.62
C ASP A 104 11.57 3.83 31.58
N ASN A 105 12.39 3.03 32.24
CA ASN A 105 13.15 2.01 31.50
C ASN A 105 12.35 0.89 30.82
N THR A 106 11.09 0.75 31.22
CA THR A 106 10.21 -0.25 30.61
C THR A 106 9.27 0.37 29.56
N ASP A 107 9.39 1.66 29.30
CA ASP A 107 8.55 2.29 28.28
C ASP A 107 9.05 1.73 26.93
N LEU A 108 8.11 1.25 26.12
CA LEU A 108 8.44 0.66 24.83
C LEU A 108 8.82 1.70 23.78
N VAL A 109 9.95 1.44 23.10
CA VAL A 109 10.49 2.33 22.06
C VAL A 109 10.37 1.69 20.69
N PHE A 110 9.92 2.50 19.71
CA PHE A 110 9.85 2.13 18.31
C PHE A 110 10.72 3.24 17.67
N GLY A 111 11.59 2.86 16.76
CA GLY A 111 12.47 3.84 16.13
C GLY A 111 12.59 3.65 14.63
N GLN A 112 13.53 4.38 14.06
CA GLN A 112 13.75 4.40 12.59
C GLN A 112 15.03 3.74 12.16
N TYR A 113 16.15 4.17 12.78
CA TYR A 113 17.55 3.71 12.57
C TYR A 113 18.63 4.68 13.10
N ARG A 114 18.27 5.92 13.34
CA ARG A 114 19.23 6.89 13.82
C ARG A 114 18.90 7.30 15.26
N GLU A 115 18.69 6.29 16.11
CA GLU A 115 18.36 6.48 17.55
C GLU A 115 19.15 5.52 18.45
N ALA A 116 20.32 5.10 17.99
CA ALA A 116 21.18 4.16 18.76
C ALA A 116 21.52 4.62 20.18
N GLY A 117 21.58 5.93 20.39
CA GLY A 117 21.89 6.51 21.72
C GLY A 117 20.82 6.17 22.76
N VAL A 118 19.64 5.77 22.32
CA VAL A 118 18.56 5.39 23.22
C VAL A 118 18.98 4.04 23.80
N LEU A 119 19.42 3.13 22.94
CA LEU A 119 19.90 1.84 23.40
C LEU A 119 21.13 1.98 24.29
N MET A 120 22.02 2.92 23.95
CA MET A 120 23.25 3.16 24.68
C MET A 120 22.88 3.64 26.07
N TYR A 121 21.94 4.58 26.14
CA TYR A 121 21.49 5.09 27.44
C TYR A 121 20.90 3.94 28.28
N ARG A 122 20.22 3.01 27.61
CA ARG A 122 19.62 1.84 28.25
C ARG A 122 20.62 0.71 28.46
N ASP A 123 21.91 1.04 28.34
CA ASP A 123 23.01 0.10 28.60
C ASP A 123 23.08 -1.14 27.74
N TYR A 124 22.67 -1.02 26.47
CA TYR A 124 22.76 -2.15 25.55
C TYR A 124 24.24 -2.41 25.40
N PRO A 125 24.66 -3.67 25.56
CA PRO A 125 26.07 -3.99 25.48
C PRO A 125 26.75 -3.63 24.15
N LEU A 126 27.98 -3.11 24.22
CA LEU A 126 28.76 -2.82 23.03
C LEU A 126 28.89 -4.08 22.18
N GLU A 127 29.05 -5.24 22.85
CA GLU A 127 29.17 -6.52 22.18
C GLU A 127 27.96 -6.82 21.27
N LEU A 128 26.77 -6.36 21.68
CA LEU A 128 25.56 -6.63 20.93
C LEU A 128 25.36 -5.67 19.75
N PHE A 129 25.78 -4.40 19.90
CA PHE A 129 25.74 -3.44 18.79
C PHE A 129 26.67 -4.04 17.72
N MET A 130 27.86 -4.50 18.14
CA MET A 130 28.85 -5.07 17.20
C MET A 130 28.38 -6.38 16.58
N ALA A 131 27.73 -7.23 17.37
CA ALA A 131 27.23 -8.51 16.88
C ALA A 131 26.25 -8.27 15.74
N GLN A 132 25.37 -7.28 15.91
CA GLN A 132 24.39 -6.99 14.87
C GLN A 132 25.10 -6.48 13.60
N CYS A 133 26.03 -5.55 13.76
CA CYS A 133 26.75 -5.01 12.58
C CYS A 133 27.53 -6.09 11.85
N TYR A 134 28.12 -7.01 12.60
CA TYR A 134 28.85 -8.12 11.98
C TYR A 134 27.99 -9.31 11.56
N GLY A 135 26.75 -9.36 12.05
CA GLY A 135 25.87 -10.49 11.74
C GLY A 135 26.48 -11.78 12.28
N ASN A 136 27.11 -11.69 13.46
CA ASN A 136 27.78 -12.88 14.03
C ASN A 136 26.88 -13.72 14.91
N ILE A 137 27.45 -14.82 15.35
CA ILE A 137 26.77 -15.79 16.18
C ILE A 137 26.11 -15.22 17.44
N SER A 138 26.63 -14.11 17.96
CA SER A 138 26.10 -13.51 19.16
C SER A 138 24.93 -12.56 18.89
N ASP A 139 24.64 -12.30 17.61
CA ASP A 139 23.56 -11.38 17.24
C ASP A 139 22.19 -11.94 17.64
N LEU A 140 21.45 -11.18 18.43
CA LEU A 140 20.12 -11.66 18.84
C LEU A 140 19.18 -11.70 17.63
N GLY A 141 19.50 -10.88 16.61
CA GLY A 141 18.76 -10.83 15.35
C GLY A 141 19.17 -11.95 14.40
N LYS A 142 20.10 -12.81 14.85
CA LYS A 142 20.55 -13.98 14.08
C LYS A 142 21.20 -13.65 12.72
N GLY A 143 21.77 -12.44 12.61
CA GLY A 143 22.44 -11.97 11.38
C GLY A 143 21.53 -11.82 10.18
N ARG A 144 20.23 -11.67 10.40
CA ARG A 144 19.34 -11.58 9.27
C ARG A 144 19.15 -10.21 8.66
N GLN A 145 19.29 -9.15 9.46
CA GLN A 145 19.10 -7.79 8.92
C GLN A 145 20.42 -7.08 8.71
N MET A 146 20.38 -6.00 7.93
N MET A 146 20.43 -6.06 7.86
CA MET A 146 21.55 -5.17 7.65
CA MET A 146 21.68 -5.32 7.59
C MET A 146 22.06 -4.56 8.93
C MET A 146 22.05 -4.54 8.85
N PRO A 147 23.31 -4.07 8.94
CA PRO A 147 23.79 -3.33 10.11
C PRO A 147 22.91 -2.15 10.57
N VAL A 148 23.03 -1.85 11.88
CA VAL A 148 22.29 -0.79 12.59
C VAL A 148 20.78 -1.06 12.80
N HIS A 149 20.31 -2.26 12.39
CA HIS A 149 18.91 -2.66 12.59
C HIS A 149 18.80 -3.44 13.92
N TYR A 150 19.13 -2.73 15.00
CA TYR A 150 19.15 -3.26 16.35
C TYR A 150 17.77 -3.55 16.97
N GLY A 151 17.73 -4.43 17.97
CA GLY A 151 16.46 -4.75 18.63
C GLY A 151 16.83 -5.31 19.99
N CYS A 152 16.00 -5.06 20.99
CA CYS A 152 16.28 -5.58 22.34
C CYS A 152 15.00 -5.75 23.13
N LYS A 153 14.57 -6.99 23.31
CA LYS A 153 13.35 -7.30 24.05
C LYS A 153 13.54 -6.89 25.53
N GLU A 154 14.67 -7.30 26.12
CA GLU A 154 14.99 -6.98 27.51
C GLU A 154 15.01 -5.50 27.83
N ARG A 155 15.42 -4.68 26.86
N ARG A 155 15.43 -4.71 26.84
CA ARG A 155 15.48 -3.23 27.06
CA ARG A 155 15.52 -3.26 26.98
C ARG A 155 14.31 -2.48 26.45
C ARG A 155 14.41 -2.52 26.26
N HIS A 156 13.31 -3.23 26.00
CA HIS A 156 12.10 -2.67 25.42
C HIS A 156 12.32 -1.73 24.24
N PHE A 157 13.08 -2.22 23.27
CA PHE A 157 13.43 -1.48 22.08
C PHE A 157 13.11 -2.36 20.88
N VAL A 158 11.99 -2.07 20.24
CA VAL A 158 11.50 -2.89 19.09
C VAL A 158 12.47 -2.86 17.91
N THR A 159 12.76 -4.04 17.38
CA THR A 159 13.68 -4.20 16.28
C THR A 159 13.36 -3.23 15.15
N ILE A 160 14.39 -2.52 14.74
CA ILE A 160 14.35 -1.55 13.68
C ILE A 160 14.10 -2.27 12.34
N SER A 161 13.39 -1.64 11.44
CA SER A 161 13.18 -2.20 10.10
C SER A 161 13.41 -1.06 9.10
N SER A 162 13.89 -1.38 7.91
CA SER A 162 14.17 -0.36 6.88
C SER A 162 13.00 0.48 6.34
N PRO A 163 11.81 -0.12 6.08
CA PRO A 163 10.71 0.67 5.51
C PRO A 163 10.36 1.84 6.44
N LEU A 164 10.49 3.05 5.92
CA LEU A 164 10.25 4.24 6.73
C LEU A 164 8.82 4.43 7.17
N ALA A 165 8.65 4.91 8.41
CA ALA A 165 7.37 5.23 9.03
C ALA A 165 6.43 4.08 9.37
N THR A 166 6.78 2.85 8.97
CA THR A 166 5.90 1.72 9.26
C THR A 166 5.68 1.51 10.75
N GLN A 167 6.68 1.91 11.56
CA GLN A 167 6.58 1.74 13.02
C GLN A 167 5.62 2.73 13.67
N ILE A 168 5.25 3.78 12.94
CA ILE A 168 4.38 4.81 13.52
C ILE A 168 2.96 4.30 13.95
N PRO A 169 2.15 3.74 13.00
CA PRO A 169 0.84 3.22 13.48
C PRO A 169 1.03 1.99 14.39
N GLN A 170 2.13 1.24 14.23
CA GLN A 170 2.39 0.06 15.08
C GLN A 170 2.59 0.53 16.53
N ALA A 171 3.35 1.60 16.70
CA ALA A 171 3.60 2.13 18.03
C ALA A 171 2.26 2.56 18.66
N VAL A 172 1.36 3.08 17.84
CA VAL A 172 0.06 3.52 18.32
C VAL A 172 -0.73 2.31 18.83
N GLY A 173 -0.67 1.21 18.08
CA GLY A 173 -1.36 -0.02 18.48
C GLY A 173 -0.77 -0.53 19.80
N ALA A 174 0.55 -0.48 19.94
CA ALA A 174 1.21 -0.91 21.19
C ALA A 174 0.75 -0.06 22.35
N ALA A 175 0.55 1.24 22.10
CA ALA A 175 0.08 2.19 23.14
C ALA A 175 -1.36 1.89 23.54
N TYR A 176 -2.18 1.54 22.56
CA TYR A 176 -3.58 1.19 22.83
C TYR A 176 -3.65 -0.03 23.73
N ALA A 177 -2.81 -1.03 23.43
CA ALA A 177 -2.77 -2.28 24.20
C ALA A 177 -2.30 -1.99 25.63
N ALA A 178 -1.34 -1.08 25.77
CA ALA A 178 -0.81 -0.68 27.08
C ALA A 178 -1.91 0.00 27.91
N LYS A 179 -2.72 0.82 27.24
CA LYS A 179 -3.81 1.52 27.89
C LYS A 179 -4.74 0.46 28.47
N ARG A 180 -5.08 -0.53 27.65
CA ARG A 180 -5.98 -1.60 28.05
C ARG A 180 -5.41 -2.43 29.21
N ALA A 181 -4.12 -2.75 29.14
CA ALA A 181 -3.47 -3.54 30.16
C ALA A 181 -3.33 -2.75 31.48
N ASN A 182 -3.70 -1.47 31.44
CA ASN A 182 -3.62 -0.59 32.61
C ASN A 182 -2.17 -0.48 33.13
N ALA A 183 -1.26 -0.63 32.18
CA ALA A 183 0.20 -0.63 32.35
C ALA A 183 0.91 0.50 33.13
N ASN A 184 0.44 1.74 32.94
CA ASN A 184 1.07 2.93 33.51
C ASN A 184 2.42 3.14 32.78
N ARG A 185 2.41 2.75 31.51
CA ARG A 185 3.56 2.86 30.61
C ARG A 185 3.16 3.71 29.40
N VAL A 186 4.16 4.24 28.72
CA VAL A 186 3.95 5.08 27.54
C VAL A 186 4.75 4.39 26.44
N VAL A 187 4.44 4.72 25.21
CA VAL A 187 5.19 4.23 24.09
C VAL A 187 5.77 5.49 23.46
N ILE A 188 7.04 5.43 23.06
CA ILE A 188 7.66 6.57 22.36
C ILE A 188 7.97 6.03 20.94
N CYS A 189 7.79 6.87 19.93
CA CYS A 189 8.02 6.43 18.55
C CYS A 189 8.84 7.50 17.82
N TYR A 190 10.04 7.15 17.42
CA TYR A 190 10.96 8.09 16.73
C TYR A 190 10.92 7.95 15.23
N PHE A 191 11.06 9.09 14.53
CA PHE A 191 11.08 9.06 13.07
C PHE A 191 11.68 10.37 12.59
N GLY A 192 12.11 10.42 11.34
CA GLY A 192 12.70 11.64 10.79
C GLY A 192 11.68 12.48 10.07
N GLU A 193 12.06 13.72 9.72
CA GLU A 193 11.14 14.61 9.00
C GLU A 193 10.77 14.09 7.59
N GLY A 194 11.69 13.32 7.00
CA GLY A 194 11.44 12.73 5.70
C GLY A 194 10.38 11.64 5.86
N ALA A 195 10.59 10.72 6.80
CA ALA A 195 9.61 9.64 7.05
C ALA A 195 8.21 10.22 7.39
N ALA A 196 8.15 11.42 7.96
CA ALA A 196 6.87 12.05 8.30
C ALA A 196 5.99 12.33 7.08
N SER A 197 6.60 12.25 5.89
CA SER A 197 5.86 12.48 4.62
C SER A 197 5.09 11.22 4.20
N GLU A 198 5.42 10.07 4.80
CA GLU A 198 4.75 8.84 4.44
C GLU A 198 3.30 8.79 4.91
N GLY A 199 2.46 8.04 4.19
CA GLY A 199 1.04 7.87 4.53
C GLY A 199 0.90 7.28 5.93
N ASP A 200 1.83 6.41 6.33
CA ASP A 200 1.75 5.79 7.69
C ASP A 200 1.85 6.81 8.81
N ALA A 201 2.50 7.95 8.55
CA ALA A 201 2.61 8.97 9.58
C ALA A 201 1.23 9.55 9.82
N HIS A 202 0.50 9.79 8.73
CA HIS A 202 -0.85 10.32 8.79
C HIS A 202 -1.78 9.33 9.54
N ALA A 203 -1.62 8.04 9.24
CA ALA A 203 -2.39 6.98 9.87
C ALA A 203 -2.14 6.99 11.39
N GLY A 204 -0.87 6.94 11.78
CA GLY A 204 -0.50 6.93 13.21
C GLY A 204 -0.97 8.15 13.96
N PHE A 205 -0.68 9.34 13.45
CA PHE A 205 -1.11 10.55 14.18
C PHE A 205 -2.61 10.53 14.42
N ASN A 206 -3.38 10.25 13.37
CA ASN A 206 -4.85 10.24 13.52
C ASN A 206 -5.36 9.16 14.47
N PHE A 207 -4.88 7.92 14.31
CA PHE A 207 -5.34 6.85 15.17
C PHE A 207 -5.05 7.16 16.64
N ALA A 208 -3.85 7.67 16.93
CA ALA A 208 -3.48 7.97 18.33
C ALA A 208 -4.44 8.95 19.01
N ALA A 209 -4.91 9.94 18.26
CA ALA A 209 -5.82 10.94 18.76
C ALA A 209 -7.23 10.40 18.91
N THR A 210 -7.74 9.73 17.87
CA THR A 210 -9.13 9.22 17.95
C THR A 210 -9.30 8.07 18.93
N LEU A 211 -8.24 7.26 19.07
CA LEU A 211 -8.28 6.12 19.96
C LEU A 211 -7.71 6.40 21.35
N GLU A 212 -7.29 7.65 21.59
CA GLU A 212 -6.77 8.14 22.87
C GLU A 212 -5.67 7.26 23.44
N CYS A 213 -4.52 7.30 22.77
CA CYS A 213 -3.37 6.46 23.13
C CYS A 213 -2.25 7.23 23.82
N PRO A 214 -1.68 6.62 24.88
CA PRO A 214 -0.54 7.15 25.64
C PRO A 214 0.76 6.99 24.83
N ILE A 215 0.94 7.87 23.85
CA ILE A 215 2.11 7.80 23.02
C ILE A 215 2.77 9.15 22.79
N ILE A 216 4.10 9.12 22.70
CA ILE A 216 4.87 10.30 22.38
C ILE A 216 5.44 10.08 20.97
N PHE A 217 5.12 10.97 20.02
CA PHE A 217 5.67 10.88 18.66
C PHE A 217 6.88 11.82 18.73
N PHE A 218 8.08 11.32 18.44
CA PHE A 218 9.30 12.12 18.52
C PHE A 218 9.95 12.27 17.14
N CYS A 219 9.84 13.46 16.57
CA CYS A 219 10.40 13.70 15.24
C CYS A 219 11.75 14.36 15.29
N ARG A 220 12.74 13.72 14.65
CA ARG A 220 14.08 14.29 14.55
C ARG A 220 14.08 15.05 13.23
N ASN A 221 14.06 16.38 13.28
CA ASN A 221 14.08 17.16 12.05
C ASN A 221 15.50 17.65 11.89
N ASN A 222 16.27 16.94 11.08
CA ASN A 222 17.70 17.27 10.88
C ASN A 222 18.04 17.97 9.55
N GLY A 223 17.03 18.56 8.91
CA GLY A 223 17.20 19.30 7.69
C GLY A 223 17.27 18.60 6.33
N TYR A 224 17.60 17.30 6.29
CA TYR A 224 17.71 16.56 5.03
C TYR A 224 17.23 15.15 5.16
N ALA A 225 16.73 14.59 4.06
CA ALA A 225 16.32 13.17 3.97
C ALA A 225 17.17 12.79 2.77
N ILE A 226 18.33 12.20 3.06
CA ILE A 226 19.36 11.86 2.09
C ILE A 226 19.80 13.22 1.47
N SER A 227 19.53 13.43 0.18
CA SER A 227 19.89 14.68 -0.52
C SER A 227 18.78 15.73 -0.51
N THR A 228 17.61 15.34 -0.04
CA THR A 228 16.44 16.22 -0.04
C THR A 228 16.34 17.21 1.11
N PRO A 229 16.45 18.53 0.80
CA PRO A 229 16.29 19.51 1.87
C PRO A 229 14.82 19.61 2.26
N THR A 230 14.57 20.15 3.44
CA THR A 230 13.19 20.28 3.93
C THR A 230 12.32 21.13 3.02
N SER A 231 12.94 22.03 2.24
CA SER A 231 12.13 22.88 1.34
C SER A 231 11.41 22.06 0.25
N GLU A 232 11.91 20.84 -0.01
CA GLU A 232 11.31 19.95 -0.99
C GLU A 232 10.51 18.81 -0.28
N GLN A 233 10.56 18.80 1.04
CA GLN A 233 9.87 17.78 1.85
C GLN A 233 8.50 18.22 2.34
N TYR A 234 8.34 19.52 2.60
CA TYR A 234 7.07 20.05 3.06
C TYR A 234 7.10 21.57 2.93
N ARG A 235 5.93 22.19 3.06
CA ARG A 235 5.81 23.66 2.95
C ARG A 235 5.13 24.32 4.13
N GLY A 236 4.68 23.53 5.09
CA GLY A 236 4.06 24.07 6.30
C GLY A 236 5.20 24.36 7.28
N ASP A 237 4.84 24.71 8.51
CA ASP A 237 5.82 25.02 9.55
C ASP A 237 6.36 23.71 10.21
N GLY A 238 7.16 22.98 9.43
CA GLY A 238 7.75 21.73 9.88
C GLY A 238 6.70 20.70 10.26
N ILE A 239 7.10 19.78 11.13
CA ILE A 239 6.22 18.70 11.58
C ILE A 239 5.36 19.10 12.77
N ALA A 240 5.92 19.89 13.70
CA ALA A 240 5.13 20.28 14.89
C ALA A 240 3.80 20.95 14.57
N ALA A 241 3.77 21.76 13.52
CA ALA A 241 2.54 22.46 13.10
C ALA A 241 1.42 21.52 12.61
N ARG A 242 1.78 20.27 12.29
CA ARG A 242 0.80 19.28 11.84
C ARG A 242 0.04 18.66 12.99
N GLY A 243 0.68 18.59 14.15
CA GLY A 243 0.08 17.99 15.35
C GLY A 243 -1.30 18.50 15.74
N PRO A 244 -1.45 19.82 15.93
CA PRO A 244 -2.74 20.40 16.34
C PRO A 244 -3.90 20.03 15.41
N GLY A 245 -3.64 19.97 14.10
CA GLY A 245 -4.66 19.59 13.10
C GLY A 245 -5.25 18.20 13.36
N TYR A 246 -4.50 17.35 14.10
CA TYR A 246 -4.97 15.98 14.47
C TYR A 246 -5.51 15.96 15.90
N GLY A 247 -5.44 17.10 16.57
CA GLY A 247 -5.86 17.22 17.97
C GLY A 247 -4.76 16.78 18.93
N ILE A 248 -3.52 16.80 18.46
CA ILE A 248 -2.38 16.36 19.25
C ILE A 248 -1.57 17.52 19.88
N MET A 249 -1.35 17.45 21.19
CA MET A 249 -0.54 18.47 21.92
C MET A 249 0.87 18.39 21.34
N SER A 250 1.39 19.53 20.86
CA SER A 250 2.67 19.58 20.21
C SER A 250 3.68 20.60 20.70
N ILE A 251 4.95 20.31 20.47
CA ILE A 251 6.01 21.22 20.88
C ILE A 251 7.26 21.07 20.01
N ARG A 252 8.04 22.15 19.92
CA ARG A 252 9.25 22.14 19.15
C ARG A 252 10.36 22.50 20.14
N VAL A 253 11.46 21.75 20.07
CA VAL A 253 12.59 21.93 20.98
C VAL A 253 13.92 21.96 20.26
N ASP A 254 14.92 22.59 20.90
CA ASP A 254 16.27 22.67 20.41
C ASP A 254 16.87 21.28 20.65
N GLY A 255 17.03 20.53 19.55
CA GLY A 255 17.59 19.17 19.63
C GLY A 255 19.02 19.09 20.09
N ASN A 256 19.73 20.22 20.04
CA ASN A 256 21.11 20.25 20.48
C ASN A 256 21.22 20.62 21.97
N ASP A 257 20.07 20.63 22.64
CA ASP A 257 19.97 20.94 24.07
C ASP A 257 19.36 19.75 24.83
N VAL A 258 20.21 18.93 25.46
CA VAL A 258 19.73 17.74 26.21
C VAL A 258 18.68 18.05 27.25
N PHE A 259 18.77 19.23 27.85
CA PHE A 259 17.81 19.62 28.87
C PHE A 259 16.48 20.05 28.30
N ALA A 260 16.47 20.68 27.12
CA ALA A 260 15.18 21.07 26.52
C ALA A 260 14.49 19.76 26.10
N VAL A 261 15.26 18.85 25.49
CA VAL A 261 14.70 17.56 25.06
C VAL A 261 14.18 16.78 26.28
N TYR A 262 15.00 16.74 27.32
CA TYR A 262 14.60 16.04 28.53
C TYR A 262 13.32 16.61 29.09
N ASN A 263 13.28 17.93 29.29
CA ASN A 263 12.09 18.58 29.85
C ASN A 263 10.81 18.30 29.08
N ALA A 264 10.89 18.45 27.77
CA ALA A 264 9.71 18.23 26.89
C ALA A 264 9.26 16.77 26.95
N THR A 265 10.23 15.85 26.90
CA THR A 265 9.89 14.45 26.97
C THR A 265 9.30 14.06 28.32
N LYS A 266 9.87 14.58 29.40
CA LYS A 266 9.40 14.27 30.76
C LYS A 266 7.94 14.72 30.94
N GLU A 267 7.63 15.92 30.47
CA GLU A 267 6.28 16.45 30.61
C GLU A 267 5.28 15.72 29.70
N ALA A 268 5.72 15.36 28.50
CA ALA A 268 4.86 14.65 27.58
C ALA A 268 4.53 13.28 28.13
N ARG A 269 5.54 12.60 28.69
CA ARG A 269 5.29 11.28 29.26
C ARG A 269 4.29 11.36 30.40
N ARG A 270 4.54 12.29 31.32
CA ARG A 270 3.68 12.48 32.47
C ARG A 270 2.22 12.65 32.07
N ARG A 271 2.01 13.51 31.09
CA ARG A 271 0.66 13.81 30.63
C ARG A 271 0.08 12.71 29.76
N ALA A 272 0.91 12.12 28.88
CA ALA A 272 0.39 11.04 28.02
C ALA A 272 -0.14 9.88 28.90
N VAL A 273 0.63 9.50 29.91
CA VAL A 273 0.23 8.39 30.77
C VAL A 273 -1.00 8.74 31.61
N ALA A 274 -1.06 9.95 32.15
CA ALA A 274 -2.21 10.32 32.97
C ALA A 274 -3.50 10.53 32.18
N GLU A 275 -3.39 11.21 31.04
CA GLU A 275 -4.54 11.54 30.21
C GLU A 275 -4.91 10.61 29.04
N ASN A 276 -4.03 9.69 28.69
CA ASN A 276 -4.24 8.81 27.54
C ASN A 276 -4.44 9.64 26.29
N GLN A 277 -3.46 10.49 26.01
CA GLN A 277 -3.51 11.31 24.85
C GLN A 277 -2.10 11.44 24.29
N PRO A 278 -2.00 11.48 22.96
CA PRO A 278 -0.71 11.57 22.32
C PRO A 278 -0.06 12.93 22.41
N PHE A 279 1.26 12.95 22.29
CA PHE A 279 2.05 14.16 22.33
C PHE A 279 3.04 14.09 21.18
N LEU A 280 3.29 15.24 20.56
CA LEU A 280 4.22 15.30 19.46
C LEU A 280 5.34 16.25 19.85
N ILE A 281 6.59 15.79 19.71
CA ILE A 281 7.76 16.62 19.99
C ILE A 281 8.59 16.63 18.70
N GLU A 282 8.85 17.82 18.15
CA GLU A 282 9.71 17.96 16.98
C GLU A 282 11.03 18.53 17.51
N ALA A 283 12.10 17.76 17.43
CA ALA A 283 13.42 18.20 17.90
C ALA A 283 14.25 18.69 16.71
N MET A 284 14.55 19.98 16.72
CA MET A 284 15.34 20.59 15.65
C MET A 284 16.81 20.31 15.84
N THR A 285 17.46 19.80 14.80
N THR A 285 17.42 19.80 14.79
CA THR A 285 18.88 19.52 14.84
CA THR A 285 18.81 19.47 14.83
C THR A 285 19.45 19.75 13.47
C THR A 285 19.38 19.60 13.41
N TYR A 286 20.60 19.13 13.22
CA TYR A 286 21.23 19.20 11.91
C TYR A 286 21.99 17.89 11.75
N ARG A 287 21.84 17.24 10.59
CA ARG A 287 22.54 15.99 10.31
C ARG A 287 23.99 16.31 9.97
N ILE A 288 24.86 16.19 10.98
CA ILE A 288 26.28 16.50 10.81
C ILE A 288 27.03 15.57 9.84
N GLY A 289 26.84 14.26 9.99
CA GLY A 289 27.53 13.30 9.12
C GLY A 289 26.83 13.04 7.79
N HIS A 290 27.31 12.03 7.06
CA HIS A 290 26.70 11.66 5.79
C HIS A 290 25.37 10.97 6.16
N HIS A 291 24.47 10.81 5.19
CA HIS A 291 23.22 10.13 5.46
C HIS A 291 23.56 8.70 5.95
N SER A 292 24.53 8.08 5.28
CA SER A 292 25.01 6.73 5.59
C SER A 292 26.39 6.56 4.91
N THR A 293 26.91 5.34 4.95
CA THR A 293 28.18 5.03 4.33
C THR A 293 28.06 4.90 2.79
N SER A 294 26.82 4.86 2.29
CA SER A 294 26.51 4.74 0.86
C SER A 294 26.29 6.12 0.23
N ASP A 295 26.28 7.15 1.07
CA ASP A 295 26.06 8.50 0.62
C ASP A 295 27.26 9.40 0.86
N ASP A 296 27.52 10.28 -0.10
CA ASP A 296 28.60 11.28 0.00
C ASP A 296 27.95 12.65 0.00
N SER A 297 27.69 13.14 1.21
CA SER A 297 27.03 14.42 1.51
C SER A 297 27.35 15.62 0.61
N SER A 298 28.65 15.82 0.33
CA SER A 298 29.14 16.94 -0.51
C SER A 298 28.48 17.08 -1.91
N ALA A 299 27.88 16.01 -2.41
CA ALA A 299 27.20 16.02 -3.71
C ALA A 299 25.93 16.90 -3.73
N TYR A 300 25.40 17.23 -2.55
CA TYR A 300 24.18 18.06 -2.44
C TYR A 300 24.32 19.17 -1.40
N ASP A 313 26.78 24.62 16.53
CA ASP A 313 26.96 24.02 17.85
C ASP A 313 26.58 22.54 17.82
N HIS A 314 27.10 21.81 18.82
CA HIS A 314 26.92 20.37 18.95
C HIS A 314 26.31 20.02 20.31
N PRO A 315 25.44 18.98 20.37
CA PRO A 315 24.88 18.61 21.67
C PRO A 315 25.93 18.20 22.70
N ILE A 316 27.01 17.58 22.26
CA ILE A 316 28.07 17.13 23.15
C ILE A 316 28.89 18.30 23.72
N SER A 317 29.32 19.22 22.87
CA SER A 317 30.12 20.36 23.37
C SER A 317 29.29 21.26 24.24
N ARG A 318 27.99 21.32 23.95
CA ARG A 318 27.10 22.15 24.75
C ARG A 318 26.98 21.62 26.15
N LEU A 319 26.77 20.31 26.27
CA LEU A 319 26.65 19.69 27.58
C LEU A 319 28.00 19.77 28.32
N ARG A 320 29.09 19.58 27.58
CA ARG A 320 30.46 19.67 28.14
C ARG A 320 30.66 21.05 28.80
N HIS A 321 30.16 22.11 28.16
CA HIS A 321 30.26 23.47 28.72
C HIS A 321 29.50 23.56 30.00
N TYR A 322 28.30 22.98 30.02
CA TYR A 322 27.50 22.96 31.22
C TYR A 322 28.26 22.24 32.33
N LEU A 323 28.78 21.04 32.04
CA LEU A 323 29.52 20.27 33.06
C LEU A 323 30.64 21.06 33.73
N LEU A 324 31.39 21.80 32.93
CA LEU A 324 32.49 22.63 33.42
C LEU A 324 32.02 23.73 34.40
N SER A 325 30.82 24.29 34.17
CA SER A 325 30.27 25.34 35.03
C SER A 325 29.84 24.83 36.40
N GLN A 326 29.57 23.54 36.50
CA GLN A 326 29.15 22.99 37.76
C GLN A 326 30.37 22.44 38.49
N GLY A 327 31.47 22.38 37.73
CA GLY A 327 32.77 21.85 38.20
C GLY A 327 32.67 20.34 38.18
N TRP A 328 31.89 19.83 37.22
CA TRP A 328 31.62 18.40 37.12
C TRP A 328 32.46 17.62 36.12
N TRP A 329 33.29 18.31 35.37
CA TRP A 329 34.17 17.68 34.38
C TRP A 329 35.35 18.60 34.17
N ASP A 330 36.43 18.07 33.62
CA ASP A 330 37.62 18.87 33.33
C ASP A 330 38.37 18.16 32.19
N GLU A 331 39.46 18.76 31.72
CA GLU A 331 40.24 18.18 30.63
C GLU A 331 40.87 16.81 30.93
N GLU A 332 41.24 16.55 32.18
CA GLU A 332 41.83 15.27 32.53
C GLU A 332 40.81 14.15 32.44
N GLN A 333 39.59 14.42 32.94
CA GLN A 333 38.50 13.47 32.89
C GLN A 333 38.09 13.24 31.44
N GLU A 334 38.11 14.31 30.65
CA GLU A 334 37.75 14.21 29.24
C GLU A 334 38.75 13.28 28.50
N LYS A 335 40.03 13.48 28.76
CA LYS A 335 41.08 12.66 28.15
C LYS A 335 40.97 11.19 28.57
N ALA A 336 40.79 10.99 29.87
CA ALA A 336 40.64 9.66 30.45
C ALA A 336 39.44 8.91 29.84
N TRP A 337 38.30 9.58 29.77
CA TRP A 337 37.07 8.96 29.24
C TRP A 337 37.19 8.63 27.75
N ARG A 338 37.81 9.54 27.01
CA ARG A 338 38.05 9.35 25.57
C ARG A 338 38.88 8.08 25.36
N LYS A 339 39.93 7.95 26.16
CA LYS A 339 40.82 6.81 26.10
C LYS A 339 40.11 5.52 26.49
N GLN A 340 39.35 5.56 27.58
CA GLN A 340 38.63 4.38 28.06
C GLN A 340 37.51 3.93 27.11
N SER A 341 36.76 4.88 26.57
N SER A 341 36.79 4.90 26.56
CA SER A 341 35.68 4.55 25.64
CA SER A 341 35.70 4.63 25.61
C SER A 341 36.24 3.96 24.35
C SER A 341 36.26 3.96 24.37
N ARG A 342 37.34 4.52 23.84
CA ARG A 342 37.97 4.00 22.63
C ARG A 342 38.40 2.53 22.88
N ARG A 343 39.02 2.27 24.03
CA ARG A 343 39.43 0.92 24.39
C ARG A 343 38.23 -0.05 24.47
N LYS A 344 37.15 0.35 25.16
CA LYS A 344 35.96 -0.52 25.27
C LYS A 344 35.36 -0.83 23.87
N VAL A 345 35.23 0.20 23.03
CA VAL A 345 34.69 0.03 21.66
C VAL A 345 35.60 -0.88 20.80
N MET A 346 36.92 -0.60 20.81
CA MET A 346 37.87 -1.39 20.04
C MET A 346 37.86 -2.83 20.50
N GLU A 347 37.82 -3.08 21.81
CA GLU A 347 37.77 -4.46 22.27
C GLU A 347 36.52 -5.21 21.78
N ALA A 348 35.37 -4.56 21.84
CA ALA A 348 34.11 -5.19 21.40
C ALA A 348 34.15 -5.44 19.88
N PHE A 349 34.64 -4.44 19.16
CA PHE A 349 34.78 -4.47 17.69
C PHE A 349 35.65 -5.64 17.21
N GLU A 350 36.86 -5.75 17.78
CA GLU A 350 37.77 -6.82 17.38
C GLU A 350 37.25 -8.20 17.76
N GLN A 351 36.63 -8.31 18.94
CA GLN A 351 36.01 -9.58 19.38
C GLN A 351 34.87 -9.95 18.42
N ALA A 352 34.05 -8.97 18.07
CA ALA A 352 32.94 -9.23 17.15
C ALA A 352 33.40 -9.70 15.80
N GLU A 353 34.47 -9.09 15.30
CA GLU A 353 34.98 -9.46 13.99
C GLU A 353 35.51 -10.90 13.93
N ARG A 354 36.07 -11.38 15.04
CA ARG A 354 36.62 -12.73 15.11
C ARG A 354 35.58 -13.83 15.37
N LYS A 355 34.36 -13.47 15.76
CA LYS A 355 33.33 -14.49 16.01
C LYS A 355 32.86 -15.11 14.69
N PRO A 356 32.51 -16.40 14.71
CA PRO A 356 31.89 -16.99 13.53
C PRO A 356 30.49 -16.40 13.29
N LYS A 357 29.96 -16.59 12.09
CA LYS A 357 28.60 -16.14 11.76
C LYS A 357 27.71 -17.30 12.25
N PRO A 358 26.38 -17.09 12.34
CA PRO A 358 25.53 -18.19 12.88
C PRO A 358 25.39 -19.37 11.89
N ASN A 359 24.82 -20.46 12.35
CA ASN A 359 24.63 -21.64 11.49
C ASN A 359 23.73 -21.24 10.32
N PRO A 360 24.10 -21.61 9.07
CA PRO A 360 23.31 -21.30 7.88
C PRO A 360 21.87 -21.80 7.97
N ASN A 361 21.61 -22.75 8.86
CA ASN A 361 20.25 -23.26 9.07
C ASN A 361 19.31 -22.22 9.64
N LEU A 362 19.87 -21.17 10.23
CA LEU A 362 19.09 -20.11 10.82
C LEU A 362 18.50 -19.22 9.74
N LEU A 363 18.82 -19.54 8.50
CA LEU A 363 18.28 -18.84 7.33
C LEU A 363 16.80 -19.18 7.20
N PHE A 364 16.46 -20.39 7.69
CA PHE A 364 15.11 -20.94 7.59
C PHE A 364 14.15 -20.82 8.77
N SER A 365 14.66 -20.65 9.99
CA SER A 365 13.79 -20.57 11.17
C SER A 365 13.22 -19.17 11.37
N ASP A 366 12.14 -19.10 12.14
CA ASP A 366 11.45 -17.83 12.48
C ASP A 366 10.70 -17.18 11.31
N VAL A 367 10.64 -17.86 10.17
CA VAL A 367 9.87 -17.31 9.05
C VAL A 367 8.39 -17.34 9.55
N TYR A 368 8.04 -18.48 10.14
CA TYR A 368 6.77 -18.69 10.85
C TYR A 368 7.29 -19.06 12.25
N GLN A 369 6.40 -19.19 13.24
CA GLN A 369 6.88 -19.59 14.57
C GLN A 369 7.49 -20.98 14.36
N GLU A 370 6.66 -21.89 13.85
CA GLU A 370 7.07 -23.26 13.54
C GLU A 370 7.69 -23.28 12.16
N MET A 371 8.26 -24.42 11.76
N MET A 371 8.23 -24.44 11.77
CA MET A 371 8.82 -24.52 10.42
CA MET A 371 8.83 -24.66 10.46
C MET A 371 7.90 -25.40 9.58
C MET A 371 7.87 -25.47 9.57
N PRO A 372 7.20 -24.81 8.59
CA PRO A 372 6.35 -25.60 7.68
C PRO A 372 7.15 -26.70 7.01
N ALA A 373 6.53 -27.87 6.85
CA ALA A 373 7.21 -29.01 6.25
C ALA A 373 7.87 -28.70 4.92
N GLN A 374 7.24 -27.83 4.11
CA GLN A 374 7.82 -27.48 2.82
C GLN A 374 9.04 -26.57 2.98
N LEU A 375 9.09 -25.83 4.08
CA LEU A 375 10.24 -24.98 4.34
C LEU A 375 11.35 -25.89 4.85
N ARG A 376 10.99 -26.89 5.66
CA ARG A 376 11.97 -27.87 6.17
C ARG A 376 12.62 -28.60 5.00
N LYS A 377 11.82 -28.90 3.98
N LYS A 377 11.83 -28.89 3.97
CA LYS A 377 12.29 -29.57 2.78
CA LYS A 377 12.34 -29.57 2.78
C LYS A 377 13.39 -28.73 2.09
C LYS A 377 13.39 -28.72 2.06
N GLN A 378 13.20 -27.40 2.07
CA GLN A 378 14.18 -26.49 1.44
C GLN A 378 15.47 -26.48 2.30
N GLN A 379 15.33 -26.54 3.62
CA GLN A 379 16.48 -26.60 4.52
C GLN A 379 17.26 -27.89 4.22
N GLU A 380 16.52 -29.00 4.06
CA GLU A 380 17.12 -30.31 3.75
C GLU A 380 17.83 -30.27 2.40
N SER A 381 17.24 -29.58 1.42
N SER A 381 17.25 -29.58 1.42
CA SER A 381 17.84 -29.43 0.10
CA SER A 381 17.84 -29.44 0.09
C SER A 381 19.18 -28.71 0.19
C SER A 381 19.18 -28.68 0.15
N LEU A 382 19.24 -27.63 0.96
CA LEU A 382 20.47 -26.87 1.15
C LEU A 382 21.53 -27.79 1.83
N ALA A 383 21.12 -28.54 2.87
CA ALA A 383 22.05 -29.46 3.55
C ALA A 383 22.65 -30.46 2.56
N ARG A 384 21.82 -31.02 1.68
CA ARG A 384 22.30 -31.98 0.70
C ARG A 384 23.22 -31.28 -0.31
N HIS A 385 22.85 -30.08 -0.70
CA HIS A 385 23.64 -29.31 -1.66
C HIS A 385 25.04 -29.04 -1.12
N LEU A 386 25.11 -28.67 0.15
CA LEU A 386 26.40 -28.36 0.81
C LEU A 386 27.26 -29.62 1.04
N GLN A 387 26.62 -30.78 1.09
CA GLN A 387 27.38 -32.02 1.26
C GLN A 387 28.19 -32.30 -0.01
N THR A 388 27.65 -31.89 -1.15
CA THR A 388 28.30 -32.09 -2.44
C THR A 388 29.11 -30.89 -2.98
N TYR A 389 28.57 -29.67 -2.83
CA TYR A 389 29.23 -28.47 -3.37
C TYR A 389 29.79 -27.54 -2.32
N GLY A 390 29.89 -28.02 -1.08
CA GLY A 390 30.37 -27.21 0.04
C GLY A 390 31.64 -26.40 -0.11
N GLU A 391 32.56 -26.88 -0.93
CA GLU A 391 33.84 -26.18 -1.14
C GLU A 391 33.64 -24.81 -1.78
N HIS A 392 32.47 -24.60 -2.39
CA HIS A 392 32.19 -23.32 -3.04
C HIS A 392 31.48 -22.32 -2.15
N TYR A 393 31.44 -22.60 -0.85
CA TYR A 393 30.76 -21.76 0.14
C TYR A 393 31.64 -21.47 1.36
N PRO A 394 31.42 -20.30 2.01
CA PRO A 394 32.19 -19.87 3.20
C PRO A 394 31.83 -20.64 4.47
N LEU A 395 31.73 -21.96 4.38
CA LEU A 395 31.35 -22.80 5.52
C LEU A 395 32.17 -22.64 6.79
N ASP A 396 33.47 -22.42 6.63
CA ASP A 396 34.37 -22.29 7.80
C ASP A 396 34.19 -21.03 8.62
N HIS A 397 33.49 -20.04 8.05
CA HIS A 397 33.20 -18.78 8.77
C HIS A 397 31.85 -18.84 9.51
N PHE A 398 31.07 -19.88 9.26
CA PHE A 398 29.75 -20.02 9.87
C PHE A 398 29.70 -21.19 10.87
N ASP A 399 28.94 -21.01 11.95
CA ASP A 399 28.77 -22.05 12.98
C ASP A 399 28.31 -23.36 12.33
N LYS A 400 28.75 -24.48 12.91
CA LYS A 400 28.39 -25.82 12.41
C LYS A 400 27.89 -26.65 13.58
N GLU B 14 -20.66 -34.14 17.01
CA GLU B 14 -19.25 -34.35 17.24
C GLU B 14 -18.68 -33.31 18.19
N TYR B 15 -19.43 -32.23 18.40
CA TYR B 15 -18.87 -30.99 18.93
C TYR B 15 -19.82 -30.32 19.91
N GLY B 16 -20.84 -31.07 20.34
CA GLY B 16 -21.79 -30.58 21.32
C GLY B 16 -22.98 -29.86 20.67
N GLN B 17 -23.66 -29.04 21.46
N GLN B 17 -23.62 -29.00 21.46
CA GLN B 17 -24.83 -28.26 21.01
CA GLN B 17 -24.76 -28.20 21.06
C GLN B 17 -24.50 -27.39 19.81
C GLN B 17 -24.49 -27.36 19.80
N THR B 18 -25.32 -27.52 18.77
CA THR B 18 -25.18 -26.77 17.52
C THR B 18 -26.33 -25.78 17.38
N GLN B 19 -26.25 -24.97 16.33
CA GLN B 19 -27.28 -23.97 16.03
C GLN B 19 -27.18 -23.63 14.55
N LYS B 20 -28.33 -23.45 13.91
CA LYS B 20 -28.30 -23.12 12.49
C LYS B 20 -27.71 -21.70 12.37
N MET B 21 -26.69 -21.57 11.50
CA MET B 21 -26.03 -20.29 11.30
C MET B 21 -25.66 -20.19 9.83
N ASN B 22 -25.80 -18.98 9.29
CA ASN B 22 -25.36 -18.73 7.95
C ASN B 22 -23.87 -18.32 8.15
N LEU B 23 -23.16 -18.01 7.07
CA LEU B 23 -21.73 -17.67 7.22
C LEU B 23 -21.45 -16.43 8.06
N PHE B 24 -22.22 -15.34 7.90
CA PHE B 24 -21.90 -14.19 8.76
C PHE B 24 -22.10 -14.53 10.24
N GLN B 25 -23.13 -15.32 10.52
CA GLN B 25 -23.42 -15.71 11.90
C GLN B 25 -22.31 -16.60 12.49
N SER B 26 -21.73 -17.46 11.67
CA SER B 26 -20.65 -18.34 12.15
C SER B 26 -19.41 -17.50 12.49
N VAL B 27 -19.19 -16.41 11.74
CA VAL B 27 -18.07 -15.52 12.01
C VAL B 27 -18.33 -14.83 13.36
N THR B 28 -19.54 -14.33 13.57
CA THR B 28 -19.85 -13.69 14.83
C THR B 28 -19.65 -14.66 16.01
N SER B 29 -20.04 -15.92 15.81
CA SER B 29 -19.92 -16.97 16.85
C SER B 29 -18.41 -17.21 17.21
N ALA B 30 -17.59 -17.34 16.18
CA ALA B 30 -16.14 -17.49 16.31
C ALA B 30 -15.58 -16.29 17.09
N LEU B 31 -15.97 -15.08 16.70
CA LEU B 31 -15.50 -13.86 17.37
C LEU B 31 -15.95 -13.79 18.83
N ASP B 32 -17.23 -14.12 19.06
CA ASP B 32 -17.82 -14.14 20.41
C ASP B 32 -17.00 -15.14 21.26
N ASN B 33 -16.85 -16.37 20.77
CA ASN B 33 -16.06 -17.40 21.49
C ASN B 33 -14.65 -16.89 21.86
N SER B 34 -14.00 -16.22 20.90
CA SER B 34 -12.64 -15.67 21.11
C SER B 34 -12.57 -14.61 22.18
N LEU B 35 -13.46 -13.64 22.16
N LEU B 35 -13.49 -13.67 22.13
CA LEU B 35 -13.41 -12.59 23.17
CA LEU B 35 -13.56 -12.57 23.09
C LEU B 35 -13.77 -13.14 24.55
C LEU B 35 -13.86 -13.08 24.50
N ALA B 36 -14.63 -14.15 24.58
CA ALA B 36 -15.04 -14.77 25.85
C ALA B 36 -13.89 -15.48 26.56
N LYS B 37 -13.04 -16.14 25.79
CA LYS B 37 -11.95 -16.93 26.38
C LYS B 37 -10.58 -16.24 26.42
N ASP B 38 -10.45 -15.13 25.72
CA ASP B 38 -9.21 -14.38 25.66
C ASP B 38 -9.44 -12.90 25.98
N PRO B 39 -9.15 -12.49 27.23
CA PRO B 39 -9.42 -11.10 27.62
C PRO B 39 -8.57 -10.04 26.91
N THR B 40 -7.51 -10.42 26.22
CA THR B 40 -6.68 -9.41 25.52
C THR B 40 -7.26 -9.08 24.14
N ALA B 41 -8.07 -9.99 23.61
CA ALA B 41 -8.65 -9.86 22.27
C ALA B 41 -9.52 -8.64 22.06
N VAL B 42 -9.29 -7.98 20.93
CA VAL B 42 -10.02 -6.77 20.49
C VAL B 42 -10.33 -6.94 19.00
N ILE B 43 -11.40 -6.30 18.56
CA ILE B 43 -11.83 -6.37 17.16
C ILE B 43 -11.99 -4.89 16.73
N PHE B 44 -11.45 -4.56 15.57
CA PHE B 44 -11.49 -3.16 15.10
C PHE B 44 -11.39 -3.05 13.58
N GLY B 45 -11.85 -1.91 13.08
CA GLY B 45 -11.81 -1.66 11.67
C GLY B 45 -12.92 -0.66 11.39
N GLU B 46 -13.20 -0.48 10.10
CA GLU B 46 -14.24 0.45 9.68
C GLU B 46 -15.65 -0.10 9.90
N ASP B 47 -16.44 0.67 10.66
CA ASP B 47 -17.86 0.35 10.90
C ASP B 47 -18.14 -0.93 11.60
N VAL B 48 -17.18 -1.41 12.40
CA VAL B 48 -17.42 -2.67 13.10
C VAL B 48 -18.31 -2.50 14.35
N ALA B 49 -18.27 -1.32 14.99
CA ALA B 49 -19.02 -1.05 16.22
C ALA B 49 -20.52 -1.35 16.13
N PHE B 50 -21.17 -0.87 15.07
CA PHE B 50 -22.62 -1.10 14.92
C PHE B 50 -22.98 -2.49 14.42
N GLY B 51 -21.98 -3.33 14.18
CA GLY B 51 -22.25 -4.67 13.71
C GLY B 51 -21.62 -4.99 12.37
N GLY B 52 -21.04 -4.00 11.70
CA GLY B 52 -20.41 -4.30 10.42
C GLY B 52 -21.34 -4.15 9.23
N VAL B 53 -20.75 -3.86 8.07
CA VAL B 53 -21.55 -3.68 6.84
C VAL B 53 -22.11 -5.02 6.34
N PHE B 54 -21.56 -6.13 6.86
CA PHE B 54 -22.06 -7.48 6.55
C PHE B 54 -22.56 -8.19 7.83
N ARG B 55 -22.83 -7.40 8.87
CA ARG B 55 -23.36 -7.87 10.17
C ARG B 55 -22.47 -8.86 10.95
N CYS B 56 -21.20 -8.98 10.59
CA CYS B 56 -20.33 -9.96 11.26
C CYS B 56 -19.99 -9.67 12.73
N THR B 57 -20.18 -8.44 13.16
CA THR B 57 -19.86 -8.08 14.54
C THR B 57 -21.08 -7.63 15.37
N VAL B 58 -22.28 -7.97 14.91
CA VAL B 58 -23.52 -7.56 15.61
C VAL B 58 -23.52 -8.07 17.06
N GLY B 59 -23.88 -7.20 17.98
CA GLY B 59 -23.95 -7.50 19.43
C GLY B 59 -22.64 -7.59 20.22
N LEU B 60 -21.51 -7.72 19.54
CA LEU B 60 -20.22 -7.87 20.24
C LEU B 60 -19.79 -6.68 21.09
N ARG B 61 -20.01 -5.46 20.58
CA ARG B 61 -19.64 -4.30 21.36
C ARG B 61 -20.51 -4.20 22.61
N ASP B 62 -21.79 -4.50 22.46
CA ASP B 62 -22.72 -4.46 23.61
C ASP B 62 -22.31 -5.46 24.66
N LYS B 63 -21.91 -6.64 24.20
CA LYS B 63 -21.51 -7.71 25.06
C LYS B 63 -20.13 -7.56 25.69
N TYR B 64 -19.14 -7.13 24.90
CA TYR B 64 -17.77 -7.03 25.40
C TYR B 64 -17.19 -5.67 25.71
N GLY B 65 -17.87 -4.60 25.26
CA GLY B 65 -17.43 -3.25 25.57
C GLY B 65 -16.79 -2.48 24.44
N LYS B 66 -16.98 -1.16 24.49
CA LYS B 66 -16.44 -0.25 23.49
C LYS B 66 -14.92 -0.26 23.36
N ASP B 67 -14.21 -0.67 24.42
CA ASP B 67 -12.75 -0.71 24.35
C ASP B 67 -12.27 -1.96 23.62
N ARG B 68 -13.18 -2.94 23.47
CA ARG B 68 -12.82 -4.19 22.83
C ARG B 68 -13.34 -4.41 21.40
N VAL B 69 -14.37 -3.67 21.01
CA VAL B 69 -14.96 -3.78 19.65
C VAL B 69 -15.19 -2.32 19.26
N PHE B 70 -14.33 -1.79 18.40
CA PHE B 70 -14.42 -0.36 18.05
C PHE B 70 -14.06 0.01 16.63
N ASN B 71 -14.52 1.19 16.23
CA ASN B 71 -14.25 1.70 14.89
C ASN B 71 -12.94 2.43 14.86
N THR B 72 -12.25 2.34 13.72
CA THR B 72 -11.00 3.06 13.47
C THR B 72 -11.34 4.15 12.45
N PRO B 73 -10.45 5.12 12.30
CA PRO B 73 -10.42 5.99 11.11
C PRO B 73 -10.46 5.18 9.82
N LEU B 74 -10.85 5.84 8.74
CA LEU B 74 -10.92 5.18 7.43
C LEU B 74 -9.55 5.16 6.81
N CYS B 75 -8.75 4.14 7.14
CA CYS B 75 -7.37 4.08 6.65
C CYS B 75 -6.81 2.68 6.85
N GLU B 76 -6.77 1.90 5.78
CA GLU B 76 -6.35 0.51 5.85
C GLU B 76 -4.90 0.33 6.27
N GLN B 77 -4.02 1.21 5.80
CA GLN B 77 -2.62 1.06 6.21
C GLN B 77 -2.54 1.21 7.74
N GLY B 78 -3.33 2.14 8.25
CA GLY B 78 -3.40 2.38 9.69
C GLY B 78 -3.98 1.18 10.42
N ILE B 79 -5.07 0.62 9.88
CA ILE B 79 -5.69 -0.55 10.53
C ILE B 79 -4.69 -1.71 10.78
N VAL B 80 -3.96 -2.07 9.74
CA VAL B 80 -3.01 -3.17 9.83
C VAL B 80 -1.79 -2.79 10.68
N GLY B 81 -1.25 -1.58 10.48
CA GLY B 81 -0.11 -1.15 11.30
C GLY B 81 -0.51 -1.20 12.78
N PHE B 82 -1.69 -0.65 13.08
CA PHE B 82 -2.27 -0.62 14.45
C PHE B 82 -2.42 -2.05 15.01
N GLY B 83 -2.99 -2.95 14.22
CA GLY B 83 -3.17 -4.35 14.61
C GLY B 83 -1.84 -5.03 14.90
N ILE B 84 -0.84 -4.76 14.08
CA ILE B 84 0.51 -5.33 14.29
C ILE B 84 1.02 -4.84 15.67
N GLY B 85 0.88 -3.53 15.95
CA GLY B 85 1.35 -2.98 17.25
C GLY B 85 0.69 -3.64 18.46
N ILE B 86 -0.61 -3.86 18.35
CA ILE B 86 -1.32 -4.55 19.43
C ILE B 86 -0.68 -5.96 19.62
N ALA B 87 -0.52 -6.68 18.51
CA ALA B 87 0.02 -8.04 18.53
C ALA B 87 1.45 -8.09 19.06
N VAL B 88 2.20 -7.02 18.84
CA VAL B 88 3.60 -6.93 19.32
C VAL B 88 3.63 -7.02 20.86
N THR B 89 2.58 -6.54 21.52
CA THR B 89 2.49 -6.60 22.98
C THR B 89 1.97 -7.94 23.49
N GLY B 90 1.59 -8.82 22.57
CA GLY B 90 1.06 -10.12 22.89
C GLY B 90 -0.45 -10.23 22.98
N ALA B 91 -1.17 -9.13 22.75
CA ALA B 91 -2.65 -9.13 22.78
C ALA B 91 -3.22 -9.58 21.44
N THR B 92 -4.36 -10.27 21.46
CA THR B 92 -4.95 -10.77 20.23
C THR B 92 -5.64 -9.62 19.51
N ALA B 93 -5.25 -9.40 18.26
CA ALA B 93 -5.77 -8.31 17.47
C ALA B 93 -6.48 -8.87 16.26
N ILE B 94 -7.79 -8.63 16.16
CA ILE B 94 -8.59 -9.12 15.04
C ILE B 94 -9.06 -7.89 14.24
N ALA B 95 -8.27 -7.57 13.24
CA ALA B 95 -8.53 -6.43 12.34
C ALA B 95 -9.52 -6.80 11.25
N GLU B 96 -10.33 -5.84 10.79
CA GLU B 96 -11.22 -6.14 9.71
C GLU B 96 -10.88 -5.17 8.58
N ILE B 97 -10.85 -5.68 7.35
CA ILE B 97 -10.62 -4.85 6.13
C ILE B 97 -11.97 -5.01 5.46
N GLN B 98 -12.64 -3.89 5.19
CA GLN B 98 -14.01 -3.90 4.70
C GLN B 98 -14.39 -4.77 3.53
N PHE B 99 -13.51 -4.82 2.53
CA PHE B 99 -13.60 -5.62 1.32
C PHE B 99 -12.14 -5.98 1.02
N ALA B 100 -11.92 -7.22 0.61
CA ALA B 100 -10.59 -7.68 0.24
C ALA B 100 -9.96 -6.73 -0.79
N ASP B 101 -10.80 -6.14 -1.64
CA ASP B 101 -10.37 -5.19 -2.66
C ASP B 101 -9.62 -3.98 -2.11
N TYR B 102 -9.88 -3.65 -0.83
CA TYR B 102 -9.24 -2.50 -0.17
C TYR B 102 -8.15 -2.92 0.79
N ILE B 103 -7.63 -4.13 0.61
CA ILE B 103 -6.55 -4.57 1.46
C ILE B 103 -5.23 -3.97 0.90
N PHE B 104 -5.23 -3.58 -0.37
CA PHE B 104 -3.98 -3.05 -0.97
C PHE B 104 -3.25 -1.89 -0.33
N PRO B 105 -3.97 -0.87 0.18
CA PRO B 105 -3.27 0.17 0.91
C PRO B 105 -2.43 -0.39 2.05
N ALA B 106 -2.82 -1.54 2.60
CA ALA B 106 -2.07 -2.18 3.70
C ALA B 106 -1.06 -3.22 3.24
N PHE B 107 -0.83 -3.34 1.92
CA PHE B 107 0.08 -4.35 1.39
C PHE B 107 1.50 -4.31 1.98
N ASP B 108 2.03 -3.09 2.13
CA ASP B 108 3.35 -2.85 2.68
C ASP B 108 3.38 -3.30 4.13
N GLN B 109 2.37 -2.90 4.93
CA GLN B 109 2.36 -3.34 6.33
C GLN B 109 2.24 -4.86 6.44
N ILE B 110 1.52 -5.49 5.51
CA ILE B 110 1.36 -6.96 5.58
C ILE B 110 2.65 -7.69 5.14
N VAL B 111 3.12 -7.33 3.96
CA VAL B 111 4.28 -7.97 3.34
C VAL B 111 5.65 -7.61 3.93
N ASN B 112 5.93 -6.33 4.05
CA ASN B 112 7.24 -5.92 4.58
C ASN B 112 7.32 -5.95 6.08
N GLU B 113 6.17 -5.82 6.75
CA GLU B 113 6.17 -5.78 8.21
C GLU B 113 5.63 -7.05 8.87
N ALA B 114 4.31 -7.23 8.82
CA ALA B 114 3.70 -8.44 9.45
C ALA B 114 4.42 -9.76 9.12
N ALA B 115 4.57 -10.06 7.85
CA ALA B 115 5.18 -11.33 7.44
C ALA B 115 6.62 -11.53 7.90
N LYS B 116 7.38 -10.43 7.98
CA LYS B 116 8.79 -10.45 8.32
C LYS B 116 9.17 -10.12 9.75
N TYR B 117 8.16 -9.79 10.58
CA TYR B 117 8.37 -9.38 11.96
C TYR B 117 9.16 -10.33 12.85
N ARG B 118 8.81 -11.62 12.82
CA ARG B 118 9.51 -12.60 13.69
C ARG B 118 10.91 -12.89 13.15
N TYR B 119 10.96 -13.17 11.85
CA TYR B 119 12.23 -13.49 11.21
C TYR B 119 13.31 -12.43 11.41
N ARG B 120 12.96 -11.20 11.06
CA ARG B 120 13.90 -10.08 11.12
C ARG B 120 14.40 -9.69 12.51
N SER B 121 13.65 -10.07 13.54
CA SER B 121 14.07 -9.74 14.89
C SER B 121 14.75 -10.91 15.59
N GLY B 122 14.94 -12.04 14.89
CA GLY B 122 15.52 -13.25 15.51
C GLY B 122 14.57 -13.79 16.58
N ASP B 123 13.26 -13.57 16.37
CA ASP B 123 12.24 -14.00 17.33
C ASP B 123 12.24 -13.21 18.65
N LEU B 124 12.82 -12.00 18.63
CA LEU B 124 12.75 -11.13 19.82
C LEU B 124 11.35 -10.51 19.89
N PHE B 125 10.75 -10.29 18.72
CA PHE B 125 9.41 -9.72 18.60
C PHE B 125 8.62 -10.47 17.55
N ASN B 126 7.31 -10.39 17.65
CA ASN B 126 6.46 -11.03 16.65
C ASN B 126 5.08 -10.38 16.67
N CYS B 127 4.26 -10.67 15.65
CA CYS B 127 2.90 -10.17 15.61
C CYS B 127 2.04 -11.42 15.34
N GLY B 128 2.44 -12.51 15.99
CA GLY B 128 1.71 -13.78 15.81
C GLY B 128 0.23 -13.73 16.17
N SER B 129 -0.15 -12.87 17.10
CA SER B 129 -1.55 -12.75 17.56
C SER B 129 -2.47 -11.84 16.73
N LEU B 130 -2.03 -11.51 15.52
CA LEU B 130 -2.83 -10.70 14.60
C LEU B 130 -3.54 -11.60 13.59
N THR B 131 -4.82 -11.28 13.35
CA THR B 131 -5.60 -11.92 12.33
C THR B 131 -6.28 -10.76 11.60
N ILE B 132 -6.26 -10.83 10.26
CA ILE B 132 -6.93 -9.82 9.43
C ILE B 132 -8.10 -10.55 8.74
N ARG B 133 -9.34 -10.13 8.95
CA ARG B 133 -10.45 -10.82 8.24
C ARG B 133 -11.06 -9.85 7.23
N SER B 134 -11.46 -10.37 6.08
CA SER B 134 -11.97 -9.53 5.02
C SER B 134 -12.92 -10.28 4.10
N PRO B 135 -14.08 -9.66 3.78
CA PRO B 135 -15.00 -10.13 2.71
C PRO B 135 -14.25 -10.33 1.41
N TRP B 136 -14.56 -11.42 0.71
CA TRP B 136 -13.84 -11.79 -0.49
C TRP B 136 -14.72 -12.41 -1.57
N GLY B 137 -14.22 -12.45 -2.79
CA GLY B 137 -14.90 -13.09 -3.92
C GLY B 137 -16.07 -12.38 -4.54
N CYS B 138 -16.55 -12.94 -5.66
CA CYS B 138 -17.64 -12.31 -6.37
C CYS B 138 -18.96 -12.28 -5.60
N VAL B 139 -19.83 -11.32 -5.95
CA VAL B 139 -21.07 -11.16 -5.25
C VAL B 139 -22.24 -10.89 -6.21
N GLY B 140 -22.02 -11.09 -7.51
CA GLY B 140 -23.07 -10.88 -8.51
C GLY B 140 -23.06 -9.56 -9.25
N HIS B 141 -22.73 -8.49 -8.54
CA HIS B 141 -22.72 -7.13 -9.10
C HIS B 141 -21.67 -6.25 -8.44
N GLY B 142 -20.67 -6.84 -7.78
CA GLY B 142 -19.62 -6.07 -7.10
C GLY B 142 -18.65 -5.31 -7.99
N ALA B 143 -18.58 -5.68 -9.27
CA ALA B 143 -17.66 -5.03 -10.20
C ALA B 143 -16.18 -5.08 -9.77
N LEU B 144 -15.40 -4.10 -10.19
CA LEU B 144 -13.97 -4.10 -9.95
C LEU B 144 -13.49 -4.08 -8.53
N TYR B 145 -14.23 -3.39 -7.67
CA TYR B 145 -13.79 -3.19 -6.27
C TYR B 145 -14.60 -3.75 -5.14
N HIS B 146 -15.55 -4.63 -5.42
CA HIS B 146 -16.28 -5.29 -4.32
C HIS B 146 -16.39 -6.78 -4.69
N SER B 147 -15.45 -7.23 -5.54
CA SER B 147 -15.45 -8.63 -6.01
C SER B 147 -14.15 -9.40 -6.01
N GLN B 148 -13.03 -8.72 -5.77
CA GLN B 148 -11.71 -9.34 -5.89
C GLN B 148 -11.40 -10.50 -4.95
N SER B 149 -10.48 -11.33 -5.45
CA SER B 149 -9.95 -12.53 -4.80
C SER B 149 -8.42 -12.39 -4.79
N PRO B 150 -7.88 -11.65 -3.80
CA PRO B 150 -6.44 -11.34 -3.81
C PRO B 150 -5.47 -12.38 -3.26
N GLU B 151 -5.90 -13.61 -3.00
CA GLU B 151 -5.02 -14.62 -2.38
C GLU B 151 -3.64 -14.86 -3.03
N ALA B 152 -3.59 -14.85 -4.37
CA ALA B 152 -2.31 -15.09 -5.05
C ALA B 152 -1.29 -13.97 -4.81
N PHE B 153 -1.77 -12.75 -4.52
CA PHE B 153 -0.82 -11.69 -4.24
C PHE B 153 -0.11 -12.04 -2.94
N PHE B 154 -0.86 -12.53 -1.97
CA PHE B 154 -0.28 -12.90 -0.67
C PHE B 154 0.47 -14.20 -0.62
N ALA B 155 0.18 -15.10 -1.58
CA ALA B 155 0.82 -16.42 -1.60
C ALA B 155 2.33 -16.36 -1.85
N HIS B 156 2.79 -15.25 -2.41
CA HIS B 156 4.22 -15.06 -2.68
C HIS B 156 4.92 -14.40 -1.49
N CYS B 157 4.26 -14.32 -0.34
CA CYS B 157 4.87 -13.69 0.83
C CYS B 157 5.12 -14.63 2.01
N PRO B 158 6.34 -15.23 2.09
CA PRO B 158 6.64 -16.02 3.29
C PRO B 158 6.44 -15.29 4.62
N GLY B 159 5.84 -15.95 5.60
CA GLY B 159 5.62 -15.34 6.92
C GLY B 159 4.16 -15.12 7.29
N ILE B 160 3.27 -15.18 6.31
CA ILE B 160 1.84 -15.04 6.56
C ILE B 160 1.07 -16.29 6.16
N LYS B 161 -0.09 -16.48 6.77
CA LYS B 161 -0.98 -17.58 6.40
C LYS B 161 -2.21 -16.94 5.76
N VAL B 162 -2.75 -17.61 4.74
CA VAL B 162 -3.95 -17.14 4.00
C VAL B 162 -4.94 -18.32 4.02
N VAL B 163 -6.12 -18.06 4.58
CA VAL B 163 -7.11 -19.10 4.78
C VAL B 163 -8.48 -18.65 4.26
N ILE B 164 -9.16 -19.58 3.60
CA ILE B 164 -10.48 -19.31 3.00
C ILE B 164 -11.41 -20.50 3.21
N PRO B 165 -12.55 -20.28 3.88
CA PRO B 165 -13.56 -21.31 4.17
C PRO B 165 -14.64 -21.41 3.09
N ARG B 166 -15.35 -22.54 3.10
CA ARG B 166 -16.39 -22.78 2.11
C ARG B 166 -17.81 -22.82 2.64
N SER B 167 -17.96 -22.77 3.96
CA SER B 167 -19.25 -22.90 4.60
C SER B 167 -19.21 -22.32 6.01
N PRO B 168 -20.39 -22.15 6.65
CA PRO B 168 -20.41 -21.67 8.05
C PRO B 168 -19.68 -22.58 9.04
N PHE B 169 -19.84 -23.89 8.91
CA PHE B 169 -19.15 -24.78 9.86
C PHE B 169 -17.63 -24.61 9.67
N GLN B 170 -17.19 -24.61 8.43
CA GLN B 170 -15.77 -24.45 8.10
C GLN B 170 -15.22 -23.10 8.51
N ALA B 171 -16.00 -22.04 8.27
CA ALA B 171 -15.61 -20.68 8.63
C ALA B 171 -15.35 -20.51 10.13
N LYS B 172 -16.24 -21.01 10.97
CA LYS B 172 -16.03 -20.83 12.39
C LYS B 172 -14.78 -21.56 12.90
N GLY B 173 -14.60 -22.81 12.44
CA GLY B 173 -13.46 -23.65 12.87
C GLY B 173 -12.13 -23.11 12.36
N LEU B 174 -12.14 -22.67 11.10
CA LEU B 174 -10.89 -22.11 10.50
C LEU B 174 -10.55 -20.74 11.06
N LEU B 175 -11.56 -19.91 11.31
CA LEU B 175 -11.31 -18.59 11.88
C LEU B 175 -10.79 -18.75 13.30
N LEU B 176 -11.35 -19.65 14.09
CA LEU B 176 -10.83 -19.82 15.45
C LEU B 176 -9.35 -20.27 15.39
N SER B 177 -9.02 -21.15 14.45
CA SER B 177 -7.62 -21.63 14.28
C SER B 177 -6.74 -20.45 13.85
N CYS B 178 -7.27 -19.56 13.00
CA CYS B 178 -6.49 -18.38 12.61
C CYS B 178 -6.20 -17.49 13.80
N ILE B 179 -7.26 -17.18 14.54
CA ILE B 179 -7.12 -16.27 15.70
C ILE B 179 -6.11 -16.78 16.73
N GLU B 180 -6.08 -18.09 16.90
CA GLU B 180 -5.20 -18.78 17.87
C GLU B 180 -3.80 -19.15 17.38
N ASP B 181 -3.63 -19.16 16.07
CA ASP B 181 -2.36 -19.52 15.43
C ASP B 181 -1.33 -18.48 15.84
N LYS B 182 -0.06 -18.89 15.97
CA LYS B 182 0.99 -17.99 16.40
C LYS B 182 1.69 -17.27 15.24
N ASN B 183 0.93 -17.02 14.17
CA ASN B 183 1.49 -16.34 12.98
C ASN B 183 0.44 -15.36 12.48
N PRO B 184 0.87 -14.26 11.84
CA PRO B 184 -0.16 -13.36 11.25
C PRO B 184 -0.96 -14.07 10.17
N CYS B 185 -2.29 -13.99 10.24
CA CYS B 185 -3.16 -14.70 9.30
C CYS B 185 -4.15 -13.77 8.61
N ILE B 186 -4.44 -14.05 7.35
CA ILE B 186 -5.45 -13.30 6.60
C ILE B 186 -6.56 -14.35 6.39
N PHE B 187 -7.76 -14.03 6.86
CA PHE B 187 -8.90 -14.94 6.73
C PHE B 187 -9.90 -14.28 5.75
N PHE B 188 -10.07 -14.85 4.56
CA PHE B 188 -10.96 -14.29 3.53
C PHE B 188 -12.33 -14.97 3.61
N GLU B 189 -13.36 -14.16 3.83
CA GLU B 189 -14.74 -14.63 3.97
C GLU B 189 -15.54 -14.45 2.71
N PRO B 190 -15.90 -15.57 2.03
CA PRO B 190 -16.66 -15.45 0.78
C PRO B 190 -18.01 -14.77 1.03
N LYS B 191 -18.06 -13.50 0.65
CA LYS B 191 -19.22 -12.67 0.89
C LYS B 191 -20.53 -13.14 0.28
N ILE B 192 -20.46 -13.84 -0.84
CA ILE B 192 -21.67 -14.33 -1.48
C ILE B 192 -22.36 -15.39 -0.61
N LEU B 193 -21.59 -15.97 0.29
CA LEU B 193 -22.08 -16.98 1.21
C LEU B 193 -22.59 -16.43 2.53
N TYR B 194 -22.31 -15.17 2.85
CA TYR B 194 -22.71 -14.58 4.14
C TYR B 194 -24.16 -14.89 4.53
N ARG B 195 -25.08 -14.71 3.57
CA ARG B 195 -26.51 -14.98 3.76
C ARG B 195 -27.04 -16.19 2.98
N ALA B 196 -26.16 -16.95 2.36
CA ALA B 196 -26.57 -18.15 1.63
C ALA B 196 -27.10 -19.13 2.67
N ALA B 197 -27.25 -20.40 2.28
CA ALA B 197 -27.77 -21.44 3.20
C ALA B 197 -27.05 -21.53 4.55
N ALA B 198 -27.83 -21.80 5.58
CA ALA B 198 -27.30 -21.93 6.88
C ALA B 198 -26.99 -23.41 7.06
N GLU B 199 -26.26 -23.75 8.11
CA GLU B 199 -25.97 -25.16 8.39
C GLU B 199 -25.76 -25.17 9.89
N GLU B 200 -25.79 -26.34 10.49
CA GLU B 200 -25.63 -26.50 11.93
C GLU B 200 -24.21 -26.19 12.29
N VAL B 201 -24.01 -25.34 13.29
CA VAL B 201 -22.68 -24.96 13.71
C VAL B 201 -22.62 -25.01 15.22
N PRO B 202 -21.61 -25.70 15.77
CA PRO B 202 -21.42 -25.73 17.22
C PRO B 202 -21.32 -24.35 17.84
N ILE B 203 -22.02 -24.14 18.96
CA ILE B 203 -22.00 -22.84 19.64
C ILE B 203 -20.76 -22.61 20.49
N GLU B 204 -20.10 -23.71 20.89
CA GLU B 204 -18.88 -23.63 21.67
C GLU B 204 -17.71 -23.68 20.69
N PRO B 205 -16.52 -23.21 21.11
CA PRO B 205 -15.37 -23.19 20.20
C PRO B 205 -14.87 -24.57 19.78
N TYR B 206 -14.35 -24.64 18.56
CA TYR B 206 -13.77 -25.85 17.99
C TYR B 206 -12.80 -25.36 16.94
N ASN B 207 -11.84 -26.18 16.56
CA ASN B 207 -10.85 -25.78 15.57
C ASN B 207 -10.79 -26.72 14.42
N ILE B 208 -10.45 -26.17 13.26
CA ILE B 208 -10.22 -26.93 12.04
C ILE B 208 -8.77 -26.58 11.69
N PRO B 209 -7.91 -27.59 11.43
CA PRO B 209 -6.52 -27.24 11.25
C PRO B 209 -6.20 -26.45 9.98
N LEU B 210 -5.16 -25.63 10.07
CA LEU B 210 -4.66 -24.84 8.94
C LEU B 210 -3.69 -25.73 8.20
N SER B 211 -3.42 -25.38 6.93
CA SER B 211 -2.51 -26.14 6.04
C SER B 211 -2.94 -27.59 5.82
N GLN B 212 -4.26 -27.81 5.83
CA GLN B 212 -4.88 -29.11 5.59
C GLN B 212 -6.07 -28.94 4.67
N ALA B 213 -6.00 -29.64 3.54
CA ALA B 213 -7.04 -29.65 2.54
C ALA B 213 -8.06 -30.72 2.99
N GLU B 214 -9.27 -30.64 2.47
CA GLU B 214 -10.28 -31.63 2.83
C GLU B 214 -10.79 -32.32 1.57
N VAL B 215 -10.72 -33.65 1.54
CA VAL B 215 -11.24 -34.40 0.42
C VAL B 215 -12.72 -34.56 0.80
N ILE B 216 -13.59 -33.78 0.19
CA ILE B 216 -15.01 -33.83 0.56
C ILE B 216 -15.80 -34.89 -0.16
N GLN B 217 -15.28 -35.36 -1.28
CA GLN B 217 -15.91 -36.42 -2.05
C GLN B 217 -14.78 -37.24 -2.65
N GLU B 218 -14.84 -38.55 -2.42
CA GLU B 218 -13.83 -39.47 -2.93
C GLU B 218 -14.13 -39.81 -4.39
N GLY B 219 -13.08 -39.98 -5.19
CA GLY B 219 -13.25 -40.29 -6.61
C GLY B 219 -12.00 -40.95 -7.15
N SER B 220 -12.08 -41.54 -8.34
CA SER B 220 -10.94 -42.25 -8.89
C SER B 220 -10.41 -41.84 -10.27
N ASP B 221 -11.17 -41.06 -11.05
CA ASP B 221 -10.75 -40.67 -12.40
C ASP B 221 -10.08 -39.30 -12.58
N VAL B 222 -10.42 -38.37 -11.69
CA VAL B 222 -9.87 -37.01 -11.79
C VAL B 222 -9.97 -36.35 -10.44
N THR B 223 -9.02 -35.46 -10.14
CA THR B 223 -9.02 -34.72 -8.90
C THR B 223 -9.41 -33.28 -9.27
N LEU B 224 -10.31 -32.71 -8.48
N LEU B 224 -10.35 -32.70 -8.50
CA LEU B 224 -10.76 -31.32 -8.69
CA LEU B 224 -10.81 -31.31 -8.69
C LEU B 224 -10.42 -30.57 -7.42
C LEU B 224 -10.47 -30.54 -7.42
N VAL B 225 -9.78 -29.41 -7.56
CA VAL B 225 -9.37 -28.61 -6.38
C VAL B 225 -9.90 -27.19 -6.51
N ALA B 226 -10.46 -26.65 -5.43
CA ALA B 226 -10.95 -25.26 -5.48
C ALA B 226 -11.00 -24.81 -4.05
N TRP B 227 -11.46 -23.58 -3.81
CA TRP B 227 -11.56 -23.06 -2.45
C TRP B 227 -12.67 -22.02 -2.46
N GLY B 228 -13.16 -21.65 -1.28
CA GLY B 228 -14.25 -20.70 -1.16
C GLY B 228 -15.49 -21.25 -1.86
N THR B 229 -16.29 -20.34 -2.40
CA THR B 229 -17.52 -20.66 -3.13
C THR B 229 -17.26 -21.61 -4.29
N GLN B 230 -16.08 -21.51 -4.91
CA GLN B 230 -15.77 -22.38 -6.06
C GLN B 230 -15.82 -23.87 -5.70
N VAL B 231 -15.73 -24.18 -4.41
CA VAL B 231 -15.82 -25.58 -4.00
C VAL B 231 -17.22 -26.08 -4.35
N HIS B 232 -18.22 -25.22 -4.17
CA HIS B 232 -19.60 -25.63 -4.48
C HIS B 232 -19.81 -25.84 -5.97
N VAL B 233 -19.08 -25.06 -6.77
CA VAL B 233 -19.11 -25.18 -8.21
C VAL B 233 -18.50 -26.55 -8.62
N ILE B 234 -17.35 -26.91 -8.06
CA ILE B 234 -16.72 -28.19 -8.44
C ILE B 234 -17.46 -29.43 -7.92
N ARG B 235 -18.25 -29.26 -6.86
CA ARG B 235 -19.08 -30.36 -6.32
C ARG B 235 -20.15 -30.64 -7.39
N GLU B 236 -20.69 -29.56 -7.98
CA GLU B 236 -21.73 -29.65 -9.02
C GLU B 236 -21.15 -30.24 -10.29
N VAL B 237 -19.93 -29.83 -10.64
CA VAL B 237 -19.24 -30.35 -11.81
C VAL B 237 -19.04 -31.88 -11.66
N ALA B 238 -18.71 -32.32 -10.44
CA ALA B 238 -18.50 -33.75 -10.14
C ALA B 238 -19.78 -34.54 -10.37
N SER B 239 -20.90 -33.92 -10.01
CA SER B 239 -22.22 -34.51 -10.18
C SER B 239 -22.55 -34.63 -11.68
N MET B 240 -22.26 -33.55 -12.41
CA MET B 240 -22.50 -33.49 -13.85
C MET B 240 -21.64 -34.52 -14.58
N ALA B 241 -20.39 -34.66 -14.13
CA ALA B 241 -19.46 -35.60 -14.74
C ALA B 241 -19.86 -37.05 -14.52
N LYS B 242 -20.42 -37.35 -13.35
CA LYS B 242 -20.86 -38.70 -13.04
C LYS B 242 -22.07 -39.03 -13.91
N GLU B 243 -23.01 -38.08 -13.96
CA GLU B 243 -24.24 -38.21 -14.72
C GLU B 243 -24.04 -38.29 -16.23
N LYS B 244 -23.40 -37.27 -16.82
CA LYS B 244 -23.22 -37.23 -18.25
C LYS B 244 -22.07 -38.02 -18.84
N LEU B 245 -21.03 -38.26 -18.05
CA LEU B 245 -19.88 -38.95 -18.59
C LEU B 245 -19.49 -40.25 -17.91
N GLY B 246 -20.08 -40.53 -16.75
CA GLY B 246 -19.73 -41.73 -16.00
C GLY B 246 -18.32 -41.60 -15.43
N VAL B 247 -17.94 -40.37 -15.07
CA VAL B 247 -16.62 -40.04 -14.52
C VAL B 247 -16.68 -39.85 -12.99
N SER B 248 -15.76 -40.49 -12.29
CA SER B 248 -15.65 -40.43 -10.83
C SER B 248 -14.63 -39.35 -10.42
N CYS B 249 -15.15 -38.25 -9.86
CA CYS B 249 -14.35 -37.11 -9.43
C CYS B 249 -14.04 -37.03 -7.94
N GLU B 250 -12.78 -36.79 -7.59
CA GLU B 250 -12.35 -36.61 -6.21
C GLU B 250 -12.39 -35.08 -6.01
N VAL B 251 -13.23 -34.62 -5.10
CA VAL B 251 -13.44 -33.17 -4.88
C VAL B 251 -12.66 -32.69 -3.66
N ILE B 252 -11.77 -31.72 -3.88
CA ILE B 252 -10.97 -31.25 -2.76
C ILE B 252 -11.07 -29.74 -2.48
N ASP B 253 -11.28 -29.40 -1.19
CA ASP B 253 -11.32 -28.02 -0.71
C ASP B 253 -9.91 -27.73 -0.15
N LEU B 254 -9.14 -26.86 -0.81
CA LEU B 254 -7.78 -26.55 -0.32
C LEU B 254 -7.74 -25.93 1.08
N ARG B 255 -8.70 -25.03 1.34
CA ARG B 255 -8.85 -24.31 2.62
C ARG B 255 -7.71 -23.31 2.93
N THR B 256 -6.47 -23.79 3.03
CA THR B 256 -5.35 -22.90 3.33
C THR B 256 -4.51 -22.70 2.07
N ILE B 257 -4.38 -21.45 1.67
CA ILE B 257 -3.61 -21.08 0.47
C ILE B 257 -2.10 -21.19 0.74
N ILE B 258 -1.64 -20.65 1.86
CA ILE B 258 -0.25 -20.81 2.30
C ILE B 258 -0.21 -20.88 3.81
N PRO B 259 0.64 -21.75 4.37
CA PRO B 259 1.31 -22.90 3.70
C PRO B 259 0.24 -23.92 3.24
N TRP B 260 0.27 -24.34 1.98
CA TRP B 260 -0.75 -25.28 1.46
C TRP B 260 -0.43 -26.76 1.65
N ASP B 261 -1.49 -27.57 1.62
CA ASP B 261 -1.43 -29.03 1.83
C ASP B 261 -1.01 -29.75 0.54
N VAL B 262 0.28 -29.67 0.26
CA VAL B 262 0.88 -30.30 -0.92
C VAL B 262 0.59 -31.82 -0.95
N ASP B 263 0.80 -32.44 0.20
CA ASP B 263 0.62 -33.88 0.40
C ASP B 263 -0.74 -34.43 0.02
N THR B 264 -1.81 -33.82 0.55
CA THR B 264 -3.17 -34.29 0.23
C THR B 264 -3.46 -34.21 -1.25
N ILE B 265 -3.03 -33.11 -1.88
CA ILE B 265 -3.26 -32.94 -3.31
C ILE B 265 -2.47 -33.95 -4.14
N CYS B 266 -1.18 -34.07 -3.85
CA CYS B 266 -0.35 -35.02 -4.60
C CYS B 266 -0.87 -36.45 -4.42
N LYS B 267 -1.27 -36.81 -3.21
CA LYS B 267 -1.79 -38.16 -2.95
C LYS B 267 -2.99 -38.46 -3.86
N SER B 268 -3.90 -37.50 -3.96
CA SER B 268 -5.07 -37.65 -4.80
C SER B 268 -4.71 -37.79 -6.25
N VAL B 269 -3.78 -36.97 -6.74
CA VAL B 269 -3.41 -37.03 -8.14
C VAL B 269 -2.67 -38.32 -8.48
N ILE B 270 -1.90 -38.82 -7.53
CA ILE B 270 -1.17 -40.07 -7.74
C ILE B 270 -2.17 -41.18 -8.05
N LYS B 271 -3.30 -41.16 -7.36
CA LYS B 271 -4.36 -42.14 -7.57
C LYS B 271 -5.18 -41.91 -8.86
N THR B 272 -5.63 -40.67 -9.08
CA THR B 272 -6.46 -40.35 -10.25
C THR B 272 -5.73 -40.13 -11.57
N GLY B 273 -4.54 -39.53 -11.53
CA GLY B 273 -3.76 -39.25 -12.73
C GLY B 273 -4.16 -38.01 -13.53
N ARG B 274 -5.14 -37.27 -13.03
CA ARG B 274 -5.62 -36.06 -13.69
C ARG B 274 -6.04 -35.02 -12.66
N LEU B 275 -5.76 -33.76 -12.96
CA LEU B 275 -6.08 -32.67 -12.05
C LEU B 275 -6.67 -31.46 -12.78
N LEU B 276 -7.71 -30.89 -12.19
CA LEU B 276 -8.30 -29.67 -12.71
C LEU B 276 -8.39 -28.74 -11.47
N ILE B 277 -7.84 -27.53 -11.60
CA ILE B 277 -7.86 -26.56 -10.50
C ILE B 277 -8.71 -25.38 -10.98
N SER B 278 -9.55 -24.86 -10.09
CA SER B 278 -10.40 -23.74 -10.49
C SER B 278 -10.45 -22.65 -9.43
N HIS B 279 -10.39 -21.39 -9.87
CA HIS B 279 -10.51 -20.26 -8.96
C HIS B 279 -11.08 -19.05 -9.66
N GLU B 280 -11.83 -18.25 -8.91
CA GLU B 280 -12.41 -17.00 -9.45
C GLU B 280 -11.34 -16.00 -9.87
N ALA B 281 -10.21 -15.97 -9.16
CA ALA B 281 -9.12 -15.03 -9.46
C ALA B 281 -8.59 -15.21 -10.88
N PRO B 282 -8.05 -14.13 -11.49
CA PRO B 282 -7.45 -14.30 -12.81
C PRO B 282 -6.45 -15.43 -12.92
N LEU B 283 -6.39 -15.99 -14.12
CA LEU B 283 -5.48 -17.08 -14.42
C LEU B 283 -4.00 -16.77 -14.18
N THR B 284 -3.49 -15.77 -14.90
CA THR B 284 -2.06 -15.46 -14.84
C THR B 284 -1.59 -15.05 -13.44
N GLY B 285 -0.66 -15.83 -12.87
CA GLY B 285 -0.15 -15.53 -11.56
C GLY B 285 -1.09 -15.97 -10.45
N GLY B 286 -2.21 -16.58 -10.81
CA GLY B 286 -3.22 -17.08 -9.85
C GLY B 286 -2.64 -18.26 -9.10
N PHE B 287 -3.23 -18.60 -7.96
CA PHE B 287 -2.67 -19.69 -7.16
C PHE B 287 -2.68 -21.08 -7.83
N ALA B 288 -3.55 -21.27 -8.82
CA ALA B 288 -3.58 -22.56 -9.54
C ALA B 288 -2.22 -22.85 -10.20
N SER B 289 -1.49 -21.81 -10.62
N SER B 289 -1.48 -21.81 -10.60
CA SER B 289 -0.17 -22.03 -11.24
CA SER B 289 -0.17 -21.99 -11.21
C SER B 289 0.80 -22.69 -10.26
C SER B 289 0.79 -22.69 -10.26
N GLU B 290 0.75 -22.28 -8.99
CA GLU B 290 1.64 -22.87 -7.97
C GLU B 290 1.29 -24.33 -7.73
N ILE B 291 0.02 -24.61 -7.63
CA ILE B 291 -0.46 -26.00 -7.43
C ILE B 291 -0.11 -26.85 -8.64
N SER B 292 -0.44 -26.36 -9.82
CA SER B 292 -0.16 -27.11 -11.05
C SER B 292 1.35 -27.42 -11.20
N SER B 293 2.19 -26.41 -10.99
N SER B 293 2.20 -26.40 -11.01
CA SER B 293 3.65 -26.59 -11.11
CA SER B 293 3.65 -26.58 -11.13
C SER B 293 4.18 -27.62 -10.13
C SER B 293 4.21 -27.60 -10.13
N THR B 294 3.71 -27.52 -8.88
CA THR B 294 4.12 -28.43 -7.82
C THR B 294 3.67 -29.87 -8.08
N VAL B 295 2.42 -30.02 -8.51
CA VAL B 295 1.87 -31.35 -8.78
C VAL B 295 2.61 -32.01 -9.94
N GLN B 296 2.91 -31.23 -10.97
CA GLN B 296 3.63 -31.75 -12.10
C GLN B 296 5.05 -32.21 -11.66
N GLU B 297 5.64 -31.48 -10.73
CA GLU B 297 6.97 -31.78 -10.18
C GLU B 297 6.95 -33.09 -9.40
N GLU B 298 5.92 -33.29 -8.59
CA GLU B 298 5.81 -34.46 -7.75
C GLU B 298 5.11 -35.67 -8.35
N CYS B 299 4.22 -35.45 -9.32
CA CYS B 299 3.43 -36.54 -9.90
C CYS B 299 3.60 -36.76 -11.39
N PHE B 300 4.77 -36.41 -11.92
CA PHE B 300 5.04 -36.59 -13.35
C PHE B 300 4.78 -38.00 -13.92
N LEU B 301 5.13 -39.02 -13.15
CA LEU B 301 4.97 -40.41 -13.59
C LEU B 301 3.53 -40.88 -13.55
N ASN B 302 2.68 -40.12 -12.86
CA ASN B 302 1.27 -40.46 -12.71
C ASN B 302 0.31 -39.65 -13.56
N LEU B 303 0.73 -38.48 -14.01
CA LEU B 303 -0.13 -37.59 -14.81
C LEU B 303 -0.39 -38.12 -16.21
N GLU B 304 -1.67 -38.33 -16.51
CA GLU B 304 -2.08 -38.85 -17.81
C GLU B 304 -2.53 -37.81 -18.81
N ALA B 305 -2.67 -36.57 -18.35
CA ALA B 305 -3.13 -35.48 -19.20
C ALA B 305 -2.53 -34.17 -18.65
N PRO B 306 -2.47 -33.13 -19.49
CA PRO B 306 -2.07 -31.84 -18.91
C PRO B 306 -3.06 -31.39 -17.83
N ILE B 307 -2.53 -30.73 -16.81
CA ILE B 307 -3.33 -30.22 -15.69
C ILE B 307 -4.13 -29.05 -16.23
N SER B 308 -5.42 -29.00 -15.90
CA SER B 308 -6.27 -27.93 -16.38
C SER B 308 -6.51 -26.83 -15.30
N ARG B 309 -6.51 -25.57 -15.74
CA ARG B 309 -6.74 -24.45 -14.84
C ARG B 309 -7.95 -23.72 -15.40
N VAL B 310 -9.05 -23.64 -14.65
CA VAL B 310 -10.25 -22.95 -15.14
C VAL B 310 -10.44 -21.77 -14.19
N CYS B 311 -10.04 -20.61 -14.65
CA CYS B 311 -10.01 -19.43 -13.81
C CYS B 311 -10.73 -18.25 -14.39
N GLY B 312 -10.74 -17.16 -13.61
CA GLY B 312 -11.30 -15.93 -14.13
C GLY B 312 -10.34 -15.48 -15.24
N TYR B 313 -10.83 -14.68 -16.18
CA TYR B 313 -10.01 -14.14 -17.26
C TYR B 313 -9.01 -13.09 -16.73
N ASP B 314 -8.00 -12.80 -17.53
CA ASP B 314 -6.97 -11.83 -17.15
C ASP B 314 -7.45 -10.40 -17.43
N THR B 315 -8.50 -10.00 -16.70
CA THR B 315 -9.10 -8.69 -16.84
C THR B 315 -9.43 -8.22 -15.42
N PRO B 316 -9.76 -6.93 -15.26
CA PRO B 316 -10.43 -6.50 -14.02
C PRO B 316 -11.81 -7.18 -13.93
N PHE B 317 -12.40 -7.14 -12.74
CA PHE B 317 -13.68 -7.82 -12.55
C PHE B 317 -14.86 -6.94 -12.95
N PRO B 318 -15.58 -7.32 -14.01
CA PRO B 318 -16.55 -6.40 -14.60
C PRO B 318 -17.92 -6.39 -13.89
N HIS B 319 -18.66 -5.31 -14.04
CA HIS B 319 -20.00 -5.20 -13.47
C HIS B 319 -21.03 -6.00 -14.31
N ILE B 320 -21.48 -5.44 -15.44
CA ILE B 320 -22.53 -6.06 -16.26
C ILE B 320 -22.16 -7.45 -16.82
N PHE B 321 -20.87 -7.66 -17.07
CA PHE B 321 -20.41 -8.94 -17.62
C PHE B 321 -20.11 -10.06 -16.63
N GLU B 322 -20.39 -9.87 -15.34
CA GLU B 322 -20.11 -10.92 -14.38
C GLU B 322 -20.48 -12.36 -14.82
N PRO B 323 -21.71 -12.58 -15.36
CA PRO B 323 -22.08 -13.98 -15.71
C PRO B 323 -21.15 -14.64 -16.75
N PHE B 324 -20.50 -13.83 -17.57
CA PHE B 324 -19.59 -14.32 -18.60
C PHE B 324 -18.14 -14.41 -18.12
N TYR B 325 -17.82 -13.69 -17.05
CA TYR B 325 -16.45 -13.68 -16.51
C TYR B 325 -16.09 -14.91 -15.64
N ILE B 326 -16.97 -15.25 -14.71
CA ILE B 326 -16.71 -16.31 -13.73
C ILE B 326 -16.50 -17.73 -14.29
N PRO B 327 -15.59 -18.53 -13.67
CA PRO B 327 -15.33 -19.92 -14.08
C PRO B 327 -16.49 -20.83 -13.59
N ASP B 328 -17.65 -20.66 -14.22
CA ASP B 328 -18.84 -21.42 -13.78
C ASP B 328 -18.80 -22.94 -14.03
N LYS B 329 -19.84 -23.63 -13.58
CA LYS B 329 -19.91 -25.10 -13.72
C LYS B 329 -19.78 -25.56 -15.18
N TRP B 330 -20.32 -24.80 -16.12
CA TRP B 330 -20.24 -25.15 -17.55
C TRP B 330 -18.82 -25.05 -18.11
N LYS B 331 -18.09 -24.02 -17.68
CA LYS B 331 -16.70 -23.86 -18.13
C LYS B 331 -15.83 -24.95 -17.53
N CYS B 332 -16.07 -25.26 -16.26
CA CYS B 332 -15.31 -26.30 -15.55
C CYS B 332 -15.60 -27.69 -16.15
N TYR B 333 -16.88 -27.95 -16.39
CA TYR B 333 -17.34 -29.22 -17.00
C TYR B 333 -16.73 -29.41 -18.40
N ASP B 334 -16.76 -28.37 -19.24
CA ASP B 334 -16.21 -28.49 -20.59
C ASP B 334 -14.72 -28.79 -20.57
N ALA B 335 -13.98 -28.13 -19.69
CA ALA B 335 -12.54 -28.33 -19.53
C ALA B 335 -12.27 -29.74 -19.01
N LEU B 336 -13.12 -30.18 -18.10
CA LEU B 336 -13.00 -31.53 -17.54
C LEU B 336 -13.26 -32.55 -18.64
N ARG B 337 -14.32 -32.32 -19.41
CA ARG B 337 -14.68 -33.23 -20.53
C ARG B 337 -13.49 -33.41 -21.48
N LYS B 338 -12.91 -32.30 -21.92
CA LYS B 338 -11.75 -32.34 -22.81
C LYS B 338 -10.53 -33.02 -22.18
N MET B 339 -10.32 -32.80 -20.89
CA MET B 339 -9.21 -33.40 -20.17
C MET B 339 -9.39 -34.92 -20.05
N ILE B 340 -10.63 -35.36 -19.86
CA ILE B 340 -10.95 -36.79 -19.75
C ILE B 340 -10.71 -37.46 -21.12
N ASN B 341 -11.16 -36.79 -22.19
CA ASN B 341 -10.99 -37.30 -23.57
C ASN B 341 -9.56 -37.28 -24.07
N TYR B 342 -8.67 -36.59 -23.36
CA TYR B 342 -7.28 -36.46 -23.76
C TYR B 342 -6.60 -37.83 -23.89
N GLY B 343 -6.15 -38.17 -24.99
N LYS C 6 19.13 33.86 17.61
CA LYS C 6 18.19 33.36 16.54
C LYS C 6 18.49 31.91 16.12
N PRO C 7 17.44 31.06 16.08
CA PRO C 7 17.62 29.67 15.64
C PRO C 7 18.16 29.59 14.21
N GLN C 8 19.03 28.61 13.94
CA GLN C 8 19.64 28.43 12.63
C GLN C 8 19.23 27.13 11.93
N PHE C 9 18.25 26.43 12.51
CA PHE C 9 17.82 25.17 11.94
C PHE C 9 17.20 25.28 10.56
N PRO C 10 17.62 24.42 9.63
CA PRO C 10 17.08 24.48 8.28
C PRO C 10 15.58 24.10 8.19
N GLY C 11 15.13 23.15 9.00
CA GLY C 11 13.74 22.65 9.02
C GLY C 11 12.58 23.57 9.37
N ALA C 12 12.85 24.64 10.09
CA ALA C 12 11.80 25.59 10.46
C ALA C 12 12.36 27.00 10.57
N SER C 13 11.45 27.98 10.55
CA SER C 13 11.79 29.38 10.68
C SER C 13 11.01 29.82 11.90
N ALA C 14 11.74 30.13 12.98
CA ALA C 14 11.13 30.52 14.23
C ALA C 14 12.13 31.19 15.17
N GLU C 15 11.62 31.60 16.32
CA GLU C 15 12.41 32.21 17.37
C GLU C 15 12.53 31.17 18.50
N PHE C 16 13.41 31.41 19.44
CA PHE C 16 13.55 30.54 20.60
C PHE C 16 12.49 30.94 21.62
N ILE C 17 12.14 30.01 22.51
CA ILE C 17 11.21 30.28 23.60
C ILE C 17 11.90 29.73 24.86
N ASP C 18 11.86 30.48 25.97
CA ASP C 18 12.54 30.01 27.20
C ASP C 18 11.67 29.37 28.26
N LYS C 19 10.42 29.06 27.90
CA LYS C 19 9.46 28.40 28.82
C LYS C 19 8.81 27.26 28.04
N LEU C 20 8.59 26.15 28.73
N LEU C 20 8.59 26.15 28.73
CA LEU C 20 7.99 24.98 28.12
CA LEU C 20 7.97 24.97 28.14
C LEU C 20 6.49 25.22 27.99
C LEU C 20 6.48 25.19 28.00
N GLU C 21 6.00 25.19 26.76
CA GLU C 21 4.58 25.39 26.47
C GLU C 21 4.15 24.50 25.31
N PHE C 22 3.25 23.55 25.54
CA PHE C 22 2.76 22.72 24.43
C PHE C 22 1.69 23.51 23.72
N ILE C 23 1.58 23.30 22.42
CA ILE C 23 0.59 23.99 21.61
C ILE C 23 -0.68 23.15 21.67
N GLN C 24 -1.77 23.79 22.10
CA GLN C 24 -3.07 23.14 22.20
C GLN C 24 -3.83 23.35 20.91
N PRO C 25 -4.44 22.29 20.38
CA PRO C 25 -5.41 22.49 19.30
C PRO C 25 -6.65 23.30 19.73
N ASN C 26 -7.19 24.09 18.82
CA ASN C 26 -8.41 24.90 19.06
C ASN C 26 -9.60 24.18 18.41
N VAL C 27 -10.11 23.16 19.08
CA VAL C 27 -11.21 22.37 18.53
C VAL C 27 -12.63 22.82 18.94
N ILE C 28 -12.79 23.25 20.19
CA ILE C 28 -14.09 23.73 20.71
C ILE C 28 -14.52 24.99 19.97
N SER C 29 -13.53 25.84 19.65
CA SER C 29 -13.78 27.03 18.88
C SER C 29 -12.93 26.91 17.61
N GLY C 30 -13.41 26.09 16.70
CA GLY C 30 -12.71 25.84 15.46
C GLY C 30 -12.77 26.94 14.43
N ILE C 31 -12.30 26.63 13.23
CA ILE C 31 -12.32 27.55 12.14
C ILE C 31 -13.80 27.85 11.85
N PRO C 32 -14.18 29.16 11.76
CA PRO C 32 -15.59 29.51 11.55
C PRO C 32 -16.13 29.08 10.18
N ILE C 33 -17.46 28.95 10.13
CA ILE C 33 -18.18 28.51 8.95
C ILE C 33 -18.68 29.72 8.15
N TYR C 34 -18.12 29.89 6.96
CA TYR C 34 -18.49 31.01 6.09
C TYR C 34 -19.89 30.81 5.54
N ARG C 35 -20.77 31.80 5.77
N ARG C 35 -20.71 31.84 5.70
CA ARG C 35 -22.18 31.76 5.34
CA ARG C 35 -22.06 31.82 5.22
C ARG C 35 -22.60 33.10 4.71
C ARG C 35 -22.34 33.13 4.49
N VAL C 36 -23.23 33.05 3.53
CA VAL C 36 -23.65 34.24 2.77
C VAL C 36 -25.15 34.53 3.03
N MET C 37 -25.98 33.50 2.93
CA MET C 37 -27.40 33.71 3.17
C MET C 37 -27.87 32.88 4.35
N ASP C 38 -28.86 33.40 5.07
CA ASP C 38 -29.41 32.68 6.22
C ASP C 38 -30.35 31.57 5.76
N ARG C 39 -30.99 30.89 6.72
CA ARG C 39 -31.90 29.80 6.41
C ARG C 39 -33.18 30.25 5.71
N GLN C 40 -33.42 31.55 5.73
CA GLN C 40 -34.60 32.13 5.06
C GLN C 40 -34.20 32.68 3.66
N GLY C 41 -33.00 32.33 3.19
CA GLY C 41 -32.52 32.76 1.89
C GLY C 41 -32.22 34.24 1.76
N GLN C 42 -31.97 34.91 2.87
CA GLN C 42 -31.64 36.34 2.84
C GLN C 42 -30.13 36.57 2.95
N ILE C 43 -29.62 37.47 2.12
CA ILE C 43 -28.20 37.81 2.11
C ILE C 43 -27.91 38.52 3.43
N ILE C 44 -27.00 37.96 4.20
CA ILE C 44 -26.64 38.52 5.49
C ILE C 44 -25.72 39.74 5.46
N ASN C 45 -24.83 39.78 4.47
CA ASN C 45 -23.87 40.86 4.35
C ASN C 45 -23.73 41.17 2.85
N PRO C 46 -24.42 42.23 2.38
CA PRO C 46 -24.38 42.65 0.97
C PRO C 46 -23.02 42.62 0.31
N SER C 47 -21.96 42.95 1.05
CA SER C 47 -20.60 42.94 0.51
C SER C 47 -20.17 41.56 0.00
N GLU C 48 -20.83 40.52 0.51
CA GLU C 48 -20.54 39.14 0.15
C GLU C 48 -21.44 38.57 -0.94
N ASP C 49 -22.45 39.35 -1.35
CA ASP C 49 -23.35 38.89 -2.41
C ASP C 49 -22.59 38.75 -3.74
N PRO C 50 -22.62 37.56 -4.37
CA PRO C 50 -21.96 37.48 -5.68
C PRO C 50 -22.75 38.13 -6.83
N HIS C 51 -24.00 38.47 -6.56
CA HIS C 51 -24.86 39.09 -7.57
C HIS C 51 -24.83 38.28 -8.86
N LEU C 52 -25.03 36.97 -8.76
CA LEU C 52 -25.06 36.14 -9.93
C LEU C 52 -26.36 36.47 -10.68
N PRO C 53 -26.30 36.50 -12.01
CA PRO C 53 -27.50 36.78 -12.84
C PRO C 53 -28.60 35.75 -12.68
N LYS C 54 -29.84 36.20 -12.88
CA LYS C 54 -31.02 35.36 -12.75
C LYS C 54 -30.88 34.03 -13.48
N GLU C 55 -30.46 34.05 -14.74
CA GLU C 55 -30.33 32.81 -15.51
C GLU C 55 -29.38 31.80 -14.81
N LYS C 56 -28.28 32.32 -14.27
N LYS C 56 -28.27 32.28 -14.28
CA LYS C 56 -27.27 31.50 -13.56
CA LYS C 56 -27.33 31.36 -13.60
C LYS C 56 -27.83 30.88 -12.28
C LYS C 56 -27.89 30.82 -12.28
N VAL C 57 -28.52 31.69 -11.48
CA VAL C 57 -29.10 31.21 -10.22
C VAL C 57 -30.22 30.17 -10.48
N LEU C 58 -31.00 30.39 -11.54
CA LEU C 58 -32.05 29.45 -11.94
C LEU C 58 -31.42 28.13 -12.37
N LYS C 59 -30.26 28.20 -13.04
CA LYS C 59 -29.54 26.98 -13.45
C LYS C 59 -29.06 26.24 -12.21
N LEU C 60 -28.57 26.97 -11.21
CA LEU C 60 -28.11 26.34 -9.98
C LEU C 60 -29.32 25.63 -9.34
N TYR C 61 -30.46 26.31 -9.28
CA TYR C 61 -31.66 25.71 -8.68
C TYR C 61 -32.17 24.49 -9.45
N LYS C 62 -32.32 24.64 -10.75
CA LYS C 62 -32.80 23.55 -11.56
C LYS C 62 -31.86 22.36 -11.64
N SER C 63 -30.56 22.60 -11.53
CA SER C 63 -29.59 21.48 -11.57
C SER C 63 -29.74 20.66 -10.30
N MET C 64 -29.86 21.36 -9.16
CA MET C 64 -30.02 20.72 -7.84
C MET C 64 -31.29 19.90 -7.76
N THR C 65 -32.40 20.49 -8.23
CA THR C 65 -33.69 19.83 -8.18
C THR C 65 -33.78 18.69 -9.18
N LEU C 66 -33.21 18.84 -10.39
CA LEU C 66 -33.25 17.74 -11.37
C LEU C 66 -32.45 16.54 -10.80
N LEU C 67 -31.33 16.82 -10.15
CA LEU C 67 -30.51 15.77 -9.53
C LEU C 67 -31.30 15.06 -8.42
N ASN C 68 -32.00 15.82 -7.59
CA ASN C 68 -32.83 15.27 -6.51
C ASN C 68 -33.93 14.37 -7.10
N THR C 69 -34.55 14.83 -8.19
CA THR C 69 -35.57 14.04 -8.90
C THR C 69 -34.97 12.74 -9.42
N MET C 70 -33.78 12.82 -9.99
CA MET C 70 -33.11 11.64 -10.53
C MET C 70 -32.75 10.66 -9.41
N ASP C 71 -32.25 11.19 -8.29
CA ASP C 71 -31.89 10.38 -7.13
C ASP C 71 -33.09 9.58 -6.61
N ARG C 72 -34.24 10.24 -6.48
CA ARG C 72 -35.46 9.59 -5.97
C ARG C 72 -35.87 8.43 -6.85
N ILE C 73 -35.84 8.66 -8.15
CA ILE C 73 -36.18 7.64 -9.14
C ILE C 73 -35.17 6.47 -9.20
N LEU C 74 -33.89 6.79 -9.18
CA LEU C 74 -32.87 5.73 -9.24
C LEU C 74 -32.77 4.98 -7.92
N TYR C 75 -32.99 5.68 -6.82
CA TYR C 75 -32.97 5.02 -5.51
C TYR C 75 -34.11 3.97 -5.52
N GLU C 76 -35.28 4.39 -5.98
CA GLU C 76 -36.42 3.47 -6.04
C GLU C 76 -36.14 2.30 -7.02
N SER C 77 -35.49 2.61 -8.14
CA SER C 77 -35.13 1.62 -9.13
C SER C 77 -34.22 0.55 -8.48
N GLN C 78 -33.32 0.99 -7.60
CA GLN C 78 -32.44 0.05 -6.95
C GLN C 78 -33.24 -0.83 -5.98
N ARG C 79 -34.17 -0.24 -5.22
CA ARG C 79 -35.01 -1.02 -4.30
C ARG C 79 -35.82 -2.09 -5.03
N GLN C 80 -36.20 -1.80 -6.28
CA GLN C 80 -36.93 -2.74 -7.09
C GLN C 80 -36.03 -3.76 -7.76
N GLY C 81 -34.72 -3.57 -7.64
CA GLY C 81 -33.75 -4.48 -8.22
C GLY C 81 -33.49 -4.24 -9.70
N ARG C 82 -33.87 -3.06 -10.24
CA ARG C 82 -33.67 -2.77 -11.67
C ARG C 82 -32.23 -2.38 -11.98
N ILE C 83 -31.57 -1.79 -10.98
CA ILE C 83 -30.14 -1.41 -11.05
C ILE C 83 -29.53 -2.09 -9.82
N SER C 84 -28.25 -2.45 -9.90
CA SER C 84 -27.67 -3.18 -8.79
C SER C 84 -27.29 -2.37 -7.57
N PHE C 85 -27.16 -1.06 -7.72
CA PHE C 85 -26.68 -0.24 -6.61
C PHE C 85 -26.96 1.21 -6.89
N TYR C 86 -26.96 2.05 -5.85
CA TYR C 86 -27.14 3.50 -6.02
C TYR C 86 -26.68 4.26 -4.77
N MET C 87 -26.27 5.51 -4.96
CA MET C 87 -25.86 6.37 -3.86
C MET C 87 -26.49 7.69 -4.17
N THR C 88 -27.25 8.21 -3.21
CA THR C 88 -27.95 9.49 -3.38
C THR C 88 -27.06 10.67 -3.01
N ASN C 89 -27.56 11.88 -3.35
CA ASN C 89 -26.82 13.10 -3.11
C ASN C 89 -27.57 14.06 -2.21
N TYR C 90 -28.56 13.55 -1.47
CA TYR C 90 -29.40 14.37 -0.61
C TYR C 90 -28.64 15.20 0.44
N GLY C 91 -28.97 16.48 0.49
CA GLY C 91 -28.38 17.43 1.41
C GLY C 91 -27.07 18.01 0.91
N GLU C 92 -26.53 17.42 -0.15
CA GLU C 92 -25.23 17.85 -0.70
C GLU C 92 -25.26 18.51 -2.09
N GLU C 93 -26.46 18.67 -2.64
CA GLU C 93 -26.64 19.25 -3.98
C GLU C 93 -26.04 20.65 -4.11
N GLY C 94 -26.13 21.43 -3.04
CA GLY C 94 -25.57 22.80 -3.04
C GLY C 94 -24.06 22.83 -3.13
N THR C 95 -23.37 21.87 -2.51
CA THR C 95 -21.92 21.87 -2.60
C THR C 95 -21.50 21.54 -4.03
N HIS C 96 -22.25 20.68 -4.70
CA HIS C 96 -21.89 20.29 -6.08
C HIS C 96 -22.09 21.43 -7.07
N VAL C 97 -23.31 21.98 -7.09
CA VAL C 97 -23.62 23.03 -8.07
C VAL C 97 -22.95 24.37 -7.79
N GLY C 98 -22.86 24.75 -6.51
CA GLY C 98 -22.21 26.00 -6.13
C GLY C 98 -20.73 26.00 -6.51
N SER C 99 -20.08 24.83 -6.38
CA SER C 99 -18.68 24.76 -6.72
C SER C 99 -18.50 24.64 -8.22
N ALA C 100 -19.32 23.81 -8.87
CA ALA C 100 -19.19 23.63 -10.32
C ALA C 100 -19.38 24.96 -11.07
N ALA C 101 -20.32 25.77 -10.61
CA ALA C 101 -20.62 27.07 -11.23
C ALA C 101 -19.47 28.06 -11.16
N ALA C 102 -18.60 27.89 -10.15
CA ALA C 102 -17.45 28.76 -9.95
C ALA C 102 -16.24 28.37 -10.78
N LEU C 103 -16.27 27.20 -11.42
CA LEU C 103 -15.16 26.76 -12.23
C LEU C 103 -15.37 27.10 -13.69
N ASP C 104 -14.29 27.00 -14.46
CA ASP C 104 -14.39 27.19 -15.90
C ASP C 104 -14.83 25.80 -16.32
N ASN C 105 -15.61 25.70 -17.39
CA ASN C 105 -16.09 24.38 -17.80
C ASN C 105 -15.03 23.38 -18.28
N THR C 106 -13.80 23.85 -18.52
CA THR C 106 -12.69 22.99 -18.92
C THR C 106 -11.75 22.60 -17.74
N ASP C 107 -12.02 23.12 -16.53
CA ASP C 107 -11.24 22.77 -15.35
C ASP C 107 -11.46 21.26 -15.12
N LEU C 108 -10.40 20.49 -14.94
CA LEU C 108 -10.52 19.04 -14.74
C LEU C 108 -11.02 18.71 -13.33
N VAL C 109 -12.02 17.84 -13.23
CA VAL C 109 -12.62 17.43 -11.96
C VAL C 109 -12.26 15.95 -11.63
N PHE C 110 -11.88 15.71 -10.37
CA PHE C 110 -11.63 14.39 -9.83
C PHE C 110 -12.62 14.32 -8.64
N GLY C 111 -13.35 13.22 -8.54
CA GLY C 111 -14.34 13.08 -7.48
C GLY C 111 -14.29 11.76 -6.76
N GLN C 112 -15.25 11.54 -5.87
CA GLN C 112 -15.31 10.35 -5.02
C GLN C 112 -16.40 9.39 -5.45
N TYR C 113 -17.62 9.91 -5.57
CA TYR C 113 -18.86 9.22 -5.99
C TYR C 113 -20.15 9.98 -5.60
N ARG C 114 -20.03 10.99 -4.74
CA ARG C 114 -21.23 11.73 -4.33
C ARG C 114 -21.13 13.18 -4.76
N GLU C 115 -20.83 13.39 -6.05
CA GLU C 115 -20.69 14.72 -6.65
C GLU C 115 -21.39 14.77 -8.00
N ALA C 116 -22.40 13.93 -8.20
CA ALA C 116 -23.13 13.90 -9.50
C ALA C 116 -23.67 15.27 -9.95
N GLY C 117 -23.92 16.15 -9.00
CA GLY C 117 -24.41 17.52 -9.32
C GLY C 117 -23.41 18.31 -10.16
N VAL C 118 -22.13 17.94 -10.07
CA VAL C 118 -21.09 18.62 -10.85
C VAL C 118 -21.33 18.29 -12.34
N LEU C 119 -21.60 17.03 -12.62
CA LEU C 119 -21.89 16.58 -13.96
C LEU C 119 -23.22 17.14 -14.46
N MET C 120 -24.21 17.20 -13.57
CA MET C 120 -25.53 17.72 -13.92
C MET C 120 -25.40 19.19 -14.34
N TYR C 121 -24.62 19.95 -13.55
CA TYR C 121 -24.39 21.35 -13.84
C TYR C 121 -23.69 21.53 -15.18
N ARG C 122 -22.80 20.58 -15.51
CA ARG C 122 -22.06 20.59 -16.77
C ARG C 122 -22.83 19.98 -17.93
N ASP C 123 -24.12 19.77 -17.69
CA ASP C 123 -25.07 19.28 -18.70
C ASP C 123 -24.85 17.88 -19.22
N TYR C 124 -24.38 16.99 -18.35
CA TYR C 124 -24.20 15.59 -18.71
C TYR C 124 -25.61 15.09 -18.98
N PRO C 125 -25.82 14.43 -20.13
CA PRO C 125 -27.17 13.95 -20.48
C PRO C 125 -27.76 12.94 -19.47
N LEU C 126 -29.07 13.05 -19.22
CA LEU C 126 -29.74 12.09 -18.32
C LEU C 126 -29.56 10.67 -18.85
N GLU C 127 -29.54 10.56 -20.17
CA GLU C 127 -29.35 9.29 -20.87
C GLU C 127 -28.04 8.61 -20.48
N LEU C 128 -26.99 9.41 -20.26
CA LEU C 128 -25.66 8.88 -19.91
C LEU C 128 -25.54 8.49 -18.42
N PHE C 129 -26.22 9.22 -17.56
CA PHE C 129 -26.26 8.89 -16.13
C PHE C 129 -26.96 7.53 -16.04
N MET C 130 -28.09 7.40 -16.73
CA MET C 130 -28.88 6.17 -16.76
C MET C 130 -28.15 4.99 -17.36
N ALA C 131 -27.41 5.25 -18.45
CA ALA C 131 -26.69 4.19 -19.17
C ALA C 131 -25.62 3.55 -18.29
N GLN C 132 -24.97 4.39 -17.46
CA GLN C 132 -23.93 3.91 -16.57
C GLN C 132 -24.61 3.08 -15.49
N CYS C 133 -25.70 3.59 -14.91
CA CYS C 133 -26.42 2.82 -13.85
C CYS C 133 -26.94 1.46 -14.32
N TYR C 134 -27.40 1.39 -15.57
CA TYR C 134 -27.90 0.13 -16.15
C TYR C 134 -26.80 -0.71 -16.80
N GLY C 135 -25.64 -0.13 -17.03
CA GLY C 135 -24.57 -0.87 -17.71
C GLY C 135 -25.04 -1.25 -19.12
N ASN C 136 -25.78 -0.35 -19.77
CA ASN C 136 -26.28 -0.68 -21.11
C ASN C 136 -25.34 -0.30 -22.25
N ILE C 137 -25.75 -0.59 -23.49
CA ILE C 137 -24.90 -0.28 -24.66
C ILE C 137 -24.51 1.16 -24.86
N SER C 138 -25.25 2.08 -24.29
CA SER C 138 -24.91 3.50 -24.45
C SER C 138 -23.91 4.00 -23.40
N ASP C 139 -23.53 3.14 -22.46
CA ASP C 139 -22.59 3.54 -21.43
C ASP C 139 -21.20 3.72 -22.04
N LEU C 140 -20.63 4.90 -21.89
CA LEU C 140 -19.29 5.08 -22.44
C LEU C 140 -18.28 4.27 -21.60
N GLY C 141 -18.69 3.87 -20.38
CA GLY C 141 -17.88 3.02 -19.50
C GLY C 141 -18.00 1.56 -19.88
N LYS C 142 -18.84 1.28 -20.89
CA LYS C 142 -19.05 -0.06 -21.41
C LYS C 142 -19.58 -1.08 -20.38
N GLY C 143 -20.36 -0.60 -19.41
CA GLY C 143 -20.95 -1.43 -18.34
C GLY C 143 -19.96 -2.11 -17.40
N ARG C 144 -18.71 -1.65 -17.39
CA ARG C 144 -17.69 -2.31 -16.56
C ARG C 144 -17.68 -2.01 -15.06
N GLN C 145 -18.09 -0.81 -14.68
CA GLN C 145 -18.08 -0.42 -13.27
C GLN C 145 -19.47 -0.43 -12.66
N MET C 146 -19.54 -0.42 -11.33
N MET C 146 -19.56 -0.49 -11.34
CA MET C 146 -20.82 -0.37 -10.62
CA MET C 146 -20.86 -0.48 -10.67
C MET C 146 -21.50 0.97 -10.91
C MET C 146 -21.49 0.92 -10.86
N PRO C 147 -22.83 1.04 -10.67
CA PRO C 147 -23.56 2.29 -10.80
C PRO C 147 -22.95 3.48 -10.05
N VAL C 148 -23.20 4.67 -10.59
CA VAL C 148 -22.71 5.97 -10.10
C VAL C 148 -21.19 6.18 -10.31
N HIS C 149 -20.56 5.27 -11.03
CA HIS C 149 -19.12 5.41 -11.32
C HIS C 149 -18.98 6.12 -12.68
N TYR C 150 -19.48 7.35 -12.70
CA TYR C 150 -19.50 8.17 -13.91
C TYR C 150 -18.16 8.76 -14.33
N GLY C 151 -18.07 9.06 -15.61
CA GLY C 151 -16.88 9.68 -16.20
C GLY C 151 -17.29 10.36 -17.50
N CYS C 152 -16.61 11.45 -17.84
CA CYS C 152 -16.92 12.15 -19.08
C CYS C 152 -15.68 12.91 -19.56
N LYS C 153 -15.07 12.45 -20.64
CA LYS C 153 -13.88 13.11 -21.22
C LYS C 153 -14.27 14.50 -21.72
N GLU C 154 -15.37 14.53 -22.48
CA GLU C 154 -15.89 15.78 -23.04
C GLU C 154 -16.20 16.87 -22.03
N ARG C 155 -16.68 16.47 -20.85
N ARG C 155 -16.67 16.46 -20.86
CA ARG C 155 -17.02 17.43 -19.81
CA ARG C 155 -17.02 17.42 -19.83
C ARG C 155 -15.97 17.48 -18.69
C ARG C 155 -15.99 17.45 -18.68
N HIS C 156 -14.76 17.01 -19.00
CA HIS C 156 -13.62 17.04 -18.08
C HIS C 156 -13.92 16.61 -16.67
N PHE C 157 -14.44 15.38 -16.57
CA PHE C 157 -14.81 14.77 -15.29
C PHE C 157 -14.22 13.40 -15.31
N VAL C 158 -13.13 13.21 -14.57
CA VAL C 158 -12.39 11.92 -14.52
C VAL C 158 -13.26 10.81 -13.92
N THR C 159 -13.27 9.68 -14.61
CA THR C 159 -14.07 8.54 -14.18
C THR C 159 -13.83 8.22 -12.70
N ILE C 160 -14.93 8.11 -11.97
CA ILE C 160 -14.94 7.78 -10.56
C ILE C 160 -14.43 6.35 -10.36
N SER C 161 -13.74 6.09 -9.25
CA SER C 161 -13.32 4.74 -8.90
C SER C 161 -13.66 4.53 -7.41
N SER C 162 -13.97 3.29 -7.03
CA SER C 162 -14.38 2.98 -5.63
C SER C 162 -13.31 3.19 -4.54
N PRO C 163 -12.03 2.83 -4.80
CA PRO C 163 -11.01 3.02 -3.74
C PRO C 163 -10.96 4.46 -3.28
N LEU C 164 -11.26 4.69 -1.99
CA LEU C 164 -11.29 6.04 -1.45
C LEU C 164 -9.96 6.77 -1.43
N ALA C 165 -10.04 8.08 -1.74
CA ALA C 165 -8.91 9.02 -1.75
C ALA C 165 -7.80 8.83 -2.78
N THR C 166 -7.87 7.77 -3.59
CA THR C 166 -6.81 7.51 -4.58
C THR C 166 -6.70 8.65 -5.59
N GLN C 167 -7.81 9.34 -5.84
CA GLN C 167 -7.84 10.46 -6.82
C GLN C 167 -7.12 11.71 -6.30
N ILE C 168 -6.86 11.76 -5.00
CA ILE C 168 -6.21 12.94 -4.43
C ILE C 168 -4.80 13.23 -4.95
N PRO C 169 -3.84 12.28 -4.78
CA PRO C 169 -2.51 12.59 -5.37
C PRO C 169 -2.57 12.60 -6.92
N GLN C 170 -3.57 11.94 -7.51
CA GLN C 170 -3.70 11.91 -8.97
C GLN C 170 -4.09 13.31 -9.45
N ALA C 171 -5.03 13.93 -8.76
CA ALA C 171 -5.48 15.29 -9.10
C ALA C 171 -4.27 16.25 -9.02
N VAL C 172 -3.42 16.01 -8.03
CA VAL C 172 -2.23 16.84 -7.86
C VAL C 172 -1.29 16.74 -9.06
N GLY C 173 -1.09 15.51 -9.55
CA GLY C 173 -0.26 15.24 -10.72
C GLY C 173 -0.84 15.92 -11.95
N ALA C 174 -2.17 15.86 -12.10
CA ALA C 174 -2.84 16.50 -13.24
C ALA C 174 -2.68 18.02 -13.15
N ALA C 175 -2.68 18.53 -11.92
CA ALA C 175 -2.53 19.99 -11.68
C ALA C 175 -1.08 20.43 -12.01
N TYR C 176 -0.11 19.58 -11.68
CA TYR C 176 1.30 19.85 -11.99
C TYR C 176 1.50 19.92 -13.52
N ALA C 177 0.91 18.95 -14.22
CA ALA C 177 0.97 18.88 -15.68
C ALA C 177 0.35 20.14 -16.33
N ALA C 178 -0.78 20.58 -15.77
CA ALA C 178 -1.49 21.80 -16.23
C ALA C 178 -0.60 23.03 -16.08
N LYS C 179 0.06 23.11 -14.93
CA LYS C 179 0.97 24.20 -14.62
C LYS C 179 2.07 24.25 -15.70
N ARG C 180 2.64 23.09 -16.01
CA ARG C 180 3.70 22.97 -16.99
C ARG C 180 3.25 23.37 -18.38
N ALA C 181 2.00 23.03 -18.68
CA ALA C 181 1.40 23.31 -19.97
C ALA C 181 0.94 24.75 -20.12
N ASN C 182 1.07 25.54 -19.06
CA ASN C 182 0.67 26.97 -19.06
C ASN C 182 -0.79 27.15 -19.47
N ALA C 183 -1.59 26.12 -19.21
CA ALA C 183 -3.01 26.07 -19.58
C ALA C 183 -3.96 27.15 -19.02
N ASN C 184 -3.66 27.68 -17.83
CA ASN C 184 -4.52 28.67 -17.14
C ASN C 184 -5.83 27.94 -16.73
N ARG C 185 -5.61 26.73 -16.24
N ARG C 185 -5.63 26.71 -16.27
CA ARG C 185 -6.63 25.80 -15.81
CA ARG C 185 -6.71 25.85 -15.82
C ARG C 185 -6.37 25.43 -14.35
C ARG C 185 -6.38 25.34 -14.40
N VAL C 186 -7.42 25.03 -13.63
CA VAL C 186 -7.29 24.55 -12.26
C VAL C 186 -7.83 23.12 -12.27
N VAL C 187 -7.44 22.34 -11.26
CA VAL C 187 -7.95 20.99 -11.07
C VAL C 187 -8.72 21.08 -9.75
N ILE C 188 -9.87 20.44 -9.65
CA ILE C 188 -10.61 20.42 -8.39
C ILE C 188 -10.69 18.92 -8.02
N CYS C 189 -10.56 18.63 -6.73
CA CYS C 189 -10.58 17.25 -6.29
C CYS C 189 -11.51 17.15 -5.08
N TYR C 190 -12.61 16.43 -5.24
CA TYR C 190 -13.64 16.22 -4.22
C TYR C 190 -13.43 14.91 -3.46
N PHE C 191 -13.70 14.93 -2.16
CA PHE C 191 -13.58 13.74 -1.33
C PHE C 191 -14.36 14.01 -0.05
N GLY C 192 -14.72 12.95 0.65
CA GLY C 192 -15.44 13.07 1.93
C GLY C 192 -14.51 13.14 3.10
N GLU C 193 -15.05 13.45 4.27
CA GLU C 193 -14.26 13.52 5.50
C GLU C 193 -13.69 12.16 5.93
N GLY C 194 -14.38 11.07 5.58
CA GLY C 194 -13.90 9.72 5.85
C GLY C 194 -12.69 9.47 4.97
N ALA C 195 -12.82 9.70 3.67
CA ALA C 195 -11.69 9.49 2.74
C ALA C 195 -10.44 10.27 3.14
N ALA C 196 -10.63 11.42 3.80
CA ALA C 196 -9.54 12.29 4.26
C ALA C 196 -8.58 11.63 5.29
N SER C 197 -9.05 10.54 5.86
CA SER C 197 -8.26 9.78 6.82
C SER C 197 -7.26 8.87 6.11
N GLU C 198 -7.45 8.64 4.80
CA GLU C 198 -6.54 7.76 4.06
C GLU C 198 -5.16 8.36 3.90
N GLY C 199 -4.15 7.50 3.81
CA GLY C 199 -2.76 7.94 3.61
C GLY C 199 -2.62 8.77 2.33
N ASP C 200 -3.39 8.43 1.30
CA ASP C 200 -3.32 9.17 0.02
C ASP C 200 -3.75 10.63 0.18
N ALA C 201 -4.52 10.97 1.22
CA ALA C 201 -4.90 12.36 1.40
C ALA C 201 -3.67 13.15 1.86
N HIS C 202 -2.89 12.54 2.74
CA HIS C 202 -1.67 13.13 3.26
C HIS C 202 -0.66 13.34 2.12
N ALA C 203 -0.56 12.34 1.25
CA ALA C 203 0.33 12.37 0.09
C ALA C 203 -0.05 13.54 -0.79
N GLY C 204 -1.31 13.59 -1.19
CA GLY C 204 -1.82 14.64 -2.09
C GLY C 204 -1.65 16.06 -1.52
N PHE C 205 -2.08 16.27 -0.29
CA PHE C 205 -1.99 17.61 0.34
C PHE C 205 -0.52 18.06 0.34
N ASN C 206 0.37 17.19 0.79
CA ASN C 206 1.80 17.55 0.85
C ASN C 206 2.42 17.83 -0.51
N PHE C 207 2.19 16.93 -1.48
CA PHE C 207 2.73 17.10 -2.82
C PHE C 207 2.25 18.41 -3.46
N ALA C 208 0.96 18.74 -3.29
CA ALA C 208 0.44 19.98 -3.91
C ALA C 208 1.14 21.24 -3.42
N ALA C 209 1.47 21.24 -2.13
CA ALA C 209 2.13 22.37 -1.53
C ALA C 209 3.59 22.44 -1.91
N THR C 210 4.32 21.31 -1.80
CA THR C 210 5.75 21.31 -2.14
C THR C 210 6.04 21.50 -3.61
N LEU C 211 5.13 20.99 -4.45
CA LEU C 211 5.32 21.08 -5.89
C LEU C 211 4.58 22.27 -6.50
N GLU C 212 3.91 23.06 -5.66
CA GLU C 212 3.21 24.30 -6.05
C GLU C 212 2.22 24.04 -7.19
N CYS C 213 1.14 23.35 -6.87
CA CYS C 213 0.14 22.97 -7.87
C CYS C 213 -1.16 23.77 -7.79
N PRO C 214 -1.72 24.18 -8.98
CA PRO C 214 -3.00 24.91 -9.06
C PRO C 214 -4.17 23.93 -8.89
N ILE C 215 -4.45 23.63 -7.64
CA ILE C 215 -5.50 22.68 -7.30
C ILE C 215 -6.34 23.11 -6.12
N ILE C 216 -7.63 22.78 -6.19
CA ILE C 216 -8.55 23.05 -5.11
C ILE C 216 -8.96 21.70 -4.55
N PHE C 217 -8.70 21.51 -3.25
CA PHE C 217 -9.13 20.30 -2.54
C PHE C 217 -10.48 20.69 -1.94
N PHE C 218 -11.52 19.95 -2.29
CA PHE C 218 -12.87 20.22 -1.80
C PHE C 218 -13.36 19.06 -0.94
N CYS C 219 -13.44 19.29 0.35
CA CYS C 219 -13.90 18.22 1.23
C CYS C 219 -15.35 18.36 1.61
N ARG C 220 -16.14 17.31 1.34
CA ARG C 220 -17.54 17.31 1.75
C ARG C 220 -17.59 16.69 3.13
N ASN C 221 -17.81 17.50 4.17
CA ASN C 221 -17.89 16.96 5.51
C ASN C 221 -19.35 16.86 5.90
N ASN C 222 -19.91 15.66 5.70
CA ASN C 222 -21.33 15.39 5.97
C ASN C 222 -21.64 14.67 7.30
N GLY C 223 -20.67 14.65 8.20
CA GLY C 223 -20.83 14.07 9.52
C GLY C 223 -20.69 12.57 9.76
N TYR C 224 -20.73 11.77 8.70
CA TYR C 224 -20.62 10.31 8.78
C TYR C 224 -19.89 9.71 7.60
N ALA C 225 -19.21 8.59 7.86
CA ALA C 225 -18.53 7.79 6.85
C ALA C 225 -19.22 6.47 7.12
N ILE C 226 -20.27 6.21 6.34
CA ILE C 226 -21.14 5.05 6.53
C ILE C 226 -21.77 5.17 7.94
N SER C 227 -21.37 4.31 8.88
CA SER C 227 -21.92 4.35 10.26
C SER C 227 -21.03 5.13 11.22
N THR C 228 -19.85 5.51 10.77
CA THR C 228 -18.87 6.17 11.62
C THR C 228 -19.06 7.67 11.76
N PRO C 229 -19.41 8.14 12.99
CA PRO C 229 -19.52 9.60 13.16
C PRO C 229 -18.12 10.24 13.15
N THR C 230 -18.07 11.54 12.88
CA THR C 230 -16.80 12.27 12.85
C THR C 230 -16.02 12.20 14.16
N SER C 231 -16.71 11.94 15.27
CA SER C 231 -15.99 11.85 16.55
C SER C 231 -15.05 10.63 16.58
N GLU C 232 -15.29 9.67 15.69
CA GLU C 232 -14.44 8.46 15.61
C GLU C 232 -13.52 8.53 14.37
N GLN C 233 -13.70 9.60 13.59
CA GLN C 233 -12.93 9.84 12.38
C GLN C 233 -11.66 10.68 12.56
N TYR C 234 -11.71 11.64 13.48
CA TYR C 234 -10.61 12.54 13.78
C TYR C 234 -10.90 13.26 15.08
N ARG C 235 -9.87 13.89 15.64
CA ARG C 235 -10.04 14.63 16.90
C ARG C 235 -9.61 16.07 16.82
N GLY C 236 -9.11 16.46 15.66
CA GLY C 236 -8.71 17.84 15.40
C GLY C 236 -9.95 18.58 14.94
N ASP C 237 -9.79 19.85 14.57
CA ASP C 237 -10.91 20.68 14.12
C ASP C 237 -11.26 20.40 12.63
N GLY C 238 -11.90 19.26 12.41
CA GLY C 238 -12.28 18.84 11.07
C GLY C 238 -11.10 18.74 10.13
N ILE C 239 -11.40 18.86 8.83
CA ILE C 239 -10.38 18.76 7.79
C ILE C 239 -9.74 20.12 7.52
N ALA C 240 -10.52 21.21 7.62
CA ALA C 240 -9.98 22.55 7.32
C ALA C 240 -8.72 22.89 8.14
N ALA C 241 -8.72 22.47 9.40
CA ALA C 241 -7.60 22.72 10.30
C ALA C 241 -6.31 22.00 9.91
N ARG C 242 -6.41 20.98 9.05
CA ARG C 242 -5.22 20.26 8.59
C ARG C 242 -4.46 21.04 7.51
N GLY C 243 -5.21 21.79 6.69
CA GLY C 243 -4.62 22.56 5.61
C GLY C 243 -3.39 23.40 5.96
N PRO C 244 -3.51 24.33 6.94
CA PRO C 244 -2.34 25.17 7.27
C PRO C 244 -1.03 24.41 7.58
N GLY C 245 -1.10 23.26 8.24
CA GLY C 245 0.09 22.46 8.57
C GLY C 245 0.87 21.95 7.36
N TYR C 246 0.22 21.95 6.18
CA TYR C 246 0.84 21.53 4.94
C TYR C 246 1.20 22.77 4.12
N GLY C 247 0.88 23.93 4.66
CA GLY C 247 1.12 25.22 4.01
C GLY C 247 0.05 25.55 2.99
N ILE C 248 -1.15 25.00 3.17
CA ILE C 248 -2.25 25.20 2.24
C ILE C 248 -3.29 26.19 2.77
N MET C 249 -3.62 27.20 1.97
CA MET C 249 -4.63 28.23 2.31
C MET C 249 -5.96 27.48 2.43
N SER C 250 -6.63 27.61 3.58
CA SER C 250 -7.84 26.84 3.86
C SER C 250 -9.05 27.64 4.31
N ILE C 251 -10.24 27.07 4.13
CA ILE C 251 -11.47 27.76 4.53
C ILE C 251 -12.58 26.75 4.78
N ARG C 252 -13.51 27.10 5.66
CA ARG C 252 -14.66 26.25 5.97
C ARG C 252 -15.90 27.04 5.56
N VAL C 253 -16.82 26.37 4.86
CA VAL C 253 -18.04 27.03 4.40
C VAL C 253 -19.30 26.24 4.73
N ASP C 254 -20.43 26.94 4.75
CA ASP C 254 -21.74 26.35 4.98
C ASP C 254 -22.11 25.66 3.66
N GLY C 255 -22.07 24.33 3.67
CA GLY C 255 -22.39 23.57 2.44
C GLY C 255 -23.84 23.62 1.99
N ASN C 256 -24.70 24.11 2.85
CA ASN C 256 -26.11 24.22 2.51
C ASN C 256 -26.43 25.59 1.89
N ASP C 257 -25.39 26.40 1.70
CA ASP C 257 -25.47 27.74 1.14
C ASP C 257 -24.72 27.76 -0.20
N VAL C 258 -25.44 27.65 -1.32
CA VAL C 258 -24.81 27.65 -2.67
C VAL C 258 -23.90 28.87 -2.92
N PHE C 259 -24.30 30.00 -2.36
CA PHE C 259 -23.52 31.23 -2.53
C PHE C 259 -22.19 31.24 -1.80
N ALA C 260 -22.17 30.73 -0.57
CA ALA C 260 -20.93 30.66 0.23
C ALA C 260 -19.98 29.70 -0.49
N VAL C 261 -20.52 28.55 -0.94
CA VAL C 261 -19.74 27.56 -1.68
C VAL C 261 -19.20 28.18 -2.97
N TYR C 262 -20.06 28.87 -3.69
CA TYR C 262 -19.66 29.54 -4.93
C TYR C 262 -18.53 30.56 -4.65
N ASN C 263 -18.74 31.42 -3.67
CA ASN C 263 -17.76 32.46 -3.34
C ASN C 263 -16.38 31.91 -3.02
N ALA C 264 -16.34 30.92 -2.14
CA ALA C 264 -15.09 30.29 -1.72
C ALA C 264 -14.39 29.59 -2.89
N THR C 265 -15.17 28.87 -3.72
CA THR C 265 -14.59 28.18 -4.88
C THR C 265 -14.07 29.17 -5.94
N LYS C 266 -14.82 30.25 -6.15
CA LYS C 266 -14.45 31.27 -7.15
C LYS C 266 -13.11 31.92 -6.76
N GLU C 267 -12.98 32.30 -5.51
CA GLU C 267 -11.76 32.93 -5.01
C GLU C 267 -10.59 31.93 -5.01
N ALA C 268 -10.83 30.70 -4.57
CA ALA C 268 -9.78 29.68 -4.58
C ALA C 268 -9.30 29.46 -5.99
N ARG C 269 -10.22 29.40 -6.95
CA ARG C 269 -9.81 29.15 -8.33
C ARG C 269 -8.93 30.29 -8.85
N ARG C 270 -9.42 31.52 -8.67
CA ARG C 270 -8.67 32.69 -9.12
C ARG C 270 -7.24 32.67 -8.60
N ARG C 271 -7.07 32.45 -7.30
CA ARG C 271 -5.75 32.45 -6.70
C ARG C 271 -4.94 31.19 -7.00
N ALA C 272 -5.58 30.03 -7.08
CA ALA C 272 -4.84 28.82 -7.36
C ALA C 272 -4.14 28.93 -8.71
N VAL C 273 -4.88 29.42 -9.72
CA VAL C 273 -4.37 29.55 -11.09
C VAL C 273 -3.27 30.61 -11.21
N ALA C 274 -3.48 31.74 -10.55
CA ALA C 274 -2.55 32.87 -10.57
C ALA C 274 -1.24 32.60 -9.84
N GLU C 275 -1.36 32.03 -8.63
CA GLU C 275 -0.20 31.77 -7.78
C GLU C 275 0.40 30.35 -7.82
N ASN C 276 -0.28 29.43 -8.51
CA ASN C 276 0.17 28.03 -8.54
C ASN C 276 0.29 27.57 -7.10
N GLN C 277 -0.81 27.66 -6.38
CA GLN C 277 -0.81 27.22 -5.00
C GLN C 277 -2.12 26.52 -4.67
N PRO C 278 -2.05 25.46 -3.84
CA PRO C 278 -3.27 24.73 -3.52
C PRO C 278 -4.17 25.46 -2.54
N PHE C 279 -5.45 25.14 -2.60
CA PHE C 279 -6.44 25.70 -1.69
C PHE C 279 -7.29 24.56 -1.17
N LEU C 280 -7.70 24.66 0.09
CA LEU C 280 -8.55 23.66 0.69
C LEU C 280 -9.87 24.27 1.16
N ILE C 281 -10.99 23.70 0.73
CA ILE C 281 -12.32 24.14 1.12
C ILE C 281 -13.03 22.95 1.78
N GLU C 282 -13.42 23.12 3.03
CA GLU C 282 -14.17 22.09 3.72
C GLU C 282 -15.59 22.60 3.76
N ALA C 283 -16.50 21.90 3.08
CA ALA C 283 -17.91 22.31 3.05
C ALA C 283 -18.70 21.49 4.06
N MET C 284 -19.25 22.16 5.06
CA MET C 284 -20.01 21.48 6.13
C MET C 284 -21.45 21.24 5.71
N THR C 285 -21.89 19.98 5.80
CA THR C 285 -23.26 19.64 5.46
C THR C 285 -23.71 18.54 6.37
N TYR C 286 -24.68 17.80 5.87
CA TYR C 286 -25.21 16.66 6.56
C TYR C 286 -25.65 15.65 5.49
N ARG C 287 -25.34 14.36 5.70
CA ARG C 287 -25.73 13.31 4.76
C ARG C 287 -27.17 12.96 5.11
N ILE C 288 -28.09 13.54 4.36
CA ILE C 288 -29.52 13.34 4.59
C ILE C 288 -30.04 11.95 4.25
N GLY C 289 -29.56 11.36 3.15
CA GLY C 289 -30.03 10.03 2.78
C GLY C 289 -29.18 8.91 3.38
N HIS C 290 -29.46 7.69 2.94
CA HIS C 290 -28.69 6.55 3.39
C HIS C 290 -27.30 6.68 2.73
N HIS C 291 -26.28 6.06 3.32
CA HIS C 291 -24.95 6.12 2.73
C HIS C 291 -25.02 5.57 1.30
N SER C 292 -25.84 4.53 1.12
CA SER C 292 -26.06 3.89 -0.17
C SER C 292 -27.29 3.00 -0.05
N THR C 293 -27.61 2.31 -1.14
CA THR C 293 -28.74 1.39 -1.19
C THR C 293 -28.45 0.13 -0.38
N SER C 294 -27.18 -0.06 -0.05
CA SER C 294 -26.71 -1.19 0.76
C SER C 294 -26.74 -0.83 2.25
N ASP C 295 -27.12 0.41 2.54
CA ASP C 295 -27.18 0.89 3.92
C ASP C 295 -28.56 1.35 4.41
N ASP C 296 -28.82 1.05 5.68
CA ASP C 296 -30.04 1.44 6.38
C ASP C 296 -29.52 2.33 7.51
N SER C 297 -29.44 3.63 7.23
CA SER C 297 -28.90 4.62 8.19
C SER C 297 -29.56 4.70 9.59
N SER C 298 -30.80 4.23 9.72
CA SER C 298 -31.49 4.26 11.03
C SER C 298 -30.80 3.33 12.06
N ALA C 299 -30.01 2.38 11.57
CA ALA C 299 -29.28 1.44 12.43
C ALA C 299 -28.20 2.12 13.31
N TYR C 300 -27.82 3.35 12.93
CA TYR C 300 -26.80 4.14 13.65
C TYR C 300 -27.22 5.63 13.78
N ASP C 313 -32.80 22.81 7.41
CA ASP C 313 -31.64 23.39 6.75
C ASP C 313 -31.27 22.55 5.51
N HIS C 314 -31.85 22.88 4.36
CA HIS C 314 -31.58 22.16 3.09
C HIS C 314 -31.12 23.15 1.98
N PRO C 315 -30.10 22.75 1.17
CA PRO C 315 -29.59 23.67 0.14
C PRO C 315 -30.65 24.06 -0.90
N ILE C 316 -31.55 23.13 -1.21
CA ILE C 316 -32.60 23.40 -2.19
C ILE C 316 -33.64 24.39 -1.65
N SER C 317 -34.14 24.16 -0.43
N SER C 317 -34.11 24.17 -0.42
CA SER C 317 -35.12 25.07 0.17
CA SER C 317 -35.08 25.04 0.21
C SER C 317 -34.54 26.47 0.40
C SER C 317 -34.53 26.46 0.41
N ARG C 318 -33.27 26.53 0.80
CA ARG C 318 -32.62 27.80 1.06
C ARG C 318 -32.56 28.65 -0.21
N LEU C 319 -32.15 28.03 -1.31
CA LEU C 319 -32.07 28.76 -2.59
C LEU C 319 -33.48 29.09 -3.07
N ARG C 320 -34.43 28.19 -2.84
CA ARG C 320 -35.83 28.47 -3.24
C ARG C 320 -36.32 29.74 -2.54
N HIS C 321 -36.03 29.91 -1.25
CA HIS C 321 -36.44 31.11 -0.54
C HIS C 321 -35.74 32.34 -1.13
N TYR C 322 -34.49 32.20 -1.55
CA TYR C 322 -33.79 33.32 -2.16
C TYR C 322 -34.53 33.69 -3.47
N LEU C 323 -34.82 32.70 -4.29
CA LEU C 323 -35.50 32.93 -5.56
C LEU C 323 -36.83 33.68 -5.38
N LEU C 324 -37.63 33.22 -4.42
CA LEU C 324 -38.92 33.88 -4.15
C LEU C 324 -38.71 35.33 -3.76
N SER C 325 -37.70 35.58 -2.91
CA SER C 325 -37.39 36.93 -2.45
C SER C 325 -37.04 37.91 -3.58
N GLN C 326 -36.49 37.40 -4.68
CA GLN C 326 -36.12 38.26 -5.83
C GLN C 326 -37.27 38.38 -6.84
N GLY C 327 -38.31 37.57 -6.65
CA GLY C 327 -39.44 37.53 -7.59
C GLY C 327 -39.07 36.64 -8.76
N TRP C 328 -38.10 35.74 -8.53
CA TRP C 328 -37.59 34.83 -9.58
C TRP C 328 -38.21 33.43 -9.68
N TRP C 329 -39.12 33.12 -8.77
CA TRP C 329 -39.78 31.82 -8.77
C TRP C 329 -41.09 31.99 -8.00
N ASP C 330 -41.97 31.00 -8.14
CA ASP C 330 -43.24 31.01 -7.43
C ASP C 330 -43.75 29.59 -7.35
N GLU C 331 -44.82 29.38 -6.58
CA GLU C 331 -45.40 28.04 -6.42
C GLU C 331 -45.81 27.39 -7.74
N GLU C 332 -46.27 28.19 -8.69
CA GLU C 332 -46.70 27.66 -10.00
C GLU C 332 -45.54 27.18 -10.84
N GLN C 333 -44.46 27.95 -10.86
CA GLN C 333 -43.28 27.55 -11.60
C GLN C 333 -42.68 26.32 -10.93
N GLU C 334 -42.73 26.27 -9.61
CA GLU C 334 -42.20 25.14 -8.86
C GLU C 334 -42.91 23.86 -9.31
N LYS C 335 -44.24 23.92 -9.31
CA LYS C 335 -45.08 22.79 -9.71
C LYS C 335 -44.80 22.33 -11.13
N ALA C 336 -44.72 23.29 -12.07
CA ALA C 336 -44.45 22.97 -13.46
C ALA C 336 -43.06 22.33 -13.65
N TRP C 337 -42.06 22.81 -12.92
CA TRP C 337 -40.69 22.26 -13.03
C TRP C 337 -40.63 20.86 -12.41
N ARG C 338 -41.33 20.68 -11.31
CA ARG C 338 -41.37 19.37 -10.63
C ARG C 338 -41.93 18.34 -11.61
N LYS C 339 -42.95 18.73 -12.38
CA LYS C 339 -43.58 17.89 -13.39
C LYS C 339 -42.68 17.63 -14.57
N GLN C 340 -42.10 18.68 -15.13
CA GLN C 340 -41.22 18.58 -16.29
C GLN C 340 -39.96 17.75 -15.97
N SER C 341 -39.36 17.99 -14.81
N SER C 341 -39.37 17.98 -14.80
CA SER C 341 -38.15 17.25 -14.41
CA SER C 341 -38.17 17.24 -14.39
C SER C 341 -38.46 15.77 -14.27
C SER C 341 -38.48 15.76 -14.31
N ARG C 342 -39.60 15.44 -13.68
CA ARG C 342 -40.03 14.07 -13.52
C ARG C 342 -40.20 13.40 -14.89
N ARG C 343 -40.87 14.08 -15.82
CA ARG C 343 -41.06 13.54 -17.19
C ARG C 343 -39.72 13.31 -17.90
N LYS C 344 -38.79 14.25 -17.76
CA LYS C 344 -37.47 14.13 -18.37
C LYS C 344 -36.70 12.92 -17.83
N VAL C 345 -36.66 12.81 -16.50
CA VAL C 345 -35.97 11.68 -15.86
C VAL C 345 -36.62 10.37 -16.23
N MET C 346 -37.95 10.29 -16.18
CA MET C 346 -38.63 9.04 -16.54
C MET C 346 -38.41 8.64 -17.98
N GLU C 347 -38.35 9.62 -18.87
CA GLU C 347 -38.12 9.35 -20.29
C GLU C 347 -36.77 8.66 -20.49
N ALA C 348 -35.75 9.24 -19.86
CA ALA C 348 -34.39 8.71 -19.91
C ALA C 348 -34.33 7.34 -19.22
N PHE C 349 -34.98 7.23 -18.07
CA PHE C 349 -35.04 5.98 -17.31
C PHE C 349 -35.63 4.83 -18.16
N GLU C 350 -36.82 5.08 -18.73
CA GLU C 350 -37.49 4.07 -19.55
C GLU C 350 -36.64 3.67 -20.78
N GLN C 351 -36.00 4.65 -21.41
CA GLN C 351 -35.14 4.40 -22.57
C GLN C 351 -33.97 3.52 -22.12
N ALA C 352 -33.34 3.90 -21.01
CA ALA C 352 -32.21 3.15 -20.49
C ALA C 352 -32.51 1.69 -20.19
N GLU C 353 -33.67 1.41 -19.60
CA GLU C 353 -34.07 0.06 -19.25
C GLU C 353 -34.28 -0.84 -20.44
N ARG C 354 -34.76 -0.26 -21.54
CA ARG C 354 -35.07 -1.02 -22.74
C ARG C 354 -33.89 -1.39 -23.59
N LYS C 355 -32.78 -0.65 -23.46
CA LYS C 355 -31.57 -0.89 -24.22
C LYS C 355 -30.89 -2.19 -23.78
N PRO C 356 -30.33 -2.94 -24.75
CA PRO C 356 -29.58 -4.13 -24.36
C PRO C 356 -28.24 -3.76 -23.68
N LYS C 357 -27.63 -4.75 -23.06
CA LYS C 357 -26.33 -4.56 -22.44
C LYS C 357 -25.28 -4.66 -23.56
N PRO C 358 -24.02 -4.28 -23.31
CA PRO C 358 -23.05 -4.33 -24.41
C PRO C 358 -22.62 -5.75 -24.74
N ASN C 359 -21.95 -5.91 -25.87
CA ASN C 359 -21.48 -7.20 -26.30
C ASN C 359 -20.50 -7.75 -25.25
N PRO C 360 -20.71 -9.01 -24.81
CA PRO C 360 -19.82 -9.63 -23.81
C PRO C 360 -18.34 -9.59 -24.17
N ASN C 361 -18.03 -9.41 -25.46
CA ASN C 361 -16.66 -9.31 -25.94
C ASN C 361 -15.95 -8.11 -25.31
N LEU C 362 -16.73 -7.10 -24.95
CA LEU C 362 -16.21 -5.87 -24.34
C LEU C 362 -15.62 -6.09 -22.93
N LEU C 363 -15.79 -7.29 -22.39
CA LEU C 363 -15.24 -7.64 -21.10
C LEU C 363 -13.70 -7.73 -21.22
N PHE C 364 -13.21 -7.99 -22.44
CA PHE C 364 -11.77 -8.17 -22.70
C PHE C 364 -11.02 -6.96 -23.24
N SER C 365 -11.71 -5.97 -23.80
CA SER C 365 -10.98 -4.85 -24.38
C SER C 365 -10.66 -3.77 -23.35
N ASP C 366 -9.66 -2.94 -23.66
CA ASP C 366 -9.22 -1.82 -22.80
C ASP C 366 -8.49 -2.24 -21.54
N VAL C 367 -8.18 -3.52 -21.37
CA VAL C 367 -7.40 -3.99 -20.20
C VAL C 367 -6.01 -3.33 -20.43
N TYR C 368 -5.50 -3.50 -21.66
CA TYR C 368 -4.29 -2.84 -22.19
C TYR C 368 -4.84 -2.01 -23.38
N GLN C 369 -4.08 -1.06 -23.92
CA GLN C 369 -4.62 -0.33 -25.10
C GLN C 369 -4.90 -1.36 -26.20
N GLU C 370 -3.86 -2.15 -26.51
N GLU C 370 -3.90 -2.14 -26.58
CA GLU C 370 -3.85 -3.22 -27.50
CA GLU C 370 -4.11 -3.16 -27.58
C GLU C 370 -4.11 -4.58 -26.81
C GLU C 370 -4.57 -4.38 -26.75
N MET C 371 -4.91 -5.46 -27.42
CA MET C 371 -5.24 -6.72 -26.77
C MET C 371 -4.08 -7.72 -26.90
N PRO C 372 -3.45 -8.13 -25.78
CA PRO C 372 -2.37 -9.14 -25.89
C PRO C 372 -2.90 -10.44 -26.49
N ALA C 373 -2.03 -11.17 -27.19
CA ALA C 373 -2.44 -12.41 -27.82
C ALA C 373 -3.03 -13.38 -26.83
N GLN C 374 -2.44 -13.48 -25.63
CA GLN C 374 -3.01 -14.41 -24.66
C GLN C 374 -4.41 -14.00 -24.19
N LEU C 375 -4.67 -12.69 -24.21
CA LEU C 375 -5.98 -12.18 -23.79
C LEU C 375 -6.97 -12.47 -24.92
N ARG C 376 -6.54 -12.31 -26.17
CA ARG C 376 -7.44 -12.62 -27.29
C ARG C 376 -7.81 -14.13 -27.30
N LYS C 377 -6.87 -14.97 -26.88
CA LYS C 377 -7.08 -16.40 -26.79
C LYS C 377 -8.22 -16.69 -25.80
N GLN C 378 -8.25 -15.93 -24.70
CA GLN C 378 -9.30 -16.07 -23.68
C GLN C 378 -10.61 -15.55 -24.27
N GLN C 379 -10.55 -14.49 -25.07
CA GLN C 379 -11.76 -13.97 -25.69
C GLN C 379 -12.35 -15.03 -26.62
N GLU C 380 -11.48 -15.69 -27.38
CA GLU C 380 -11.86 -16.77 -28.31
C GLU C 380 -12.41 -17.98 -27.56
N SER C 381 -11.86 -18.25 -26.39
CA SER C 381 -12.30 -19.33 -25.53
C SER C 381 -13.76 -19.10 -25.14
N LEU C 382 -14.08 -17.88 -24.74
CA LEU C 382 -15.46 -17.55 -24.37
C LEU C 382 -16.39 -17.71 -25.58
N ALA C 383 -15.95 -17.22 -26.74
CA ALA C 383 -16.77 -17.31 -27.96
C ALA C 383 -17.12 -18.78 -28.20
N ARG C 384 -16.11 -19.66 -28.19
CA ARG C 384 -16.34 -21.11 -28.38
C ARG C 384 -17.25 -21.68 -27.30
N HIS C 385 -17.06 -21.25 -26.05
CA HIS C 385 -17.86 -21.74 -24.94
C HIS C 385 -19.32 -21.41 -25.17
N LEU C 386 -19.60 -20.17 -25.54
CA LEU C 386 -20.96 -19.71 -25.80
C LEU C 386 -21.63 -20.39 -26.99
N GLN C 387 -20.84 -20.80 -27.98
CA GLN C 387 -21.38 -21.50 -29.13
C GLN C 387 -22.01 -22.83 -28.71
N THR C 388 -21.37 -23.50 -27.74
CA THR C 388 -21.79 -24.80 -27.21
C THR C 388 -22.73 -24.75 -25.98
N TYR C 389 -22.52 -23.77 -25.09
CA TYR C 389 -23.31 -23.66 -23.87
C TYR C 389 -24.15 -22.38 -23.76
N GLY C 390 -24.32 -21.67 -24.87
CA GLY C 390 -25.07 -20.41 -24.89
C GLY C 390 -26.45 -20.35 -24.24
N GLU C 391 -27.21 -21.44 -24.32
CA GLU C 391 -28.55 -21.49 -23.73
C GLU C 391 -28.52 -21.25 -22.23
N HIS C 392 -27.36 -21.43 -21.60
CA HIS C 392 -27.24 -21.21 -20.17
C HIS C 392 -26.82 -19.78 -19.81
N TYR C 393 -26.78 -18.91 -20.81
CA TYR C 393 -26.38 -17.51 -20.59
C TYR C 393 -27.44 -16.54 -21.08
N PRO C 394 -27.51 -15.32 -20.50
CA PRO C 394 -28.51 -14.34 -20.92
C PRO C 394 -28.10 -13.64 -22.20
N LEU C 395 -27.75 -14.40 -23.24
CA LEU C 395 -27.33 -13.83 -24.52
C LEU C 395 -28.31 -12.84 -25.15
N ASP C 396 -29.60 -13.11 -24.96
CA ASP C 396 -30.66 -12.27 -25.51
C ASP C 396 -30.71 -10.85 -24.96
N HIS C 397 -30.11 -10.64 -23.78
CA HIS C 397 -30.08 -9.31 -23.14
C HIS C 397 -28.83 -8.50 -23.44
N PHE C 398 -27.88 -9.13 -24.11
CA PHE C 398 -26.61 -8.52 -24.45
C PHE C 398 -26.54 -8.34 -25.96
N ASP C 399 -25.86 -7.27 -26.38
CA ASP C 399 -25.66 -6.94 -27.80
C ASP C 399 -25.00 -8.09 -28.56
N LYS C 400 -25.43 -8.22 -29.82
CA LYS C 400 -25.05 -9.21 -30.84
C LYS C 400 -25.17 -10.69 -30.52
N GLU D 14 24.04 -1.35 -36.62
CA GLU D 14 22.71 -1.09 -37.16
C GLU D 14 22.05 0.09 -36.45
N TYR D 15 22.68 0.53 -35.36
CA TYR D 15 22.03 1.46 -34.43
C TYR D 15 22.76 2.79 -34.38
N GLY D 16 23.79 2.94 -35.22
CA GLY D 16 24.61 4.14 -35.22
C GLY D 16 25.77 3.97 -34.25
N GLN D 17 26.41 5.09 -33.90
CA GLN D 17 27.56 5.08 -32.99
C GLN D 17 27.20 4.62 -31.59
N THR D 18 28.07 3.79 -31.03
CA THR D 18 27.91 3.26 -29.69
C THR D 18 29.06 3.68 -28.77
N GLN D 19 28.81 3.52 -27.48
CA GLN D 19 29.78 3.84 -26.44
C GLN D 19 29.68 2.76 -25.37
N LYS D 20 30.81 2.46 -24.72
CA LYS D 20 30.79 1.48 -23.64
C LYS D 20 30.03 2.15 -22.49
N MET D 21 29.00 1.46 -21.99
CA MET D 21 28.20 1.98 -20.88
C MET D 21 27.88 0.87 -19.94
N ASN D 22 27.88 1.17 -18.63
CA ASN D 22 27.47 0.17 -17.65
C ASN D 22 25.94 0.41 -17.52
N LEU D 23 25.26 -0.39 -16.72
CA LEU D 23 23.79 -0.21 -16.58
C LEU D 23 23.31 1.17 -16.15
N PHE D 24 23.92 1.77 -15.13
CA PHE D 24 23.43 3.09 -14.72
C PHE D 24 23.58 4.10 -15.85
N GLN D 25 24.69 4.00 -16.57
CA GLN D 25 24.91 4.89 -17.70
C GLN D 25 23.86 4.67 -18.80
N SER D 26 23.53 3.42 -19.10
CA SER D 26 22.53 3.14 -20.18
C SER D 26 21.16 3.67 -19.79
N VAL D 27 20.87 3.67 -18.48
CA VAL D 27 19.58 4.20 -18.01
C VAL D 27 19.56 5.73 -18.18
N THR D 28 20.66 6.40 -17.81
CA THR D 28 20.71 7.85 -17.98
C THR D 28 20.55 8.19 -19.45
N SER D 29 21.22 7.41 -20.30
CA SER D 29 21.17 7.60 -21.76
C SER D 29 19.74 7.48 -22.27
N ALA D 30 19.03 6.43 -21.84
CA ALA D 30 17.64 6.25 -22.26
C ALA D 30 16.80 7.45 -21.79
N LEU D 31 16.98 7.84 -20.53
CA LEU D 31 16.22 8.98 -19.96
C LEU D 31 16.50 10.27 -20.70
N ASP D 32 17.78 10.51 -20.98
CA ASP D 32 18.23 11.73 -21.71
C ASP D 32 17.58 11.70 -23.10
N ASN D 33 17.69 10.59 -23.82
CA ASN D 33 17.06 10.48 -25.14
C ASN D 33 15.55 10.78 -25.07
N SER D 34 14.89 10.27 -24.02
CA SER D 34 13.43 10.47 -23.84
C SER D 34 13.04 11.90 -23.61
N LEU D 35 13.72 12.58 -22.69
CA LEU D 35 13.38 13.97 -22.44
C LEU D 35 13.71 14.85 -23.64
N ALA D 36 14.72 14.47 -24.40
CA ALA D 36 15.12 15.26 -25.58
C ALA D 36 14.04 15.26 -26.67
N LYS D 37 13.46 14.10 -26.92
CA LYS D 37 12.47 14.02 -27.98
C LYS D 37 11.03 14.13 -27.54
N ASP D 38 10.78 14.20 -26.25
CA ASP D 38 9.41 14.30 -25.75
C ASP D 38 9.32 15.45 -24.77
N PRO D 39 8.90 16.63 -25.23
CA PRO D 39 8.89 17.78 -24.33
C PRO D 39 7.97 17.67 -23.11
N THR D 40 7.02 16.74 -23.12
CA THR D 40 6.10 16.61 -21.99
C THR D 40 6.68 15.76 -20.87
N ALA D 41 7.71 14.98 -21.18
CA ALA D 41 8.32 14.05 -20.21
C ALA D 41 8.94 14.71 -18.98
N VAL D 42 8.67 14.10 -17.83
CA VAL D 42 9.22 14.56 -16.54
C VAL D 42 9.69 13.33 -15.78
N ILE D 43 10.69 13.51 -14.91
CA ILE D 43 11.26 12.43 -14.10
C ILE D 43 11.17 12.89 -12.66
N PHE D 44 10.67 12.06 -11.75
CA PHE D 44 10.53 12.51 -10.37
C PHE D 44 10.55 11.36 -9.40
N GLY D 45 10.82 11.66 -8.13
CA GLY D 45 10.88 10.65 -7.11
C GLY D 45 11.80 11.15 -6.00
N GLU D 46 12.17 10.25 -5.11
CA GLU D 46 13.07 10.61 -4.01
C GLU D 46 14.52 10.76 -4.47
N ASP D 47 15.10 11.92 -4.19
CA ASP D 47 16.52 12.18 -4.48
C ASP D 47 16.97 12.09 -5.94
N VAL D 48 16.04 12.29 -6.86
CA VAL D 48 16.45 12.21 -8.27
C VAL D 48 17.15 13.48 -8.77
N ALA D 49 16.86 14.62 -8.15
CA ALA D 49 17.41 15.93 -8.58
C ALA D 49 18.95 15.97 -8.63
N PHE D 50 19.61 15.51 -7.57
CA PHE D 50 21.10 15.51 -7.55
C PHE D 50 21.73 14.39 -8.38
N GLY D 51 20.92 13.56 -9.00
CA GLY D 51 21.43 12.46 -9.83
C GLY D 51 21.04 11.07 -9.38
N GLY D 52 20.33 10.98 -8.26
CA GLY D 52 19.87 9.68 -7.76
C GLY D 52 20.87 8.93 -6.92
N VAL D 53 20.36 8.06 -6.04
CA VAL D 53 21.23 7.27 -5.14
C VAL D 53 22.08 6.24 -5.88
N PHE D 54 21.68 5.94 -7.11
CA PHE D 54 22.42 5.04 -8.00
C PHE D 54 22.98 5.78 -9.25
N ARG D 55 22.96 7.11 -9.22
CA ARG D 55 23.50 7.95 -10.31
C ARG D 55 22.76 7.92 -11.64
N CYS D 56 21.58 7.29 -11.69
CA CYS D 56 20.83 7.18 -12.95
C CYS D 56 20.28 8.47 -13.53
N THR D 57 20.19 9.53 -12.73
CA THR D 57 19.66 10.80 -13.25
C THR D 57 20.69 11.95 -13.27
N VAL D 58 21.98 11.63 -13.17
CA VAL D 58 23.03 12.63 -13.16
C VAL D 58 22.96 13.50 -14.43
N GLY D 59 23.08 14.82 -14.23
CA GLY D 59 23.09 15.81 -15.31
C GLY D 59 21.76 16.16 -15.95
N LEU D 60 20.73 15.34 -15.68
CA LEU D 60 19.42 15.57 -16.31
C LEU D 60 18.69 16.83 -15.89
N ARG D 61 18.76 17.17 -14.59
CA ARG D 61 18.09 18.39 -14.15
C ARG D 61 18.77 19.63 -14.74
N ASP D 62 20.09 19.62 -14.78
CA ASP D 62 20.81 20.78 -15.34
C ASP D 62 20.53 20.93 -16.84
N LYS D 63 20.37 19.80 -17.53
CA LYS D 63 20.11 19.81 -18.96
C LYS D 63 18.66 20.15 -19.34
N TYR D 64 17.69 19.58 -18.62
CA TYR D 64 16.27 19.78 -18.92
C TYR D 64 15.45 20.70 -18.04
N GLY D 65 15.98 21.08 -16.87
CA GLY D 65 15.30 22.01 -15.97
C GLY D 65 14.67 21.42 -14.73
N LYS D 66 14.63 22.21 -13.68
CA LYS D 66 14.06 21.81 -12.38
C LYS D 66 12.58 21.43 -12.44
N ASP D 67 11.85 21.91 -13.44
CA ASP D 67 10.43 21.57 -13.56
C ASP D 67 10.23 20.22 -14.21
N ARG D 68 11.30 19.66 -14.81
CA ARG D 68 11.25 18.37 -15.51
C ARG D 68 11.97 17.20 -14.82
N VAL D 69 12.87 17.50 -13.90
CA VAL D 69 13.64 16.45 -13.16
C VAL D 69 13.65 16.97 -11.76
N PHE D 70 12.83 16.36 -10.89
CA PHE D 70 12.68 16.90 -9.55
C PHE D 70 12.35 15.94 -8.43
N ASN D 71 12.69 16.35 -7.22
CA ASN D 71 12.41 15.57 -6.01
C ASN D 71 10.97 15.72 -5.53
N THR D 72 10.43 14.63 -4.98
CA THR D 72 9.12 14.61 -4.38
C THR D 72 9.36 14.45 -2.88
N PRO D 73 8.32 14.72 -2.07
CA PRO D 73 8.38 14.25 -0.65
C PRO D 73 8.55 12.73 -0.60
N LEU D 74 8.99 12.26 0.56
CA LEU D 74 9.25 10.87 0.82
C LEU D 74 7.91 10.10 1.04
N CYS D 75 7.28 9.71 -0.07
CA CYS D 75 5.98 9.05 0.02
C CYS D 75 5.67 8.30 -1.27
N GLU D 76 5.90 6.99 -1.24
CA GLU D 76 5.71 6.17 -2.45
C GLU D 76 4.27 6.16 -2.93
N GLN D 77 3.27 6.08 -2.04
CA GLN D 77 1.89 6.10 -2.58
C GLN D 77 1.65 7.42 -3.33
N GLY D 78 2.24 8.49 -2.82
CA GLY D 78 2.13 9.83 -3.45
C GLY D 78 2.84 9.89 -4.79
N ILE D 79 4.03 9.30 -4.86
CA ILE D 79 4.81 9.31 -6.10
C ILE D 79 4.03 8.65 -7.26
N VAL D 80 3.47 7.47 -7.01
CA VAL D 80 2.74 6.78 -8.08
C VAL D 80 1.41 7.45 -8.38
N GLY D 81 0.68 7.90 -7.36
CA GLY D 81 -0.61 8.58 -7.59
C GLY D 81 -0.37 9.84 -8.41
N PHE D 82 0.67 10.57 -8.03
CA PHE D 82 1.08 11.80 -8.72
C PHE D 82 1.44 11.48 -10.18
N GLY D 83 2.22 10.43 -10.40
CA GLY D 83 2.62 10.02 -11.76
C GLY D 83 1.42 9.64 -12.62
N ILE D 84 0.49 8.90 -12.03
CA ILE D 84 -0.73 8.51 -12.73
C ILE D 84 -1.46 9.80 -13.18
N GLY D 85 -1.57 10.77 -12.27
CA GLY D 85 -2.25 12.05 -12.58
C GLY D 85 -1.59 12.81 -13.74
N ILE D 86 -0.26 12.84 -13.76
CA ILE D 86 0.43 13.48 -14.87
C ILE D 86 0.05 12.76 -16.18
N ALA D 87 0.11 11.42 -16.15
CA ALA D 87 -0.18 10.60 -17.32
C ALA D 87 -1.62 10.76 -17.79
N VAL D 88 -2.56 11.01 -16.86
CA VAL D 88 -3.98 11.20 -17.22
C VAL D 88 -4.13 12.37 -18.20
N THR D 89 -3.25 13.36 -18.07
CA THR D 89 -3.27 14.53 -18.96
C THR D 89 -2.54 14.26 -20.31
N GLY D 90 -1.90 13.11 -20.43
CA GLY D 90 -1.20 12.79 -21.67
C GLY D 90 0.29 13.01 -21.64
N ALA D 91 0.81 13.62 -20.57
CA ALA D 91 2.24 13.86 -20.43
C ALA D 91 2.97 12.60 -20.01
N THR D 92 4.22 12.44 -20.45
CA THR D 92 5.01 11.26 -20.10
C THR D 92 5.54 11.43 -18.67
N ALA D 93 5.21 10.47 -17.80
CA ALA D 93 5.61 10.51 -16.38
C ALA D 93 6.54 9.34 -16.07
N ILE D 94 7.78 9.64 -15.71
CA ILE D 94 8.75 8.60 -15.43
C ILE D 94 9.05 8.70 -13.91
N ALA D 95 8.36 7.87 -13.13
CA ALA D 95 8.50 7.89 -11.70
C ALA D 95 9.59 6.96 -11.25
N GLU D 96 10.31 7.33 -10.19
CA GLU D 96 11.32 6.42 -9.68
C GLU D 96 10.90 5.97 -8.28
N ILE D 97 11.05 4.68 -8.00
CA ILE D 97 10.83 4.09 -6.65
C ILE D 97 12.25 3.72 -6.26
N GLN D 98 12.72 4.25 -5.13
CA GLN D 98 14.11 4.12 -4.74
C GLN D 98 14.74 2.74 -4.74
N PHE D 99 14.00 1.75 -4.23
CA PHE D 99 14.37 0.34 -4.17
C PHE D 99 13.04 -0.35 -4.40
N ALA D 100 13.05 -1.44 -5.19
CA ALA D 100 11.83 -2.20 -5.47
C ALA D 100 11.16 -2.62 -4.16
N ASP D 101 11.96 -2.82 -3.11
CA ASP D 101 11.45 -3.20 -1.78
C ASP D 101 10.46 -2.19 -1.21
N TYR D 102 10.55 -0.93 -1.68
CA TYR D 102 9.66 0.13 -1.20
C TYR D 102 8.56 0.45 -2.17
N ILE D 103 8.28 -0.46 -3.09
CA ILE D 103 7.20 -0.19 -4.02
C ILE D 103 5.85 -0.53 -3.38
N PHE D 104 5.84 -1.34 -2.33
CA PHE D 104 4.58 -1.75 -1.71
C PHE D 104 3.60 -0.70 -1.15
N PRO D 105 4.11 0.39 -0.58
CA PRO D 105 3.17 1.44 -0.20
C PRO D 105 2.35 1.95 -1.41
N ALA D 106 2.89 1.80 -2.60
CA ALA D 106 2.18 2.23 -3.82
C ALA D 106 1.41 1.08 -4.47
N PHE D 107 1.38 -0.09 -3.82
CA PHE D 107 0.69 -1.24 -4.43
C PHE D 107 -0.74 -0.98 -4.83
N ASP D 108 -1.49 -0.25 -3.99
CA ASP D 108 -2.90 0.04 -4.26
C ASP D 108 -3.01 0.97 -5.49
N GLN D 109 -2.15 2.01 -5.55
CA GLN D 109 -2.18 2.91 -6.68
C GLN D 109 -1.78 2.15 -7.95
N ILE D 110 -0.87 1.19 -7.84
CA ILE D 110 -0.51 0.45 -9.07
C ILE D 110 -1.61 -0.54 -9.51
N VAL D 111 -2.04 -1.39 -8.56
CA VAL D 111 -3.00 -2.46 -8.85
C VAL D 111 -4.45 -2.01 -9.03
N ASN D 112 -4.94 -1.21 -8.10
CA ASN D 112 -6.33 -0.76 -8.20
C ASN D 112 -6.55 0.43 -9.13
N GLU D 113 -5.51 1.24 -9.28
CA GLU D 113 -5.62 2.45 -10.10
C GLU D 113 -4.97 2.37 -11.47
N ALA D 114 -3.65 2.45 -11.50
CA ALA D 114 -2.92 2.38 -12.78
C ALA D 114 -3.36 1.24 -13.69
N ALA D 115 -3.32 0.01 -13.19
CA ALA D 115 -3.70 -1.13 -14.02
C ALA D 115 -5.10 -1.11 -14.59
N LYS D 116 -6.06 -0.54 -13.83
CA LYS D 116 -7.46 -0.55 -14.26
C LYS D 116 -8.01 0.75 -14.83
N TYR D 117 -7.16 1.75 -14.96
CA TYR D 117 -7.59 3.09 -15.42
C TYR D 117 -8.30 3.13 -16.76
N ARG D 118 -7.71 2.46 -17.73
CA ARG D 118 -8.25 2.46 -19.08
C ARG D 118 -9.51 1.61 -19.16
N TYR D 119 -9.43 0.41 -18.63
CA TYR D 119 -10.55 -0.50 -18.64
C TYR D 119 -11.82 0.08 -18.01
N ARG D 120 -11.69 0.54 -16.77
CA ARG D 120 -12.84 1.03 -16.00
C ARG D 120 -13.52 2.29 -16.51
N SER D 121 -12.82 3.03 -17.37
CA SER D 121 -13.39 4.25 -17.93
C SER D 121 -13.89 4.04 -19.36
N GLY D 122 -13.81 2.80 -19.87
CA GLY D 122 -14.22 2.51 -21.26
C GLY D 122 -13.28 3.25 -22.23
N ASP D 123 -12.03 3.44 -21.81
CA ASP D 123 -11.02 4.15 -22.61
C ASP D 123 -11.28 5.65 -22.73
N LEU D 124 -12.03 6.22 -21.80
CA LEU D 124 -12.25 7.68 -21.78
C LEU D 124 -11.03 8.37 -21.17
N PHE D 125 -10.36 7.67 -20.23
CA PHE D 125 -9.15 8.17 -19.54
C PHE D 125 -8.14 7.02 -19.46
N ASN D 126 -6.86 7.33 -19.34
CA ASN D 126 -5.81 6.31 -19.22
C ASN D 126 -4.58 6.94 -18.60
N CYS D 127 -3.61 6.11 -18.23
CA CYS D 127 -2.35 6.59 -17.67
C CYS D 127 -1.25 5.78 -18.40
N GLY D 128 -1.50 5.54 -19.69
CA GLY D 128 -0.55 4.78 -20.51
C GLY D 128 0.83 5.41 -20.56
N SER D 129 0.90 6.71 -20.40
CA SER D 129 2.19 7.42 -20.44
C SER D 129 3.02 7.41 -19.12
N LEU D 130 2.64 6.53 -18.18
CA LEU D 130 3.36 6.37 -16.93
C LEU D 130 4.36 5.21 -17.00
N THR D 131 5.57 5.42 -16.50
CA THR D 131 6.53 4.34 -16.40
C THR D 131 7.05 4.47 -14.98
N ILE D 132 7.17 3.34 -14.27
CA ILE D 132 7.74 3.37 -12.92
C ILE D 132 9.08 2.60 -13.01
N ARG D 133 10.21 3.25 -12.68
CA ARG D 133 11.47 2.50 -12.74
C ARG D 133 11.99 2.30 -11.32
N SER D 134 12.57 1.14 -11.03
CA SER D 134 13.06 0.87 -9.68
C SER D 134 14.22 -0.11 -9.66
N PRO D 135 15.28 0.19 -8.87
CA PRO D 135 16.34 -0.80 -8.56
C PRO D 135 15.77 -2.10 -8.00
N TRP D 136 16.33 -3.22 -8.47
CA TRP D 136 15.83 -4.55 -8.14
C TRP D 136 16.90 -5.62 -7.93
N GLY D 137 16.51 -6.71 -7.27
CA GLY D 137 17.41 -7.87 -7.07
C GLY D 137 18.46 -7.76 -5.99
N CYS D 138 19.07 -8.90 -5.67
CA CYS D 138 20.09 -8.92 -4.62
C CYS D 138 21.31 -8.10 -4.98
N VAL D 139 22.08 -7.76 -3.97
CA VAL D 139 23.21 -6.90 -4.17
C VAL D 139 24.37 -7.29 -3.25
N GLY D 140 24.32 -8.50 -2.69
CA GLY D 140 25.38 -8.99 -1.82
C GLY D 140 25.24 -8.80 -0.32
N HIS D 141 24.69 -7.65 0.09
CA HIS D 141 24.53 -7.29 1.49
C HIS D 141 23.28 -6.47 1.76
N GLY D 142 22.33 -6.43 0.82
CA GLY D 142 21.10 -5.62 0.96
C GLY D 142 20.08 -6.09 1.99
N ALA D 143 20.17 -7.36 2.37
CA ALA D 143 19.24 -7.95 3.35
C ALA D 143 17.79 -7.90 2.94
N LEU D 144 16.89 -7.81 3.91
CA LEU D 144 15.46 -7.89 3.63
C LEU D 144 14.87 -6.81 2.75
N TYR D 145 15.35 -5.58 2.94
CA TYR D 145 14.76 -4.41 2.25
C TYR D 145 15.54 -3.66 1.18
N HIS D 146 16.64 -4.23 0.71
CA HIS D 146 17.38 -3.62 -0.43
C HIS D 146 17.80 -4.71 -1.42
N SER D 147 17.07 -5.82 -1.39
CA SER D 147 17.35 -6.99 -2.23
C SER D 147 16.17 -7.61 -2.98
N GLN D 148 14.93 -7.21 -2.63
CA GLN D 148 13.74 -7.86 -3.20
C GLN D 148 13.55 -7.84 -4.71
N SER D 149 12.85 -8.88 -5.18
CA SER D 149 12.51 -9.10 -6.60
C SER D 149 10.99 -9.29 -6.63
N PRO D 150 10.22 -8.20 -6.67
CA PRO D 150 8.77 -8.31 -6.47
C PRO D 150 7.93 -8.55 -7.72
N GLU D 151 8.53 -9.00 -8.84
CA GLU D 151 7.77 -9.16 -10.10
C GLU D 151 6.52 -10.07 -10.07
N ALA D 152 6.59 -11.15 -9.31
CA ALA D 152 5.45 -12.08 -9.23
C ALA D 152 4.21 -11.45 -8.57
N PHE D 153 4.43 -10.51 -7.66
CA PHE D 153 3.32 -9.81 -7.03
C PHE D 153 2.60 -9.05 -8.13
N PHE D 154 3.35 -8.42 -9.03
CA PHE D 154 2.72 -7.64 -10.11
C PHE D 154 2.21 -8.45 -11.27
N ALA D 155 2.74 -9.67 -11.42
CA ALA D 155 2.36 -10.57 -12.54
C ALA D 155 0.88 -10.99 -12.51
N HIS D 156 0.28 -10.94 -11.31
CA HIS D 156 -1.13 -11.29 -11.13
C HIS D 156 -2.08 -10.08 -11.33
N CYS D 157 -1.58 -9.00 -11.93
CA CYS D 157 -2.40 -7.80 -12.15
C CYS D 157 -2.53 -7.41 -13.61
N PRO D 158 -3.63 -7.84 -14.24
CA PRO D 158 -3.93 -7.41 -15.60
C PRO D 158 -3.95 -5.87 -15.76
N GLY D 159 -3.34 -5.35 -16.83
CA GLY D 159 -3.37 -3.88 -17.04
C GLY D 159 -2.03 -3.16 -16.96
N ILE D 160 -1.03 -3.84 -16.38
CA ILE D 160 0.34 -3.27 -16.31
C ILE D 160 1.30 -4.21 -17.02
N LYS D 161 2.45 -3.67 -17.43
CA LYS D 161 3.50 -4.48 -18.05
C LYS D 161 4.65 -4.44 -17.03
N VAL D 162 5.40 -5.52 -16.93
CA VAL D 162 6.53 -5.65 -15.97
C VAL D 162 7.70 -6.11 -16.83
N VAL D 163 8.76 -5.29 -16.84
CA VAL D 163 9.95 -5.54 -17.71
C VAL D 163 11.28 -5.50 -16.92
N ILE D 164 12.16 -6.50 -17.17
CA ILE D 164 13.44 -6.64 -16.48
C ILE D 164 14.56 -6.94 -17.54
N PRO D 165 15.55 -6.02 -17.69
CA PRO D 165 16.71 -6.24 -18.59
C PRO D 165 17.84 -7.05 -17.94
N ARG D 166 18.74 -7.57 -18.79
CA ARG D 166 19.87 -8.36 -18.31
C ARG D 166 21.23 -7.68 -18.53
N SER D 167 21.23 -6.55 -19.21
CA SER D 167 22.47 -5.86 -19.55
C SER D 167 22.24 -4.42 -19.91
N PRO D 168 23.33 -3.62 -20.06
CA PRO D 168 23.13 -2.21 -20.48
C PRO D 168 22.47 -2.03 -21.83
N PHE D 169 22.88 -2.79 -22.85
CA PHE D 169 22.24 -2.60 -24.16
C PHE D 169 20.73 -2.92 -24.07
N GLN D 170 20.42 -4.01 -23.37
CA GLN D 170 19.02 -4.43 -23.20
C GLN D 170 18.22 -3.39 -22.41
N ALA D 171 18.83 -2.88 -21.35
CA ALA D 171 18.20 -1.91 -20.49
C ALA D 171 17.78 -0.64 -21.25
N LYS D 172 18.68 -0.07 -22.04
CA LYS D 172 18.30 1.16 -22.72
C LYS D 172 17.15 0.95 -23.69
N GLY D 173 17.23 -0.12 -24.48
CA GLY D 173 16.20 -0.46 -25.49
C GLY D 173 14.86 -0.82 -24.88
N LEU D 174 14.89 -1.58 -23.78
CA LEU D 174 13.65 -2.00 -23.07
C LEU D 174 13.01 -0.83 -22.32
N LEU D 175 13.83 0.02 -21.70
CA LEU D 175 13.33 1.19 -21.00
C LEU D 175 12.69 2.18 -21.97
N LEU D 176 13.29 2.38 -23.16
CA LEU D 176 12.71 3.30 -24.13
C LEU D 176 11.39 2.72 -24.60
N SER D 177 11.34 1.40 -24.77
CA SER D 177 10.08 0.77 -25.15
C SER D 177 9.04 0.97 -24.05
N CYS D 178 9.42 0.82 -22.79
CA CYS D 178 8.45 1.03 -21.70
C CYS D 178 7.94 2.47 -21.69
N ILE D 179 8.85 3.44 -21.76
CA ILE D 179 8.49 4.86 -21.73
C ILE D 179 7.48 5.21 -22.84
N GLU D 180 7.71 4.64 -24.00
CA GLU D 180 6.87 4.89 -25.19
C GLU D 180 5.61 4.03 -25.28
N ASP D 181 5.57 2.93 -24.53
CA ASP D 181 4.43 2.02 -24.56
C ASP D 181 3.20 2.80 -24.06
N LYS D 182 2.03 2.49 -24.63
CA LYS D 182 0.79 3.15 -24.28
C LYS D 182 0.10 2.48 -23.05
N ASN D 183 0.88 1.82 -22.20
CA ASN D 183 0.31 1.16 -21.02
C ASN D 183 1.21 1.42 -19.82
N PRO D 184 0.65 1.51 -18.60
CA PRO D 184 1.56 1.69 -17.43
C PRO D 184 2.58 0.53 -17.32
N CYS D 185 3.86 0.88 -17.21
CA CYS D 185 4.93 -0.09 -17.15
C CYS D 185 5.76 0.03 -15.89
N ILE D 186 6.22 -1.12 -15.40
CA ILE D 186 7.11 -1.14 -14.25
C ILE D 186 8.42 -1.75 -14.83
N PHE D 187 9.50 -0.99 -14.69
CA PHE D 187 10.82 -1.37 -15.20
C PHE D 187 11.77 -1.54 -14.02
N PHE D 188 12.16 -2.79 -13.79
CA PHE D 188 13.06 -3.16 -12.71
C PHE D 188 14.49 -3.26 -13.19
N GLU D 189 15.37 -2.45 -12.61
CA GLU D 189 16.80 -2.40 -12.98
C GLU D 189 17.67 -3.21 -11.99
N PRO D 190 18.27 -4.34 -12.45
CA PRO D 190 19.10 -5.14 -11.51
C PRO D 190 20.25 -4.31 -11.00
N LYS D 191 20.11 -3.88 -9.75
CA LYS D 191 21.09 -2.97 -9.16
C LYS D 191 22.52 -3.47 -9.05
N ILE D 192 22.69 -4.79 -8.96
CA ILE D 192 24.03 -5.34 -8.86
C ILE D 192 24.78 -5.08 -10.18
N LEU D 193 24.04 -4.81 -11.24
CA LEU D 193 24.66 -4.54 -12.53
C LEU D 193 24.96 -3.07 -12.81
N TYR D 194 24.46 -2.17 -11.98
CA TYR D 194 24.65 -0.73 -12.20
C TYR D 194 26.09 -0.31 -12.54
N ARG D 195 27.05 -0.77 -11.74
CA ARG D 195 28.45 -0.44 -11.94
C ARG D 195 29.27 -1.68 -12.29
N ALA D 196 28.63 -2.68 -12.89
CA ALA D 196 29.29 -3.91 -13.29
C ALA D 196 29.92 -3.63 -14.65
N ALA D 197 30.27 -4.69 -15.39
CA ALA D 197 30.92 -4.52 -16.71
C ALA D 197 30.10 -3.65 -17.70
N ALA D 198 30.83 -2.93 -18.53
CA ALA D 198 30.23 -2.07 -19.53
C ALA D 198 30.09 -2.86 -20.82
N GLU D 199 29.22 -2.39 -21.71
CA GLU D 199 29.02 -3.03 -23.00
C GLU D 199 28.69 -1.91 -23.98
N GLU D 200 28.85 -2.16 -25.29
CA GLU D 200 28.54 -1.12 -26.28
C GLU D 200 27.06 -0.82 -26.29
N VAL D 201 26.72 0.46 -26.19
CA VAL D 201 25.33 0.90 -26.18
C VAL D 201 25.19 2.06 -27.15
N PRO D 202 24.28 1.97 -28.14
CA PRO D 202 23.99 3.10 -29.02
C PRO D 202 23.68 4.39 -28.26
N ILE D 203 24.29 5.48 -28.70
CA ILE D 203 24.12 6.79 -28.11
C ILE D 203 22.75 7.36 -28.46
N GLU D 204 22.26 6.97 -29.63
CA GLU D 204 20.96 7.41 -30.12
C GLU D 204 19.85 6.43 -29.65
N PRO D 205 18.60 6.91 -29.59
CA PRO D 205 17.51 6.02 -29.13
C PRO D 205 17.21 4.86 -30.08
N TYR D 206 16.77 3.74 -29.49
CA TYR D 206 16.40 2.53 -30.22
C TYR D 206 15.46 1.77 -29.27
N ASN D 207 14.71 0.83 -29.81
CA ASN D 207 13.78 0.05 -29.02
C ASN D 207 13.99 -1.44 -29.11
N ILE D 208 13.63 -2.11 -28.03
CA ILE D 208 13.66 -3.55 -27.97
C ILE D 208 12.20 -3.85 -27.63
N PRO D 209 11.54 -4.72 -28.42
CA PRO D 209 10.12 -5.00 -28.18
C PRO D 209 9.80 -5.63 -26.84
N LEU D 210 8.65 -5.26 -26.29
CA LEU D 210 8.15 -5.84 -25.03
C LEU D 210 7.42 -7.12 -25.41
N SER D 211 7.23 -8.00 -24.44
CA SER D 211 6.54 -9.30 -24.62
C SER D 211 7.26 -10.20 -25.62
N GLN D 212 8.58 -10.06 -25.67
CA GLN D 212 9.40 -10.86 -26.57
C GLN D 212 10.60 -11.34 -25.81
N ALA D 213 10.71 -12.67 -25.71
CA ALA D 213 11.82 -13.27 -25.03
C ALA D 213 13.00 -13.33 -26.02
N GLU D 214 14.21 -13.56 -25.53
CA GLU D 214 15.34 -13.65 -26.45
C GLU D 214 16.12 -14.95 -26.27
N VAL D 215 16.23 -15.74 -27.34
CA VAL D 215 17.01 -16.98 -27.24
C VAL D 215 18.45 -16.46 -27.44
N ILE D 216 19.24 -16.43 -26.38
CA ILE D 216 20.59 -15.90 -26.53
C ILE D 216 21.61 -16.96 -26.91
N GLN D 217 21.23 -18.22 -26.81
CA GLN D 217 22.09 -19.35 -27.17
C GLN D 217 21.19 -20.52 -27.53
N GLU D 218 21.40 -21.07 -28.72
CA GLU D 218 20.63 -22.22 -29.19
C GLU D 218 21.13 -23.51 -28.56
N GLY D 219 20.20 -24.41 -28.25
CA GLY D 219 20.52 -25.70 -27.64
C GLY D 219 19.49 -26.75 -28.01
N SER D 220 19.82 -28.02 -27.81
CA SER D 220 18.89 -29.10 -28.18
C SER D 220 18.44 -30.03 -27.08
N ASP D 221 19.16 -30.07 -25.96
CA ASP D 221 18.81 -30.99 -24.89
C ASP D 221 17.90 -30.46 -23.77
N VAL D 222 18.02 -29.17 -23.45
CA VAL D 222 17.23 -28.57 -22.37
C VAL D 222 17.08 -27.07 -22.60
N THR D 223 15.97 -26.52 -22.13
CA THR D 223 15.68 -25.10 -22.24
C THR D 223 15.88 -24.49 -20.85
N LEU D 224 16.66 -23.40 -20.79
CA LEU D 224 16.91 -22.72 -19.52
C LEU D 224 16.29 -21.34 -19.64
N VAL D 225 15.49 -20.96 -18.63
CA VAL D 225 14.81 -19.66 -18.67
C VAL D 225 15.07 -18.82 -17.43
N ALA D 226 15.39 -17.55 -17.64
CA ALA D 226 15.62 -16.64 -16.52
C ALA D 226 15.47 -15.20 -16.99
N TRP D 227 15.75 -14.26 -16.09
CA TRP D 227 15.66 -12.85 -16.39
C TRP D 227 16.54 -12.11 -15.38
N GLY D 228 16.86 -10.88 -15.71
CA GLY D 228 17.73 -10.06 -14.87
C GLY D 228 19.13 -10.68 -14.80
N THR D 229 19.79 -10.48 -13.68
CA THR D 229 21.12 -11.02 -13.45
C THR D 229 21.16 -12.55 -13.60
N GLN D 230 20.05 -13.19 -13.29
CA GLN D 230 19.98 -14.65 -13.37
C GLN D 230 20.23 -15.22 -14.78
N VAL D 231 20.08 -14.39 -15.83
CA VAL D 231 20.36 -14.88 -17.18
C VAL D 231 21.88 -15.22 -17.24
N HIS D 232 22.70 -14.40 -16.59
CA HIS D 232 24.16 -14.64 -16.58
C HIS D 232 24.49 -15.94 -15.84
N VAL D 233 23.70 -16.24 -14.80
CA VAL D 233 23.89 -17.47 -14.06
C VAL D 233 23.59 -18.68 -14.96
N ILE D 234 22.46 -18.66 -15.66
CA ILE D 234 22.10 -19.79 -16.55
C ILE D 234 23.00 -19.92 -17.79
N ARG D 235 23.65 -18.82 -18.19
CA ARG D 235 24.60 -18.86 -19.31
C ARG D 235 25.80 -19.69 -18.82
N GLU D 236 26.23 -19.43 -17.58
CA GLU D 236 27.33 -20.18 -16.97
C GLU D 236 26.96 -21.66 -16.75
N VAL D 237 25.70 -21.90 -16.36
CA VAL D 237 25.20 -23.25 -16.16
C VAL D 237 25.26 -24.00 -17.51
N ALA D 238 24.91 -23.32 -18.60
CA ALA D 238 24.94 -23.95 -19.95
C ALA D 238 26.38 -24.36 -20.30
N SER D 239 27.33 -23.51 -19.93
CA SER D 239 28.74 -23.75 -20.16
C SER D 239 29.20 -24.97 -19.33
N MET D 240 28.79 -25.00 -18.06
CA MET D 240 29.12 -26.10 -17.16
C MET D 240 28.53 -27.42 -17.64
N ALA D 241 27.29 -27.39 -18.12
CA ALA D 241 26.62 -28.59 -18.61
C ALA D 241 27.25 -29.14 -19.90
N LYS D 242 27.74 -28.25 -20.74
CA LYS D 242 28.38 -28.67 -21.98
C LYS D 242 29.68 -29.39 -21.62
N GLU D 243 30.50 -28.74 -20.80
CA GLU D 243 31.78 -29.29 -20.37
C GLU D 243 31.75 -30.53 -19.48
N LYS D 244 30.84 -30.55 -18.51
CA LYS D 244 30.79 -31.68 -17.58
C LYS D 244 29.89 -32.86 -17.98
N LEU D 245 28.85 -32.59 -18.77
CA LEU D 245 27.91 -33.63 -19.15
C LEU D 245 27.69 -33.76 -20.64
N GLY D 246 28.21 -32.82 -21.42
CA GLY D 246 28.01 -32.84 -22.87
C GLY D 246 26.55 -32.59 -23.22
N VAL D 247 25.91 -31.73 -22.42
CA VAL D 247 24.50 -31.37 -22.61
C VAL D 247 24.44 -30.01 -23.29
N SER D 248 23.58 -29.92 -24.31
CA SER D 248 23.39 -28.70 -25.08
C SER D 248 22.16 -27.94 -24.58
N CYS D 249 22.40 -26.78 -23.97
CA CYS D 249 21.35 -25.94 -23.39
C CYS D 249 20.98 -24.74 -24.25
N GLU D 250 19.68 -24.48 -24.37
CA GLU D 250 19.14 -23.34 -25.08
C GLU D 250 18.90 -22.35 -23.93
N VAL D 251 19.54 -21.20 -23.99
CA VAL D 251 19.45 -20.19 -22.93
C VAL D 251 18.50 -19.09 -23.36
N ILE D 252 17.44 -18.87 -22.56
CA ILE D 252 16.47 -17.83 -22.91
C ILE D 252 16.27 -16.74 -21.86
N ASP D 253 16.31 -15.49 -22.33
CA ASP D 253 16.07 -14.32 -21.48
C ASP D 253 14.60 -13.96 -21.71
N LEU D 254 13.78 -14.12 -20.67
CA LEU D 254 12.34 -13.81 -20.80
C LEU D 254 12.06 -12.34 -21.10
N ARG D 255 12.83 -11.46 -20.44
CA ARG D 255 12.73 -9.99 -20.57
C ARG D 255 11.43 -9.34 -20.04
N THR D 256 10.28 -9.76 -20.58
CA THR D 256 9.00 -9.22 -20.14
C THR D 256 8.28 -10.30 -19.33
N ILE D 257 7.96 -9.94 -18.08
CA ILE D 257 7.26 -10.82 -17.13
C ILE D 257 5.80 -10.90 -17.52
N ILE D 258 5.18 -9.76 -17.74
CA ILE D 258 3.78 -9.67 -18.22
C ILE D 258 3.61 -8.48 -19.17
N PRO D 259 2.89 -8.69 -20.30
CA PRO D 259 2.47 -10.00 -20.88
C PRO D 259 3.68 -10.80 -21.38
N TRP D 260 3.81 -12.06 -20.99
CA TRP D 260 5.00 -12.83 -21.40
C TRP D 260 4.91 -13.55 -22.76
N ASP D 261 6.10 -13.82 -23.30
CA ASP D 261 6.25 -14.49 -24.60
C ASP D 261 6.14 -16.01 -24.44
N VAL D 262 4.88 -16.45 -24.31
CA VAL D 262 4.53 -17.84 -24.15
C VAL D 262 5.04 -18.65 -25.36
N ASP D 263 4.83 -18.13 -26.56
CA ASP D 263 5.24 -18.80 -27.81
C ASP D 263 6.73 -19.16 -27.90
N THR D 264 7.61 -18.19 -27.67
CA THR D 264 9.04 -18.47 -27.74
C THR D 264 9.45 -19.56 -26.77
N ILE D 265 8.91 -19.52 -25.55
CA ILE D 265 9.27 -20.54 -24.55
C ILE D 265 8.76 -21.93 -24.94
N CYS D 266 7.51 -22.00 -25.38
CA CYS D 266 6.90 -23.29 -25.77
C CYS D 266 7.60 -23.89 -26.99
N LYS D 267 7.89 -23.05 -27.99
CA LYS D 267 8.59 -23.51 -29.19
C LYS D 267 9.93 -24.18 -28.82
N SER D 268 10.63 -23.60 -27.85
CA SER D 268 11.91 -24.14 -27.40
C SER D 268 11.76 -25.47 -26.67
N VAL D 269 10.78 -25.55 -25.78
CA VAL D 269 10.55 -26.77 -25.00
C VAL D 269 10.05 -27.90 -25.92
N ILE D 270 9.29 -27.56 -26.95
CA ILE D 270 8.80 -28.54 -27.92
C ILE D 270 10.04 -29.23 -28.57
N LYS D 271 11.04 -28.42 -28.90
CA LYS D 271 12.28 -28.91 -29.48
C LYS D 271 13.14 -29.70 -28.48
N THR D 272 13.39 -29.12 -27.30
CA THR D 272 14.24 -29.75 -26.28
C THR D 272 13.63 -30.83 -25.39
N GLY D 273 12.35 -30.68 -25.05
CA GLY D 273 11.66 -31.65 -24.19
C GLY D 273 11.92 -31.52 -22.70
N ARG D 274 12.77 -30.58 -22.30
CA ARG D 274 13.11 -30.36 -20.88
C ARG D 274 13.18 -28.86 -20.56
N LEU D 275 12.78 -28.48 -19.35
CA LEU D 275 12.79 -27.07 -18.96
C LEU D 275 13.17 -26.83 -17.51
N LEU D 276 14.04 -25.85 -17.30
CA LEU D 276 14.46 -25.42 -15.99
C LEU D 276 14.31 -23.89 -15.99
N ILE D 277 13.61 -23.36 -14.98
CA ILE D 277 13.37 -21.93 -14.87
C ILE D 277 14.01 -21.56 -13.55
N SER D 278 14.68 -20.42 -13.53
CA SER D 278 15.33 -19.98 -12.30
C SER D 278 15.09 -18.50 -12.01
N HIS D 279 14.92 -18.14 -10.73
CA HIS D 279 14.74 -16.74 -10.34
C HIS D 279 15.14 -16.51 -8.90
N GLU D 280 15.69 -15.33 -8.59
CA GLU D 280 16.11 -15.00 -7.22
C GLU D 280 14.93 -14.93 -6.29
N ALA D 281 13.77 -14.55 -6.80
CA ALA D 281 12.57 -14.45 -5.96
C ALA D 281 12.20 -15.81 -5.34
N PRO D 282 11.51 -15.78 -4.17
CA PRO D 282 11.07 -17.04 -3.58
C PRO D 282 10.29 -17.95 -4.52
N LEU D 283 10.45 -19.24 -4.32
CA LEU D 283 9.77 -20.24 -5.11
C LEU D 283 8.23 -20.15 -5.12
N THR D 284 7.61 -20.24 -3.94
CA THR D 284 6.14 -20.25 -3.84
C THR D 284 5.48 -18.98 -4.35
N GLY D 285 4.64 -19.15 -5.38
CA GLY D 285 3.96 -18.02 -5.98
C GLY D 285 4.87 -17.17 -6.86
N GLY D 286 6.12 -17.65 -7.04
CA GLY D 286 7.11 -16.96 -7.89
C GLY D 286 6.65 -17.06 -9.33
N PHE D 287 7.22 -16.27 -10.24
CA PHE D 287 6.76 -16.32 -11.62
C PHE D 287 7.07 -17.60 -12.38
N ALA D 288 8.10 -18.34 -11.94
CA ALA D 288 8.43 -19.64 -12.56
C ALA D 288 7.20 -20.58 -12.51
N SER D 289 6.37 -20.46 -11.47
CA SER D 289 5.17 -21.32 -11.39
C SER D 289 4.22 -21.06 -12.58
N GLU D 290 4.06 -19.81 -13.00
CA GLU D 290 3.17 -19.52 -14.13
C GLU D 290 3.74 -20.07 -15.43
N ILE D 291 5.06 -19.94 -15.61
CA ILE D 291 5.72 -20.45 -16.83
C ILE D 291 5.62 -21.97 -16.86
N SER D 292 5.94 -22.61 -15.74
CA SER D 292 5.91 -24.07 -15.63
C SER D 292 4.52 -24.65 -15.94
N SER D 293 3.49 -24.05 -15.33
N SER D 293 3.49 -24.08 -15.32
CA SER D 293 2.11 -24.48 -15.52
CA SER D 293 2.12 -24.56 -15.52
C SER D 293 1.68 -24.36 -16.96
C SER D 293 1.65 -24.37 -16.96
N THR D 294 2.02 -23.24 -17.58
CA THR D 294 1.66 -22.96 -18.96
C THR D 294 2.40 -23.92 -19.93
N VAL D 295 3.68 -24.12 -19.70
CA VAL D 295 4.46 -25.01 -20.56
C VAL D 295 3.95 -26.46 -20.46
N GLN D 296 3.62 -26.88 -19.25
CA GLN D 296 3.09 -28.23 -19.06
C GLN D 296 1.75 -28.42 -19.80
N GLU D 297 0.95 -27.36 -19.83
CA GLU D 297 -0.34 -27.35 -20.50
C GLU D 297 -0.16 -27.39 -22.01
N GLU D 298 0.83 -26.67 -22.53
CA GLU D 298 1.05 -26.60 -23.98
C GLU D 298 1.99 -27.62 -24.60
N CYS D 299 2.89 -28.17 -23.80
CA CYS D 299 3.91 -29.07 -24.31
C CYS D 299 3.90 -30.42 -23.64
N PHE D 300 2.74 -30.82 -23.10
CA PHE D 300 2.60 -32.10 -22.40
C PHE D 300 3.20 -33.29 -23.17
N LEU D 301 2.88 -33.37 -24.45
CA LEU D 301 3.37 -34.45 -25.30
C LEU D 301 4.89 -34.43 -25.49
N ASN D 302 5.49 -33.25 -25.35
CA ASN D 302 6.93 -33.06 -25.57
C ASN D 302 7.85 -33.17 -24.38
N LEU D 303 7.31 -33.00 -23.17
CA LEU D 303 8.09 -33.06 -21.93
C LEU D 303 8.59 -34.43 -21.51
N GLU D 304 9.90 -34.56 -21.41
CA GLU D 304 10.54 -35.82 -21.04
C GLU D 304 10.79 -35.92 -19.54
N ALA D 305 10.71 -34.80 -18.84
CA ALA D 305 10.98 -34.81 -17.42
C ALA D 305 10.13 -33.77 -16.72
N PRO D 306 10.06 -33.86 -15.37
CA PRO D 306 9.33 -32.80 -14.67
C PRO D 306 10.08 -31.48 -14.84
N ILE D 307 9.33 -30.38 -14.96
CA ILE D 307 9.92 -29.05 -15.10
C ILE D 307 10.57 -28.66 -13.78
N SER D 308 11.78 -28.14 -13.88
CA SER D 308 12.53 -27.73 -12.71
C SER D 308 12.44 -26.21 -12.46
N ARG D 309 12.33 -25.85 -11.19
CA ARG D 309 12.30 -24.46 -10.75
C ARG D 309 13.40 -24.33 -9.70
N VAL D 310 14.40 -23.49 -9.96
CA VAL D 310 15.47 -23.29 -8.98
C VAL D 310 15.38 -21.82 -8.60
N CYS D 311 14.86 -21.55 -7.41
CA CYS D 311 14.63 -20.19 -6.95
C CYS D 311 15.14 -19.94 -5.56
N GLY D 312 14.94 -18.71 -5.11
CA GLY D 312 15.30 -18.37 -3.73
C GLY D 312 14.34 -19.17 -2.86
N TYR D 313 14.71 -19.39 -1.60
CA TYR D 313 13.87 -20.13 -0.65
C TYR D 313 12.71 -19.25 -0.18
N ASP D 314 11.71 -19.90 0.39
CA ASP D 314 10.50 -19.21 0.90
C ASP D 314 10.77 -18.62 2.26
N THR D 315 11.64 -17.62 2.26
CA THR D 315 12.03 -16.88 3.45
C THR D 315 12.15 -15.44 3.01
N PRO D 316 12.24 -14.50 3.95
CA PRO D 316 12.73 -13.15 3.65
C PRO D 316 14.20 -13.16 3.21
N PHE D 317 14.65 -12.09 2.55
CA PHE D 317 16.00 -12.06 2.01
C PHE D 317 17.03 -11.70 3.07
N PRO D 318 17.88 -12.66 3.47
CA PRO D 318 18.76 -12.48 4.64
C PRO D 318 20.03 -11.70 4.38
N HIS D 319 20.57 -11.13 5.47
CA HIS D 319 21.81 -10.39 5.42
C HIS D 319 23.02 -11.35 5.34
N ILE D 320 23.44 -11.87 6.49
CA ILE D 320 24.64 -12.72 6.53
C ILE D 320 24.57 -14.01 5.71
N PHE D 321 23.37 -14.52 5.52
CA PHE D 321 23.16 -15.76 4.77
C PHE D 321 22.99 -15.65 3.27
N GLU D 322 23.09 -14.44 2.69
CA GLU D 322 22.91 -14.29 1.25
C GLU D 322 23.62 -15.36 0.38
N PRO D 323 24.91 -15.66 0.66
CA PRO D 323 25.58 -16.69 -0.20
C PRO D 323 24.87 -18.05 -0.24
N PHE D 324 24.12 -18.39 0.84
CA PHE D 324 23.40 -19.65 0.94
C PHE D 324 21.97 -19.57 0.43
N TYR D 325 21.46 -18.36 0.29
CA TYR D 325 20.08 -18.16 -0.17
C TYR D 325 19.86 -18.20 -1.68
N ILE D 326 20.73 -17.52 -2.42
CA ILE D 326 20.62 -17.36 -3.86
C ILE D 326 20.69 -18.65 -4.67
N PRO D 327 19.88 -18.74 -5.74
CA PRO D 327 19.88 -19.90 -6.66
C PRO D 327 21.10 -19.83 -7.59
N ASP D 328 22.28 -20.02 -7.04
CA ASP D 328 23.53 -19.90 -7.79
C ASP D 328 23.74 -20.95 -8.88
N LYS D 329 24.87 -20.84 -9.59
CA LYS D 329 25.17 -21.77 -10.67
C LYS D 329 25.27 -23.22 -10.22
N TRP D 330 25.75 -23.45 -9.00
CA TRP D 330 25.89 -24.82 -8.48
C TRP D 330 24.51 -25.44 -8.22
N LYS D 331 23.61 -24.66 -7.65
CA LYS D 331 22.25 -25.13 -7.38
C LYS D 331 21.55 -25.43 -8.69
N CYS D 332 21.69 -24.53 -9.66
CA CYS D 332 21.06 -24.69 -10.97
C CYS D 332 21.66 -25.86 -11.73
N TYR D 333 22.99 -25.96 -11.67
CA TYR D 333 23.68 -27.04 -12.35
C TYR D 333 23.23 -28.39 -11.78
N ASP D 334 23.23 -28.52 -10.46
CA ASP D 334 22.82 -29.77 -9.82
C ASP D 334 21.40 -30.21 -10.24
N ALA D 335 20.46 -29.25 -10.25
CA ALA D 335 19.09 -29.51 -10.63
C ALA D 335 19.02 -29.95 -12.08
N LEU D 336 19.85 -29.33 -12.92
CA LEU D 336 19.90 -29.66 -14.34
C LEU D 336 20.42 -31.09 -14.55
N ARG D 337 21.46 -31.45 -13.80
CA ARG D 337 22.07 -32.79 -13.87
C ARG D 337 21.01 -33.85 -13.53
N LYS D 338 20.26 -33.61 -12.46
CA LYS D 338 19.19 -34.51 -12.03
C LYS D 338 18.06 -34.59 -13.05
N MET D 339 17.70 -33.46 -13.66
CA MET D 339 16.63 -33.44 -14.66
C MET D 339 17.05 -34.19 -15.93
N ILE D 340 18.32 -34.05 -16.32
CA ILE D 340 18.86 -34.74 -17.51
C ILE D 340 18.90 -36.25 -17.28
N ASN D 341 19.24 -36.68 -16.05
CA ASN D 341 19.31 -38.10 -15.70
C ASN D 341 17.96 -38.72 -15.40
N TYR D 342 16.90 -37.93 -15.48
CA TYR D 342 15.56 -38.44 -15.19
C TYR D 342 15.10 -39.40 -16.29
N GLY D 343 14.72 -40.56 -16.01
MN MN E . 16.01 13.99 8.00
K K F . 10.47 1.12 10.14
O2B THV G . 18.03 9.78 7.62
PB THV G . 17.24 10.83 8.51
O3B THV G . 17.47 12.30 7.97
O1B THV G . 17.62 10.58 9.94
O3A THV G . 15.64 10.41 8.32
PA THV G . 14.55 10.98 7.30
O1A THV G . 13.31 10.24 7.67
O2A THV G . 14.50 12.44 7.30
O5G THV G . 15.09 10.53 5.86
C5B THV G . 15.02 9.17 5.47
C5A THV G . 15.81 9.00 4.18
C5 THV G . 15.94 7.53 3.74
C4 THV G . 15.41 6.87 2.61
C4A THV G . 14.52 7.62 1.56
S1 THV G . 16.84 6.35 4.63
C2 THV G . 16.51 5.04 3.49
C8 THV G . 17.05 3.56 3.63
O9 THV G . 16.77 2.69 2.79
C9 THV G . 17.94 3.18 4.85
C10 THV G . 17.11 2.41 5.92
C11 THV G . 19.16 2.35 4.42
N3 THV G . 15.72 5.55 2.50
C35 THV G . 15.17 4.75 1.41
C5' THV G . 13.65 4.37 1.75
C6' THV G . 12.60 4.83 0.93
N1' THV G . 11.29 4.58 1.14
C2' THV G . 10.88 3.83 2.18
C2A THV G . 9.42 3.50 2.44
N3' THV G . 11.84 3.35 3.05
C4' THV G . 13.19 3.59 2.86
N4' THV G . 14.01 3.03 3.73
K K H . -2.85 -15.26 14.31
C1 GOL I . 6.18 -26.55 -3.42
O1 GOL I . 6.52 -26.48 -4.79
C2 GOL I . 5.63 -25.20 -2.94
O2 GOL I . 4.38 -24.89 -3.52
C3 GOL I . 5.50 -25.15 -1.43
O3 GOL I . 4.86 -23.94 -1.10
MN MN J . -18.80 11.56 5.08
K K K . -11.31 7.03 -6.00
O2B THV L . -20.09 8.53 1.78
PB THV L . -19.50 9.94 2.15
O3B THV L . -19.93 10.35 3.60
O1B THV L . -19.94 10.94 1.14
O3A THV L . -17.85 9.85 2.07
PA THV L . -16.80 9.61 3.26
O1A THV L . -15.48 9.67 2.60
O2A THV L . -17.02 10.44 4.46
O5G THV L . -17.14 8.09 3.62
C5B THV L . -16.69 6.98 2.80
C5A THV L . -17.38 5.71 3.37
C5 THV L . -17.18 4.51 2.43
C4 THV L . -16.42 3.36 2.59
C4A THV L . -15.62 3.11 3.89
S1 THV L . -17.89 4.41 0.88
C2 THV L . -17.22 2.87 0.49
C8 THV L . -17.47 2.13 -0.85
O9 THV L . -16.94 1.02 -1.06
C9 THV L . -18.41 2.77 -1.91
C10 THV L . -17.61 3.25 -3.15
C11 THV L . -19.50 1.76 -2.32
N3 THV L . -16.45 2.49 1.53
C35 THV L . -15.66 1.24 1.54
C5' THV L . -14.17 1.56 1.22
C6' THV L . -13.18 1.29 2.19
N1' THV L . -11.87 1.51 1.97
C2' THV L . -11.43 2.01 0.80
C2A THV L . -9.94 2.28 0.53
N3' THV L . -12.34 2.31 -0.18
C4' THV L . -13.69 2.08 0.00
N4' THV L . -14.51 2.39 -1.00
K K M . 4.30 3.53 -20.47
C1 GOL N . -1.05 -18.53 -20.19
O1 GOL N . -1.27 -19.72 -19.44
C2 GOL N . -0.76 -17.36 -19.25
O2 GOL N . 0.44 -17.61 -18.52
C3 GOL N . -0.65 -16.08 -20.07
O3 GOL N . -0.43 -14.94 -19.26
C1 GOL O . 1.65 -14.82 -27.01
O1 GOL O . 1.31 -16.19 -26.79
C2 GOL O . 3.12 -14.50 -26.74
O2 GOL O . 3.97 -15.58 -27.02
C3 GOL O . 3.53 -13.31 -27.60
O3 GOL O . 3.90 -12.22 -26.76
#